data_4W7P
#
_entry.id   4W7P
#
_cell.length_a   61.545
_cell.length_b   179.659
_cell.length_c   89.269
_cell.angle_alpha   90.000
_cell.angle_beta   104.590
_cell.angle_gamma   90.000
#
_symmetry.space_group_name_H-M   'P 1 21 1'
#
loop_
_entity.id
_entity.type
_entity.pdbx_description
1 polymer 'Rho-associated protein kinase 1'
2 non-polymer N~1~-[2-(1H-indazol-5-yl)pyrido[3,4-d]pyrimidin-4-yl]-2-methylpropane-1,2-diamine
3 water water
#
_entity_poly.entity_id   1
_entity_poly.type   'polypeptide(L)'
_entity_poly.pdbx_seq_one_letter_code
;GASTGDSFETRFEKMDNLLRDPKSEVNSDCLLDGLDALVYDLDFPALRKNKNIDNFLSRYKDTINKIRDLRMKAEDYEVV
KVIGRGAFGEVQLVRHKSTRKVYAMKLLSKFEMIKRSDSAFFWEERDIMAFANSPWVVQLFYAFQDDRYLYMVMEYMPGG
DLVNLMSNYDVPEKWARFYTAEVVLALDAIHSMGFIHRDVKPDNMLLDKSGHLKLADFGTCMKMNKEGMVRCDTAVGTPD
YISPEVLKSQGGDGYYGRECDWWSVGVFLYEMLVGDTPFYADSLVGTYSKIMNHKNSLTFPDDNDISKEAKNLICAFLTD
REVRLGRNGVEEIKRHLFFKNDQWAWETLRDTVAPVVPDLSSDIDTSNFDDLEEDKGEEETFPIPKAFVGNQLPFVGFTY
YSNRRYLSSAN
;
_entity_poly.pdbx_strand_id   A,B,C,D
#
loop_
_chem_comp.id
_chem_comp.type
_chem_comp.name
_chem_comp.formula
3J7 non-polymer N~1~-[2-(1H-indazol-5-yl)pyrido[3,4-d]pyrimidin-4-yl]-2-methylpropane-1,2-diamine 'C18 H19 N7'
#
# COMPACT_ATOMS: atom_id res chain seq x y z
N SER A 7 -23.94 0.21 11.93
CA SER A 7 -22.75 -0.33 12.59
C SER A 7 -21.56 0.64 12.57
N PHE A 8 -20.83 0.68 13.69
CA PHE A 8 -19.70 1.56 13.95
C PHE A 8 -18.58 1.65 12.90
N GLU A 9 -17.83 0.55 12.67
CA GLU A 9 -16.77 0.63 11.67
C GLU A 9 -17.25 0.54 10.25
N THR A 10 -18.49 0.06 10.05
CA THR A 10 -19.15 0.03 8.73
C THR A 10 -19.21 1.48 8.21
N ARG A 11 -19.66 2.39 9.08
CA ARG A 11 -19.77 3.82 8.80
C ARG A 11 -18.45 4.44 8.34
N PHE A 12 -17.33 4.14 9.05
CA PHE A 12 -15.99 4.61 8.67
C PHE A 12 -15.54 4.04 7.31
N GLU A 13 -15.85 2.74 7.06
CA GLU A 13 -15.53 2.06 5.79
C GLU A 13 -16.29 2.70 4.66
N LYS A 14 -17.63 2.94 4.84
CA LYS A 14 -18.50 3.58 3.85
C LYS A 14 -17.99 4.99 3.51
N MET A 15 -17.53 5.71 4.56
CA MET A 15 -16.95 7.04 4.44
C MET A 15 -15.62 6.97 3.70
N ASP A 16 -14.77 5.98 4.01
CA ASP A 16 -13.47 5.76 3.36
C ASP A 16 -13.63 5.51 1.87
N ASN A 17 -14.68 4.78 1.49
CA ASN A 17 -14.98 4.49 0.08
C ASN A 17 -15.49 5.76 -0.58
N LEU A 18 -16.17 6.66 0.21
CA LEU A 18 -16.68 7.95 -0.26
C LEU A 18 -15.49 8.84 -0.64
N LEU A 19 -14.38 8.74 0.12
CA LEU A 19 -13.13 9.43 -0.12
C LEU A 19 -12.27 8.81 -1.22
N ARG A 20 -12.39 7.46 -1.42
CA ARG A 20 -11.68 6.64 -2.42
C ARG A 20 -12.17 6.88 -3.89
N ASP A 21 -13.46 6.60 -4.14
CA ASP A 21 -14.21 6.68 -5.40
C ASP A 21 -13.90 7.88 -6.36
N PRO A 22 -13.26 7.68 -7.56
CA PRO A 22 -13.03 8.80 -8.51
C PRO A 22 -14.30 9.45 -9.05
N LYS A 23 -15.41 8.67 -9.05
CA LYS A 23 -16.72 9.13 -9.51
C LYS A 23 -17.56 9.77 -8.38
N SER A 24 -17.04 9.72 -7.13
CA SER A 24 -17.68 10.32 -5.95
C SER A 24 -17.56 11.85 -5.95
N GLU A 25 -18.59 12.52 -5.42
CA GLU A 25 -18.62 14.00 -5.35
C GLU A 25 -17.85 14.49 -4.13
N VAL A 26 -17.66 13.60 -3.13
CA VAL A 26 -16.95 13.86 -1.88
C VAL A 26 -15.66 13.04 -1.72
N ASN A 27 -14.91 12.87 -2.79
CA ASN A 27 -13.64 12.19 -2.66
C ASN A 27 -12.59 13.21 -2.18
N SER A 28 -11.41 12.76 -1.78
CA SER A 28 -10.38 13.65 -1.25
C SER A 28 -10.09 14.89 -2.12
N ASP A 29 -10.04 14.73 -3.48
CA ASP A 29 -9.81 15.84 -4.43
C ASP A 29 -10.98 16.81 -4.53
N CYS A 30 -12.21 16.30 -4.35
CA CYS A 30 -13.44 17.13 -4.33
C CYS A 30 -13.48 17.97 -3.08
N LEU A 31 -12.98 17.42 -1.97
CA LEU A 31 -12.91 18.06 -0.66
C LEU A 31 -11.79 19.10 -0.63
N LEU A 32 -10.68 18.82 -1.30
CA LEU A 32 -9.59 19.78 -1.43
C LEU A 32 -10.05 20.94 -2.33
N ASP A 33 -10.94 20.63 -3.30
CA ASP A 33 -11.54 21.62 -4.20
C ASP A 33 -12.33 22.63 -3.35
N GLY A 34 -13.14 22.12 -2.42
CA GLY A 34 -13.98 22.89 -1.51
C GLY A 34 -13.20 23.87 -0.69
N LEU A 35 -12.10 23.42 -0.05
CA LEU A 35 -11.27 24.27 0.79
C LEU A 35 -10.66 25.35 -0.03
N ASP A 36 -10.13 24.98 -1.20
CA ASP A 36 -9.47 25.89 -2.15
C ASP A 36 -10.44 26.96 -2.63
N ALA A 37 -11.66 26.54 -3.00
CA ALA A 37 -12.73 27.43 -3.47
C ALA A 37 -13.07 28.41 -2.36
N LEU A 38 -13.37 27.89 -1.15
CA LEU A 38 -13.70 28.67 0.04
C LEU A 38 -12.66 29.76 0.32
N VAL A 39 -11.36 29.43 0.25
CA VAL A 39 -10.24 30.37 0.47
C VAL A 39 -10.21 31.49 -0.58
N TYR A 40 -10.33 31.13 -1.88
CA TYR A 40 -10.34 32.09 -2.99
C TYR A 40 -11.57 33.04 -2.90
N ASP A 41 -12.73 32.45 -2.53
CA ASP A 41 -14.04 33.07 -2.35
C ASP A 41 -14.19 33.95 -1.13
N LEU A 42 -13.24 33.86 -0.18
CA LEU A 42 -13.25 34.65 1.05
C LEU A 42 -12.09 35.65 1.13
N ASP A 43 -10.96 35.39 0.44
CA ASP A 43 -9.80 36.28 0.55
C ASP A 43 -9.91 37.60 -0.22
N PHE A 44 -10.73 38.52 0.31
CA PHE A 44 -10.96 39.86 -0.22
C PHE A 44 -11.04 40.83 0.95
N PRO A 45 -10.42 42.02 0.84
CA PRO A 45 -10.39 42.96 1.99
C PRO A 45 -11.72 43.30 2.67
N ALA A 46 -12.81 43.42 1.87
CA ALA A 46 -14.15 43.73 2.33
C ALA A 46 -14.70 42.62 3.23
N LEU A 47 -14.49 41.35 2.83
CA LEU A 47 -14.93 40.16 3.58
C LEU A 47 -14.07 39.92 4.82
N ARG A 48 -12.80 40.33 4.77
CA ARG A 48 -11.88 40.16 5.88
C ARG A 48 -12.18 41.08 7.07
N LYS A 49 -13.17 41.98 6.90
CA LYS A 49 -13.65 42.86 7.98
C LYS A 49 -14.49 42.01 8.94
N ASN A 50 -14.92 40.80 8.47
CA ASN A 50 -15.67 39.81 9.21
C ASN A 50 -14.63 38.98 9.94
N LYS A 51 -14.69 39.00 11.30
CA LYS A 51 -13.75 38.28 12.15
C LYS A 51 -13.68 36.80 11.85
N ASN A 52 -14.85 36.14 11.65
CA ASN A 52 -14.94 34.72 11.33
C ASN A 52 -14.12 34.40 10.08
N ILE A 53 -14.33 35.19 9.02
CA ILE A 53 -13.63 35.03 7.75
C ILE A 53 -12.13 35.36 7.90
N ASP A 54 -11.81 36.50 8.54
CA ASP A 54 -10.43 36.91 8.75
C ASP A 54 -9.59 35.85 9.49
N ASN A 55 -10.08 35.40 10.67
CA ASN A 55 -9.39 34.40 11.50
C ASN A 55 -9.16 33.08 10.79
N PHE A 56 -10.19 32.59 10.06
CA PHE A 56 -10.17 31.34 9.28
C PHE A 56 -9.07 31.40 8.24
N LEU A 57 -8.99 32.50 7.49
CA LEU A 57 -7.98 32.70 6.45
C LEU A 57 -6.58 32.76 7.03
N SER A 58 -6.41 33.39 8.21
CA SER A 58 -5.13 33.49 8.91
C SER A 58 -4.69 32.07 9.32
N ARG A 59 -5.61 31.31 9.94
CA ARG A 59 -5.44 29.94 10.39
C ARG A 59 -5.02 28.99 9.29
N TYR A 60 -5.60 29.13 8.08
CA TYR A 60 -5.35 28.29 6.92
C TYR A 60 -4.36 28.79 5.88
N LYS A 61 -3.78 29.99 6.06
CA LYS A 61 -2.83 30.60 5.13
C LYS A 61 -1.71 29.65 4.71
N ASP A 62 -0.90 29.17 5.67
CA ASP A 62 0.23 28.27 5.45
C ASP A 62 -0.16 26.94 4.79
N THR A 63 -1.21 26.31 5.34
CA THR A 63 -1.76 25.04 4.87
C THR A 63 -2.29 25.11 3.44
N ILE A 64 -2.96 26.21 3.07
CA ILE A 64 -3.49 26.41 1.71
C ILE A 64 -2.37 26.63 0.69
N ASN A 65 -1.29 27.34 1.08
CA ASN A 65 -0.13 27.59 0.22
C ASN A 65 0.65 26.29 -0.07
N LYS A 66 0.77 25.44 0.93
CA LYS A 66 1.39 24.12 0.85
C LYS A 66 0.57 23.29 -0.16
N ILE A 67 -0.75 23.06 0.09
CA ILE A 67 -1.69 22.30 -0.77
C ILE A 67 -1.62 22.82 -2.21
N ARG A 68 -1.70 24.16 -2.40
CA ARG A 68 -1.65 24.81 -3.70
C ARG A 68 -0.38 24.51 -4.42
N ASP A 69 0.73 24.45 -3.70
CA ASP A 69 2.03 24.11 -4.27
C ASP A 69 2.07 22.62 -4.69
N LEU A 70 1.65 21.72 -3.79
CA LEU A 70 1.64 20.27 -4.01
C LEU A 70 0.73 19.82 -5.14
N ARG A 71 -0.54 20.21 -5.10
CA ARG A 71 -1.55 19.89 -6.14
C ARG A 71 -1.15 20.48 -7.48
N MET A 72 -1.57 19.82 -8.57
CA MET A 72 -1.28 20.19 -9.95
C MET A 72 -1.71 21.61 -10.26
N LYS A 73 -0.82 22.35 -10.95
CA LYS A 73 -1.04 23.75 -11.31
C LYS A 73 -0.61 24.06 -12.74
N ALA A 74 -1.02 25.23 -13.27
CA ALA A 74 -0.69 25.66 -14.63
C ALA A 74 0.80 25.74 -14.82
N GLU A 75 1.53 26.19 -13.78
CA GLU A 75 2.98 26.33 -13.81
C GLU A 75 3.77 25.01 -13.94
N ASP A 76 3.11 23.85 -13.82
CA ASP A 76 3.71 22.53 -13.98
C ASP A 76 3.88 22.20 -15.46
N TYR A 77 3.13 22.87 -16.34
CA TYR A 77 3.15 22.68 -17.78
C TYR A 77 3.73 23.87 -18.52
N GLU A 78 4.30 23.60 -19.70
CA GLU A 78 4.95 24.57 -20.57
C GLU A 78 4.23 24.54 -21.90
N VAL A 79 3.82 25.71 -22.44
CA VAL A 79 3.15 25.77 -23.74
C VAL A 79 4.15 25.45 -24.85
N VAL A 80 3.90 24.37 -25.57
CA VAL A 80 4.72 23.92 -26.70
C VAL A 80 4.19 24.61 -27.97
N LYS A 81 2.84 24.73 -28.09
CA LYS A 81 2.16 25.29 -29.25
C LYS A 81 0.67 25.60 -28.92
N VAL A 82 0.09 26.72 -29.45
CA VAL A 82 -1.35 27.04 -29.28
C VAL A 82 -2.04 26.47 -30.52
N ILE A 83 -2.95 25.48 -30.32
CA ILE A 83 -3.62 24.80 -31.44
C ILE A 83 -5.10 25.15 -31.67
N GLY A 84 -5.75 25.71 -30.66
CA GLY A 84 -7.16 26.08 -30.71
C GLY A 84 -7.52 27.29 -29.90
N ARG A 85 -8.63 27.95 -30.26
CA ARG A 85 -9.10 29.17 -29.58
C ARG A 85 -10.63 29.35 -29.67
N GLY A 86 -11.20 29.60 -28.51
CA GLY A 86 -12.62 29.87 -28.37
C GLY A 86 -12.86 31.07 -27.47
N ALA A 87 -14.13 31.44 -27.34
CA ALA A 87 -14.55 32.54 -26.46
C ALA A 87 -14.35 32.05 -25.05
N PHE A 88 -14.57 30.73 -24.83
CA PHE A 88 -14.39 30.07 -23.54
C PHE A 88 -12.93 29.82 -23.11
N GLY A 89 -12.01 29.77 -24.06
CA GLY A 89 -10.60 29.54 -23.78
C GLY A 89 -9.75 29.10 -24.95
N GLU A 90 -8.62 28.44 -24.66
CA GLU A 90 -7.66 27.95 -25.67
C GLU A 90 -7.42 26.45 -25.51
N VAL A 91 -6.94 25.84 -26.59
CA VAL A 91 -6.51 24.44 -26.61
C VAL A 91 -5.05 24.55 -27.02
N GLN A 92 -4.17 24.00 -26.19
CA GLN A 92 -2.75 24.08 -26.49
C GLN A 92 -2.03 22.76 -26.25
N LEU A 93 -0.91 22.56 -26.95
CA LEU A 93 -0.06 21.38 -26.79
C LEU A 93 0.94 21.81 -25.74
N VAL A 94 0.96 21.07 -24.62
CA VAL A 94 1.81 21.38 -23.48
C VAL A 94 2.78 20.26 -23.22
N ARG A 95 3.73 20.50 -22.31
CA ARG A 95 4.74 19.54 -21.88
C ARG A 95 4.90 19.65 -20.36
N HIS A 96 4.75 18.53 -19.63
CA HIS A 96 4.93 18.55 -18.18
C HIS A 96 6.42 18.86 -17.95
N LYS A 97 6.71 19.99 -17.26
CA LYS A 97 8.07 20.50 -17.02
C LYS A 97 9.12 19.49 -16.52
N SER A 98 8.71 18.58 -15.62
CA SER A 98 9.58 17.54 -15.08
C SER A 98 9.70 16.32 -16.01
N THR A 99 8.56 15.69 -16.40
CA THR A 99 8.50 14.48 -17.23
C THR A 99 8.82 14.65 -18.73
N ARG A 100 8.69 15.87 -19.27
CA ARG A 100 8.91 16.19 -20.70
C ARG A 100 7.94 15.48 -21.71
N LYS A 101 6.82 14.92 -21.18
CA LYS A 101 5.78 14.27 -21.96
C LYS A 101 4.84 15.31 -22.54
N VAL A 102 4.50 15.18 -23.83
CA VAL A 102 3.59 16.09 -24.53
C VAL A 102 2.14 15.64 -24.35
N TYR A 103 1.27 16.59 -23.97
CA TYR A 103 -0.18 16.42 -23.77
C TYR A 103 -0.89 17.56 -24.47
N ALA A 104 -2.22 17.45 -24.59
CA ALA A 104 -3.07 18.50 -25.09
C ALA A 104 -3.81 19.08 -23.88
N MET A 105 -3.83 20.40 -23.75
CA MET A 105 -4.49 21.06 -22.64
C MET A 105 -5.58 21.99 -23.11
N LYS A 106 -6.80 21.81 -22.60
CA LYS A 106 -7.93 22.68 -22.89
C LYS A 106 -8.13 23.54 -21.66
N LEU A 107 -8.11 24.86 -21.84
CA LEU A 107 -8.33 25.87 -20.80
C LEU A 107 -9.71 26.47 -20.98
N LEU A 108 -10.49 26.59 -19.91
CA LEU A 108 -11.81 27.21 -19.92
C LEU A 108 -11.80 28.32 -18.88
N SER A 109 -12.16 29.53 -19.31
CA SER A 109 -12.23 30.71 -18.48
C SER A 109 -13.43 30.63 -17.55
N LYS A 110 -13.15 30.58 -16.24
CA LYS A 110 -14.19 30.57 -15.21
C LYS A 110 -15.10 31.81 -15.32
N PHE A 111 -14.55 33.04 -15.56
CA PHE A 111 -15.33 34.28 -15.81
C PHE A 111 -16.38 34.10 -16.92
N GLU A 112 -15.99 33.48 -18.08
CA GLU A 112 -16.82 33.14 -19.24
C GLU A 112 -17.83 32.00 -18.97
N MET A 113 -17.52 31.06 -18.03
CA MET A 113 -18.41 29.94 -17.66
C MET A 113 -19.70 30.52 -17.01
N ILE A 114 -19.51 31.34 -15.97
CA ILE A 114 -20.55 31.97 -15.16
C ILE A 114 -21.40 32.95 -15.95
N LYS A 115 -20.76 33.74 -16.83
CA LYS A 115 -21.41 34.76 -17.65
C LYS A 115 -21.78 34.16 -19.01
N ARG A 116 -23.02 33.65 -19.12
CA ARG A 116 -23.56 33.06 -20.36
C ARG A 116 -22.87 31.73 -20.68
N SER A 117 -23.39 30.64 -20.07
CA SER A 117 -22.89 29.26 -20.25
C SER A 117 -23.16 28.72 -21.66
N PHE A 121 -21.55 22.50 -18.62
CA PHE A 121 -21.23 21.80 -19.88
C PHE A 121 -19.86 21.10 -19.81
N PHE A 122 -18.97 21.64 -18.95
CA PHE A 122 -17.65 21.08 -18.70
C PHE A 122 -17.75 19.78 -17.93
N TRP A 123 -18.84 19.59 -17.16
CA TRP A 123 -19.07 18.36 -16.39
C TRP A 123 -19.09 17.15 -17.30
N GLU A 124 -19.96 17.15 -18.34
CA GLU A 124 -20.06 16.04 -19.28
C GLU A 124 -18.78 15.88 -20.09
N GLU A 125 -18.13 16.99 -20.48
CA GLU A 125 -16.85 17.03 -21.20
C GLU A 125 -15.75 16.36 -20.36
N ARG A 126 -15.73 16.68 -19.08
CA ARG A 126 -14.80 16.09 -18.12
C ARG A 126 -15.12 14.60 -17.95
N ASP A 127 -16.40 14.24 -17.74
CA ASP A 127 -16.85 12.87 -17.54
C ASP A 127 -16.67 11.95 -18.73
N ILE A 128 -17.03 12.41 -19.96
CA ILE A 128 -16.88 11.61 -21.19
C ILE A 128 -15.41 11.27 -21.37
N MET A 129 -14.53 12.28 -21.36
CA MET A 129 -13.09 12.04 -21.53
C MET A 129 -12.41 11.23 -20.41
N ALA A 130 -12.91 11.34 -19.17
CA ALA A 130 -12.34 10.66 -18.02
C ALA A 130 -12.78 9.21 -17.89
N PHE A 131 -14.09 8.96 -18.02
CA PHE A 131 -14.64 7.63 -17.79
C PHE A 131 -15.21 6.88 -19.01
N ALA A 132 -15.02 7.39 -20.26
CA ALA A 132 -15.53 6.72 -21.46
C ALA A 132 -14.85 5.37 -21.71
N ASN A 133 -13.53 5.25 -21.38
CA ASN A 133 -12.71 4.07 -21.62
C ASN A 133 -13.02 3.46 -23.03
N SER A 134 -12.98 4.33 -24.05
CA SER A 134 -13.28 3.96 -25.43
C SER A 134 -12.11 4.27 -26.34
N PRO A 135 -11.82 3.39 -27.33
CA PRO A 135 -10.70 3.70 -28.24
C PRO A 135 -11.07 4.81 -29.24
N TRP A 136 -12.32 5.30 -29.14
CA TRP A 136 -12.90 6.31 -30.01
C TRP A 136 -12.97 7.68 -29.41
N VAL A 137 -12.78 7.79 -28.08
CA VAL A 137 -12.84 9.02 -27.29
C VAL A 137 -11.46 9.34 -26.71
N VAL A 138 -10.99 10.57 -26.89
CA VAL A 138 -9.72 11.09 -26.36
C VAL A 138 -9.75 11.00 -24.83
N GLN A 139 -8.76 10.34 -24.27
CA GLN A 139 -8.67 10.14 -22.84
C GLN A 139 -8.21 11.40 -22.13
N LEU A 140 -8.84 11.69 -20.97
CA LEU A 140 -8.48 12.81 -20.11
C LEU A 140 -7.62 12.25 -18.99
N PHE A 141 -6.37 12.72 -18.91
CA PHE A 141 -5.43 12.32 -17.89
C PHE A 141 -5.68 13.08 -16.59
N TYR A 142 -5.65 14.42 -16.66
CA TYR A 142 -5.85 15.30 -15.52
C TYR A 142 -6.79 16.42 -15.78
N ALA A 143 -7.53 16.81 -14.75
CA ALA A 143 -8.44 17.95 -14.71
C ALA A 143 -8.10 18.66 -13.40
N PHE A 144 -7.78 19.93 -13.50
CA PHE A 144 -7.41 20.77 -12.37
C PHE A 144 -7.92 22.20 -12.62
N GLN A 145 -7.66 23.12 -11.66
CA GLN A 145 -8.14 24.48 -11.74
C GLN A 145 -7.41 25.43 -10.81
N ASP A 146 -7.71 26.72 -10.95
CA ASP A 146 -7.27 27.84 -10.10
C ASP A 146 -8.45 28.82 -10.04
N ASP A 147 -8.26 30.03 -9.48
CA ASP A 147 -9.37 31.00 -9.39
C ASP A 147 -9.80 31.57 -10.75
N ARG A 148 -8.96 31.41 -11.78
CA ARG A 148 -9.19 31.92 -13.14
C ARG A 148 -9.62 30.86 -14.15
N TYR A 149 -8.93 29.70 -14.23
CA TYR A 149 -9.21 28.67 -15.24
C TYR A 149 -9.53 27.28 -14.75
N LEU A 150 -10.22 26.53 -15.64
CA LEU A 150 -10.46 25.09 -15.54
C LEU A 150 -9.45 24.55 -16.58
N TYR A 151 -8.73 23.46 -16.25
CA TYR A 151 -7.74 22.86 -17.15
C TYR A 151 -8.07 21.41 -17.39
N MET A 152 -7.92 20.95 -18.62
CA MET A 152 -8.14 19.56 -19.01
C MET A 152 -6.92 19.04 -19.78
N VAL A 153 -6.10 18.19 -19.12
CA VAL A 153 -4.89 17.60 -19.70
C VAL A 153 -5.25 16.26 -20.35
N MET A 154 -5.31 16.25 -21.69
CA MET A 154 -5.74 15.10 -22.50
C MET A 154 -4.61 14.40 -23.20
N GLU A 155 -4.85 13.15 -23.64
CA GLU A 155 -3.84 12.39 -24.36
C GLU A 155 -3.51 13.07 -25.67
N TYR A 156 -2.22 13.13 -25.99
CA TYR A 156 -1.72 13.74 -27.20
C TYR A 156 -1.94 12.81 -28.39
N MET A 157 -2.48 13.40 -29.47
CA MET A 157 -2.85 12.76 -30.74
C MET A 157 -1.93 13.30 -31.84
N PRO A 158 -0.78 12.64 -32.06
CA PRO A 158 0.21 13.19 -33.01
C PRO A 158 -0.10 13.29 -34.51
N GLY A 159 -1.15 12.59 -34.99
CA GLY A 159 -1.55 12.61 -36.38
C GLY A 159 -2.29 13.85 -36.82
N GLY A 160 -2.68 14.68 -35.87
CA GLY A 160 -3.44 15.90 -36.12
C GLY A 160 -4.90 15.66 -36.44
N ASP A 161 -5.58 16.71 -36.94
CA ASP A 161 -7.01 16.63 -37.28
C ASP A 161 -7.28 16.34 -38.76
N LEU A 162 -8.52 15.89 -39.08
CA LEU A 162 -8.95 15.62 -40.45
C LEU A 162 -8.92 16.87 -41.35
N VAL A 163 -9.02 18.10 -40.78
CA VAL A 163 -8.93 19.37 -41.53
C VAL A 163 -7.53 19.45 -42.18
N ASN A 164 -6.50 19.09 -41.40
CA ASN A 164 -5.12 19.05 -41.85
C ASN A 164 -4.95 17.98 -42.93
N LEU A 165 -5.56 16.81 -42.72
CA LEU A 165 -5.51 15.71 -43.69
C LEU A 165 -6.14 16.13 -45.03
N MET A 166 -7.36 16.68 -44.98
CA MET A 166 -8.13 17.15 -46.13
C MET A 166 -7.41 18.28 -46.87
N SER A 167 -6.58 19.08 -46.17
CA SER A 167 -5.84 20.18 -46.78
C SER A 167 -4.59 19.71 -47.51
N ASN A 168 -4.16 18.45 -47.26
CA ASN A 168 -2.98 17.84 -47.89
C ASN A 168 -3.30 16.86 -49.00
N TYR A 169 -4.56 16.38 -49.07
CA TYR A 169 -4.99 15.36 -50.03
C TYR A 169 -6.31 15.61 -50.71
N ASP A 170 -6.46 15.03 -51.90
CA ASP A 170 -7.71 14.92 -52.62
C ASP A 170 -8.09 13.52 -52.17
N VAL A 171 -8.77 13.48 -51.02
CA VAL A 171 -9.13 12.28 -50.28
C VAL A 171 -9.74 11.23 -51.18
N PRO A 172 -9.06 10.08 -51.42
CA PRO A 172 -9.68 9.02 -52.26
C PRO A 172 -10.84 8.36 -51.52
N GLU A 173 -11.80 7.78 -52.25
CA GLU A 173 -12.98 7.15 -51.63
C GLU A 173 -12.67 6.15 -50.51
N LYS A 174 -11.71 5.25 -50.73
CA LYS A 174 -11.32 4.21 -49.76
C LYS A 174 -11.05 4.82 -48.40
N TRP A 175 -10.30 5.96 -48.38
CA TRP A 175 -9.96 6.71 -47.16
C TRP A 175 -11.21 7.31 -46.58
N ALA A 176 -12.07 7.93 -47.43
CA ALA A 176 -13.33 8.55 -47.00
C ALA A 176 -14.20 7.51 -46.33
N ARG A 177 -14.22 6.27 -46.87
CA ARG A 177 -14.96 5.14 -46.30
C ARG A 177 -14.42 4.75 -44.93
N PHE A 178 -13.08 4.77 -44.77
CA PHE A 178 -12.41 4.42 -43.51
C PHE A 178 -12.75 5.43 -42.42
N TYR A 179 -12.53 6.73 -42.68
CA TYR A 179 -12.82 7.79 -41.71
C TYR A 179 -14.30 7.93 -41.39
N THR A 180 -15.21 7.69 -42.37
CA THR A 180 -16.67 7.79 -42.16
C THR A 180 -17.11 6.67 -41.23
N ALA A 181 -16.65 5.44 -41.51
CA ALA A 181 -16.90 4.27 -40.70
C ALA A 181 -16.43 4.45 -39.23
N GLU A 182 -15.22 5.00 -39.05
CA GLU A 182 -14.65 5.22 -37.72
C GLU A 182 -15.45 6.26 -36.92
N VAL A 183 -15.94 7.35 -37.58
CA VAL A 183 -16.78 8.39 -36.96
C VAL A 183 -18.13 7.77 -36.56
N VAL A 184 -18.72 6.91 -37.44
CA VAL A 184 -19.96 6.19 -37.16
C VAL A 184 -19.78 5.38 -35.84
N LEU A 185 -18.66 4.63 -35.72
CA LEU A 185 -18.36 3.84 -34.53
C LEU A 185 -18.16 4.71 -33.32
N ALA A 186 -17.40 5.80 -33.47
CA ALA A 186 -17.11 6.78 -32.42
C ALA A 186 -18.39 7.46 -31.93
N LEU A 187 -19.29 7.81 -32.88
CA LEU A 187 -20.55 8.46 -32.53
C LEU A 187 -21.48 7.47 -31.86
N ASP A 188 -21.52 6.22 -32.35
CA ASP A 188 -22.31 5.15 -31.74
C ASP A 188 -21.85 4.89 -30.32
N ALA A 189 -20.54 5.07 -30.03
CA ALA A 189 -19.98 4.90 -28.69
C ALA A 189 -20.53 6.00 -27.79
N ILE A 190 -20.50 7.29 -28.27
CA ILE A 190 -21.02 8.46 -27.53
C ILE A 190 -22.52 8.28 -27.23
N HIS A 191 -23.26 7.86 -28.25
CA HIS A 191 -24.69 7.62 -28.15
C HIS A 191 -25.05 6.52 -27.13
N SER A 192 -24.23 5.45 -27.03
CA SER A 192 -24.40 4.35 -26.08
C SER A 192 -24.16 4.79 -24.66
N MET A 193 -23.44 5.92 -24.48
CA MET A 193 -23.18 6.53 -23.18
C MET A 193 -24.34 7.45 -22.80
N GLY A 194 -25.26 7.69 -23.76
CA GLY A 194 -26.47 8.51 -23.58
C GLY A 194 -26.37 9.97 -23.99
N PHE A 195 -25.35 10.31 -24.82
CA PHE A 195 -25.09 11.67 -25.29
C PHE A 195 -25.18 11.86 -26.80
N ILE A 196 -25.57 13.08 -27.21
CA ILE A 196 -25.58 13.54 -28.61
C ILE A 196 -24.41 14.54 -28.64
N HIS A 197 -23.46 14.34 -29.55
CA HIS A 197 -22.28 15.20 -29.65
C HIS A 197 -22.61 16.65 -29.98
N ARG A 198 -23.47 16.87 -31.00
CA ARG A 198 -23.95 18.20 -31.42
C ARG A 198 -22.88 19.11 -32.06
N ASP A 199 -21.62 18.66 -32.14
CA ASP A 199 -20.56 19.43 -32.78
C ASP A 199 -19.60 18.53 -33.53
N VAL A 200 -20.14 17.59 -34.32
CA VAL A 200 -19.36 16.64 -35.11
C VAL A 200 -18.81 17.38 -36.30
N LYS A 201 -17.50 17.45 -36.42
CA LYS A 201 -16.82 18.15 -37.52
C LYS A 201 -15.39 17.66 -37.67
N PRO A 202 -14.76 17.76 -38.86
CA PRO A 202 -13.36 17.27 -39.01
C PRO A 202 -12.30 17.93 -38.11
N ASP A 203 -12.58 19.10 -37.49
CA ASP A 203 -11.68 19.77 -36.54
C ASP A 203 -11.67 19.01 -35.19
N ASN A 204 -12.72 18.27 -34.90
CA ASN A 204 -12.90 17.50 -33.66
C ASN A 204 -12.60 16.00 -33.82
N MET A 205 -12.03 15.62 -34.96
CA MET A 205 -11.64 14.25 -35.30
C MET A 205 -10.12 14.26 -35.33
N LEU A 206 -9.49 13.61 -34.35
CA LEU A 206 -8.05 13.61 -34.20
C LEU A 206 -7.51 12.24 -34.57
N LEU A 207 -6.26 12.17 -35.03
CA LEU A 207 -5.65 10.91 -35.40
C LEU A 207 -4.54 10.57 -34.41
N ASP A 208 -4.53 9.31 -33.94
CA ASP A 208 -3.52 8.78 -33.03
C ASP A 208 -2.25 8.36 -33.82
N LYS A 209 -1.15 7.94 -33.13
CA LYS A 209 0.12 7.52 -33.77
C LYS A 209 -0.05 6.51 -34.90
N SER A 210 -1.09 5.66 -34.83
CA SER A 210 -1.41 4.61 -35.79
C SER A 210 -2.24 5.07 -36.96
N GLY A 211 -2.81 6.27 -36.86
CA GLY A 211 -3.65 6.87 -37.89
C GLY A 211 -5.14 6.61 -37.76
N HIS A 212 -5.59 6.08 -36.60
CA HIS A 212 -7.01 5.81 -36.32
C HIS A 212 -7.55 6.99 -35.58
N LEU A 213 -8.82 7.26 -35.84
CA LEU A 213 -9.60 8.37 -35.37
C LEU A 213 -10.06 8.25 -33.90
N LYS A 214 -10.18 9.40 -33.26
CA LYS A 214 -10.68 9.64 -31.92
C LYS A 214 -11.42 10.95 -31.96
N LEU A 215 -12.54 11.03 -31.24
CA LEU A 215 -13.37 12.21 -31.15
C LEU A 215 -12.85 13.15 -30.05
N ALA A 216 -12.98 14.45 -30.30
CA ALA A 216 -12.68 15.52 -29.35
C ALA A 216 -13.87 16.53 -29.29
N ASP A 217 -13.70 17.55 -28.47
CA ASP A 217 -14.71 18.57 -28.17
C ASP A 217 -16.03 18.04 -27.68
N PHE A 218 -16.07 17.64 -26.38
CA PHE A 218 -17.32 17.18 -25.76
C PHE A 218 -18.08 18.32 -25.07
N GLY A 219 -17.72 19.55 -25.44
CA GLY A 219 -18.27 20.79 -24.91
C GLY A 219 -19.70 21.13 -25.26
N THR A 220 -20.30 20.43 -26.21
CA THR A 220 -21.71 20.68 -26.59
C THR A 220 -22.56 19.41 -26.32
N CYS A 221 -21.94 18.33 -25.79
CA CYS A 221 -22.60 17.07 -25.46
C CYS A 221 -23.74 17.29 -24.48
N MET A 222 -24.91 16.79 -24.87
CA MET A 222 -26.11 16.84 -24.05
C MET A 222 -26.62 15.41 -23.83
N LYS A 223 -27.04 15.12 -22.58
CA LYS A 223 -27.57 13.82 -22.19
C LYS A 223 -29.02 13.67 -22.68
N MET A 224 -29.27 12.56 -23.41
CA MET A 224 -30.59 12.21 -23.94
C MET A 224 -31.55 11.81 -22.78
N ASN A 225 -32.88 11.86 -23.04
CA ASN A 225 -33.90 11.47 -22.07
C ASN A 225 -34.30 10.01 -22.32
N LYS A 226 -35.40 9.53 -21.67
CA LYS A 226 -35.91 8.17 -21.83
C LYS A 226 -36.34 7.88 -23.28
N GLU A 227 -36.78 8.92 -24.02
CA GLU A 227 -37.17 8.85 -25.43
C GLU A 227 -35.96 9.07 -26.39
N GLY A 228 -34.76 9.20 -25.80
CA GLY A 228 -33.51 9.44 -26.53
C GLY A 228 -33.50 10.79 -27.21
N MET A 229 -34.19 11.78 -26.60
CA MET A 229 -34.32 13.14 -27.14
C MET A 229 -33.71 14.19 -26.20
N VAL A 230 -33.62 15.41 -26.70
CA VAL A 230 -33.04 16.56 -26.02
C VAL A 230 -33.89 17.81 -26.25
N ARG A 231 -34.15 18.58 -25.16
CA ARG A 231 -34.91 19.84 -25.22
C ARG A 231 -33.89 20.97 -25.19
N CYS A 232 -33.73 21.66 -26.32
CA CYS A 232 -32.79 22.78 -26.47
C CYS A 232 -33.36 23.79 -27.46
N ASP A 233 -33.39 25.06 -27.06
CA ASP A 233 -33.92 26.16 -27.86
C ASP A 233 -32.80 27.04 -28.44
N THR A 234 -31.53 26.68 -28.16
CA THR A 234 -30.35 27.41 -28.64
C THR A 234 -29.56 26.59 -29.69
N ALA A 235 -29.12 27.27 -30.78
CA ALA A 235 -28.31 26.67 -31.85
C ALA A 235 -26.95 26.32 -31.29
N VAL A 236 -26.43 25.17 -31.69
CA VAL A 236 -25.19 24.62 -31.20
C VAL A 236 -24.42 24.00 -32.37
N GLY A 237 -23.12 24.22 -32.40
CA GLY A 237 -22.28 23.65 -33.44
C GLY A 237 -21.73 24.66 -34.40
N THR A 238 -21.05 24.15 -35.43
CA THR A 238 -20.39 24.98 -36.44
C THR A 238 -21.31 25.20 -37.64
N PRO A 239 -21.48 26.49 -38.07
CA PRO A 239 -22.39 26.81 -39.18
C PRO A 239 -22.51 25.86 -40.37
N ASP A 240 -21.39 25.27 -40.81
CA ASP A 240 -21.36 24.35 -41.96
C ASP A 240 -21.96 22.98 -41.67
N TYR A 241 -21.84 22.49 -40.42
CA TYR A 241 -22.24 21.15 -39.99
C TYR A 241 -23.56 21.07 -39.25
N ILE A 242 -24.14 22.23 -38.93
CA ILE A 242 -25.39 22.37 -38.18
C ILE A 242 -26.58 21.78 -38.97
N SER A 243 -27.33 20.87 -38.34
CA SER A 243 -28.47 20.21 -38.97
C SER A 243 -29.69 21.15 -39.08
N PRO A 244 -30.70 20.93 -39.98
CA PRO A 244 -31.85 21.85 -40.02
C PRO A 244 -32.61 21.92 -38.69
N GLU A 245 -32.78 20.78 -37.96
CA GLU A 245 -33.49 20.75 -36.68
C GLU A 245 -32.84 21.58 -35.55
N VAL A 246 -31.49 21.57 -35.46
CA VAL A 246 -30.73 22.34 -34.47
C VAL A 246 -30.84 23.82 -34.83
N LEU A 247 -30.90 24.11 -36.15
CA LEU A 247 -31.04 25.47 -36.66
C LEU A 247 -32.43 26.05 -36.33
N LYS A 248 -33.51 25.24 -36.54
CA LYS A 248 -34.90 25.57 -36.26
C LYS A 248 -35.20 25.75 -34.76
N SER A 249 -34.25 25.28 -33.88
CA SER A 249 -34.33 25.39 -32.40
C SER A 249 -33.66 26.67 -31.89
N ASP A 253 -38.77 26.59 -30.43
CA ASP A 253 -38.78 25.29 -29.75
C ASP A 253 -37.86 24.26 -30.44
N GLY A 254 -37.31 23.33 -29.64
CA GLY A 254 -36.42 22.27 -30.12
C GLY A 254 -36.44 21.01 -29.29
N TYR A 255 -36.84 19.89 -29.91
CA TYR A 255 -36.90 18.55 -29.32
C TYR A 255 -36.38 17.54 -30.35
N TYR A 256 -35.05 17.32 -30.34
CA TYR A 256 -34.36 16.45 -31.29
C TYR A 256 -33.53 15.34 -30.64
N GLY A 257 -33.21 14.33 -31.43
CA GLY A 257 -32.41 13.18 -31.02
C GLY A 257 -31.02 13.13 -31.64
N ARG A 258 -30.40 11.94 -31.58
CA ARG A 258 -29.05 11.63 -32.07
C ARG A 258 -28.87 11.73 -33.59
N GLU A 259 -29.95 11.94 -34.34
CA GLU A 259 -29.95 12.06 -35.81
C GLU A 259 -29.24 13.32 -36.31
N CYS A 260 -29.08 14.35 -35.46
CA CYS A 260 -28.38 15.59 -35.85
C CYS A 260 -26.89 15.32 -36.08
N ASP A 261 -26.35 14.33 -35.33
CA ASP A 261 -24.97 13.85 -35.42
C ASP A 261 -24.76 13.14 -36.74
N TRP A 262 -25.78 12.42 -37.25
CA TRP A 262 -25.70 11.73 -38.54
C TRP A 262 -25.76 12.68 -39.71
N TRP A 263 -26.51 13.82 -39.58
CA TRP A 263 -26.54 14.86 -40.61
C TRP A 263 -25.07 15.34 -40.83
N SER A 264 -24.33 15.67 -39.72
CA SER A 264 -22.93 16.13 -39.75
C SER A 264 -21.98 15.15 -40.41
N VAL A 265 -22.24 13.83 -40.27
CA VAL A 265 -21.44 12.78 -40.90
C VAL A 265 -21.58 12.92 -42.44
N GLY A 266 -22.79 13.20 -42.92
CA GLY A 266 -23.06 13.42 -44.34
C GLY A 266 -22.39 14.65 -44.87
N VAL A 267 -22.20 15.67 -44.00
CA VAL A 267 -21.51 16.92 -44.36
C VAL A 267 -20.03 16.60 -44.52
N PHE A 268 -19.51 15.83 -43.54
CA PHE A 268 -18.12 15.34 -43.46
C PHE A 268 -17.72 14.49 -44.68
N LEU A 269 -18.60 13.53 -45.09
CA LEU A 269 -18.36 12.65 -46.23
C LEU A 269 -18.34 13.52 -47.53
N TYR A 270 -19.34 14.42 -47.68
CA TYR A 270 -19.41 15.34 -48.82
C TYR A 270 -18.10 16.14 -48.88
N GLU A 271 -17.73 16.79 -47.77
CA GLU A 271 -16.51 17.60 -47.69
C GLU A 271 -15.24 16.87 -48.15
N MET A 272 -15.03 15.63 -47.66
CA MET A 272 -13.87 14.82 -48.02
C MET A 272 -13.77 14.52 -49.49
N LEU A 273 -14.89 14.09 -50.08
CA LEU A 273 -15.02 13.70 -51.49
C LEU A 273 -15.12 14.84 -52.45
N VAL A 274 -15.74 15.96 -52.07
CA VAL A 274 -15.91 17.14 -52.93
C VAL A 274 -14.81 18.23 -52.74
N GLY A 275 -14.37 18.42 -51.50
CA GLY A 275 -13.34 19.41 -51.16
C GLY A 275 -13.90 20.65 -50.50
N ASP A 276 -15.23 20.77 -50.51
CA ASP A 276 -15.99 21.89 -49.95
C ASP A 276 -17.16 21.36 -49.19
N THR A 277 -17.64 22.12 -48.20
CA THR A 277 -18.81 21.82 -47.39
C THR A 277 -20.05 21.97 -48.30
N PRO A 278 -21.12 21.12 -48.18
CA PRO A 278 -22.25 21.22 -49.12
C PRO A 278 -23.08 22.52 -49.10
N PHE A 279 -23.10 23.24 -47.95
CA PHE A 279 -23.90 24.45 -47.83
C PHE A 279 -23.07 25.68 -47.46
N TYR A 280 -21.91 25.81 -48.12
CA TYR A 280 -20.97 26.91 -47.93
C TYR A 280 -21.53 28.23 -48.47
N ALA A 281 -21.37 29.31 -47.68
CA ALA A 281 -21.79 30.65 -48.05
C ALA A 281 -20.81 31.68 -47.57
N ASP A 282 -20.91 32.90 -48.13
CA ASP A 282 -20.10 34.07 -47.84
C ASP A 282 -20.46 34.66 -46.47
N SER A 283 -21.50 34.09 -45.83
CA SER A 283 -22.03 34.56 -44.55
C SER A 283 -22.72 33.46 -43.74
N LEU A 284 -22.95 33.71 -42.45
CA LEU A 284 -23.62 32.83 -41.48
C LEU A 284 -25.06 32.54 -41.96
N VAL A 285 -25.69 33.54 -42.55
CA VAL A 285 -27.00 33.43 -43.18
C VAL A 285 -26.68 33.20 -44.66
N GLY A 286 -27.39 32.31 -45.31
CA GLY A 286 -27.02 31.93 -46.66
C GLY A 286 -26.48 30.53 -46.53
N THR A 287 -25.67 30.29 -45.48
CA THR A 287 -25.19 28.97 -45.06
C THR A 287 -26.48 28.37 -44.49
N TYR A 288 -27.03 29.00 -43.42
CA TYR A 288 -28.29 28.62 -42.77
C TYR A 288 -29.47 28.50 -43.79
N SER A 289 -29.53 29.39 -44.80
CA SER A 289 -30.55 29.36 -45.85
C SER A 289 -30.39 28.09 -46.74
N LYS A 290 -29.14 27.74 -47.12
CA LYS A 290 -28.78 26.56 -47.92
C LYS A 290 -29.12 25.26 -47.17
N ILE A 291 -28.84 25.18 -45.87
CA ILE A 291 -29.16 24.03 -45.01
C ILE A 291 -30.69 23.82 -45.03
N MET A 292 -31.43 24.92 -44.86
CA MET A 292 -32.88 24.89 -44.84
C MET A 292 -33.39 24.32 -46.16
N ASN A 293 -32.85 24.82 -47.28
CA ASN A 293 -33.25 24.32 -48.60
C ASN A 293 -32.23 23.34 -49.16
N HIS A 294 -31.82 22.34 -48.35
CA HIS A 294 -30.89 21.30 -48.75
C HIS A 294 -31.46 20.48 -49.92
N LYS A 295 -32.81 20.41 -49.98
CA LYS A 295 -33.62 19.69 -50.98
C LYS A 295 -33.26 20.12 -52.40
N ASN A 296 -33.01 21.43 -52.61
CA ASN A 296 -32.64 22.00 -53.92
C ASN A 296 -31.21 22.59 -53.99
N SER A 297 -30.56 22.83 -52.82
CA SER A 297 -29.18 23.33 -52.74
C SER A 297 -28.07 22.24 -52.65
N LEU A 298 -28.42 20.98 -52.31
CA LEU A 298 -27.43 19.88 -52.27
C LEU A 298 -27.17 19.32 -53.69
N THR A 299 -26.01 19.69 -54.27
CA THR A 299 -25.59 19.27 -55.62
C THR A 299 -24.18 18.70 -55.55
N PHE A 300 -23.84 17.82 -56.48
CA PHE A 300 -22.53 17.20 -56.59
C PHE A 300 -21.87 17.65 -57.88
N PRO A 301 -20.52 17.59 -57.97
CA PRO A 301 -19.85 17.97 -59.23
C PRO A 301 -20.28 17.08 -60.39
N ASP A 302 -20.23 17.59 -61.63
CA ASP A 302 -20.62 16.84 -62.83
C ASP A 302 -19.43 16.01 -63.40
N ASP A 303 -18.88 15.10 -62.55
CA ASP A 303 -17.76 14.23 -62.87
C ASP A 303 -17.89 12.82 -62.24
N ASN A 304 -17.06 11.88 -62.71
CA ASN A 304 -17.05 10.48 -62.28
C ASN A 304 -16.09 10.15 -61.09
N ASP A 305 -15.77 11.15 -60.25
CA ASP A 305 -14.85 10.98 -59.11
C ASP A 305 -15.55 10.53 -57.78
N ILE A 306 -16.90 10.60 -57.74
CA ILE A 306 -17.74 10.19 -56.61
C ILE A 306 -18.75 9.13 -57.07
N SER A 307 -18.67 7.95 -56.47
CA SER A 307 -19.51 6.80 -56.77
C SER A 307 -20.98 7.00 -56.41
N LYS A 308 -21.85 6.16 -57.03
CA LYS A 308 -23.30 6.13 -56.86
C LYS A 308 -23.62 5.98 -55.36
N GLU A 309 -23.01 4.98 -54.70
CA GLU A 309 -23.22 4.68 -53.28
C GLU A 309 -22.80 5.80 -52.31
N ALA A 310 -21.70 6.51 -52.64
CA ALA A 310 -21.18 7.65 -51.88
C ALA A 310 -22.23 8.77 -51.90
N LYS A 311 -22.71 9.15 -53.11
CA LYS A 311 -23.78 10.13 -53.33
C LYS A 311 -25.06 9.74 -52.57
N ASN A 312 -25.49 8.46 -52.66
CA ASN A 312 -26.67 7.96 -51.94
C ASN A 312 -26.51 8.07 -50.44
N LEU A 313 -25.30 7.76 -49.91
CA LEU A 313 -25.05 7.84 -48.47
C LEU A 313 -25.17 9.29 -48.02
N ILE A 314 -24.53 10.22 -48.77
CA ILE A 314 -24.59 11.66 -48.47
C ILE A 314 -26.07 12.10 -48.40
N CYS A 315 -26.84 11.81 -49.47
CA CYS A 315 -28.26 12.12 -49.56
C CYS A 315 -29.12 11.44 -48.48
N ALA A 316 -28.84 10.17 -48.12
CA ALA A 316 -29.55 9.46 -47.05
C ALA A 316 -29.32 10.16 -45.68
N PHE A 317 -28.17 10.86 -45.55
CA PHE A 317 -27.85 11.63 -44.35
C PHE A 317 -28.37 13.09 -44.52
N LEU A 318 -28.22 13.68 -45.73
CA LEU A 318 -28.63 15.07 -45.92
C LEU A 318 -30.10 15.24 -46.31
N THR A 319 -31.00 14.82 -45.39
CA THR A 319 -32.46 14.91 -45.50
C THR A 319 -33.05 15.37 -44.16
N ASP A 320 -34.39 15.56 -44.09
CA ASP A 320 -35.04 15.93 -42.85
C ASP A 320 -35.07 14.72 -41.91
N ARG A 321 -35.01 14.99 -40.59
CA ARG A 321 -34.98 14.04 -39.48
C ARG A 321 -35.69 12.73 -39.74
N GLU A 322 -37.00 12.82 -39.92
CA GLU A 322 -37.96 11.74 -40.04
C GLU A 322 -37.76 10.76 -41.20
N VAL A 323 -36.82 11.07 -42.12
CA VAL A 323 -36.50 10.28 -43.32
C VAL A 323 -35.01 9.98 -43.42
N ARG A 324 -34.23 10.50 -42.44
CA ARG A 324 -32.79 10.38 -42.36
C ARG A 324 -32.30 9.01 -41.95
N LEU A 325 -31.23 8.53 -42.60
CA LEU A 325 -30.56 7.27 -42.27
C LEU A 325 -29.96 7.41 -40.84
N GLY A 326 -30.30 6.47 -39.96
CA GLY A 326 -29.88 6.47 -38.57
C GLY A 326 -31.01 6.78 -37.59
N ARG A 327 -32.25 6.86 -38.11
CA ARG A 327 -33.46 7.10 -37.30
C ARG A 327 -33.97 5.77 -36.72
N ASN A 328 -33.46 4.65 -37.28
CA ASN A 328 -33.77 3.27 -36.88
C ASN A 328 -32.48 2.59 -36.38
N GLY A 329 -31.54 3.39 -35.87
CA GLY A 329 -30.26 2.92 -35.35
C GLY A 329 -29.12 2.77 -36.35
N VAL A 330 -27.87 2.59 -35.80
CA VAL A 330 -26.59 2.39 -36.50
C VAL A 330 -26.58 1.30 -37.53
N GLU A 331 -27.26 0.18 -37.23
CA GLU A 331 -27.27 -0.97 -38.15
C GLU A 331 -27.68 -0.61 -39.56
N GLU A 332 -28.66 0.31 -39.73
CA GLU A 332 -29.06 0.75 -41.06
C GLU A 332 -27.96 1.58 -41.76
N ILE A 333 -27.07 2.23 -41.00
CA ILE A 333 -25.93 2.99 -41.53
C ILE A 333 -24.84 1.97 -41.86
N LYS A 334 -24.50 1.10 -40.87
CA LYS A 334 -23.50 0.04 -41.03
C LYS A 334 -23.75 -0.83 -42.26
N ARG A 335 -25.03 -1.15 -42.54
CA ARG A 335 -25.47 -1.96 -43.69
C ARG A 335 -25.47 -1.22 -45.04
N HIS A 336 -25.26 0.10 -45.06
CA HIS A 336 -25.27 0.84 -46.34
C HIS A 336 -24.19 0.30 -47.31
N LEU A 337 -24.55 0.24 -48.62
CA LEU A 337 -23.68 -0.28 -49.68
C LEU A 337 -22.33 0.41 -49.78
N PHE A 338 -22.27 1.73 -49.48
CA PHE A 338 -21.04 2.51 -49.47
C PHE A 338 -19.97 1.84 -48.63
N PHE A 339 -20.37 1.23 -47.50
CA PHE A 339 -19.44 0.53 -46.62
C PHE A 339 -18.98 -0.85 -47.11
N LYS A 340 -19.65 -1.44 -48.13
CA LYS A 340 -19.23 -2.76 -48.66
C LYS A 340 -17.82 -2.61 -49.29
N ASN A 341 -16.84 -3.28 -48.68
CA ASN A 341 -15.44 -3.21 -49.10
C ASN A 341 -14.70 -4.52 -48.79
N ASP A 342 -13.63 -4.79 -49.57
CA ASP A 342 -12.79 -5.97 -49.38
C ASP A 342 -11.48 -5.53 -48.70
N GLN A 343 -11.58 -4.55 -47.75
CA GLN A 343 -10.47 -3.95 -47.01
C GLN A 343 -10.60 -4.03 -45.50
N TRP A 344 -11.80 -3.79 -44.95
CA TRP A 344 -12.09 -3.84 -43.50
C TRP A 344 -13.43 -4.50 -43.17
N ALA A 345 -13.75 -4.61 -41.87
CA ALA A 345 -14.99 -5.12 -41.28
C ALA A 345 -15.30 -4.28 -40.01
N TRP A 346 -16.59 -4.02 -39.69
CA TRP A 346 -17.00 -3.16 -38.59
C TRP A 346 -16.39 -3.49 -37.21
N GLU A 347 -16.36 -4.77 -36.87
CA GLU A 347 -15.84 -5.31 -35.62
C GLU A 347 -14.30 -5.38 -35.56
N THR A 348 -13.63 -5.29 -36.72
CA THR A 348 -12.17 -5.39 -36.86
C THR A 348 -11.53 -4.06 -37.37
N LEU A 349 -12.36 -3.00 -37.53
CA LEU A 349 -11.95 -1.71 -38.11
C LEU A 349 -10.79 -0.97 -37.43
N ARG A 350 -10.81 -0.87 -36.08
CA ARG A 350 -9.72 -0.16 -35.40
C ARG A 350 -8.41 -0.90 -35.29
N ASP A 351 -8.41 -2.16 -35.75
CA ASP A 351 -7.25 -3.03 -35.78
C ASP A 351 -6.64 -3.09 -37.18
N THR A 352 -7.36 -2.62 -38.22
CA THR A 352 -6.84 -2.59 -39.59
C THR A 352 -5.79 -1.50 -39.78
N VAL A 353 -5.07 -1.54 -40.90
CA VAL A 353 -4.04 -0.55 -41.20
C VAL A 353 -4.74 0.70 -41.71
N ALA A 354 -4.47 1.85 -41.08
CA ALA A 354 -5.10 3.13 -41.41
C ALA A 354 -4.60 3.63 -42.76
N PRO A 355 -5.39 4.47 -43.50
CA PRO A 355 -4.95 4.90 -44.82
C PRO A 355 -3.70 5.76 -44.82
N VAL A 356 -3.53 6.56 -43.76
CA VAL A 356 -2.42 7.50 -43.57
C VAL A 356 -1.84 7.22 -42.20
N VAL A 357 -0.63 6.66 -42.17
CA VAL A 357 0.03 6.39 -40.90
C VAL A 357 1.02 7.56 -40.64
N PRO A 358 0.83 8.33 -39.54
CA PRO A 358 1.75 9.45 -39.26
C PRO A 358 3.24 9.06 -39.22
N ASP A 359 4.03 9.74 -40.07
CA ASP A 359 5.48 9.57 -40.18
C ASP A 359 6.11 10.66 -39.28
N LEU A 360 6.10 10.42 -37.96
CA LEU A 360 6.59 11.37 -36.93
C LEU A 360 8.03 11.12 -36.57
N SER A 361 8.82 12.21 -36.42
CA SER A 361 10.25 12.13 -36.09
C SER A 361 10.46 11.51 -34.71
N SER A 362 9.63 11.92 -33.72
CA SER A 362 9.64 11.43 -32.34
C SER A 362 8.22 11.42 -31.77
N ASP A 363 8.08 10.96 -30.51
CA ASP A 363 6.79 10.96 -29.78
C ASP A 363 6.36 12.40 -29.41
N ILE A 364 7.35 13.34 -29.44
CA ILE A 364 7.18 14.76 -29.12
C ILE A 364 7.07 15.66 -30.38
N ASP A 365 6.94 15.04 -31.58
CA ASP A 365 6.80 15.76 -32.86
C ASP A 365 5.39 16.38 -32.95
N THR A 366 5.30 17.73 -33.10
CA THR A 366 4.03 18.46 -33.16
C THR A 366 3.75 19.07 -34.54
N SER A 367 4.44 18.55 -35.54
CA SER A 367 4.44 18.99 -36.93
C SER A 367 3.05 19.08 -37.54
N ASN A 368 2.18 18.06 -37.28
CA ASN A 368 0.85 17.95 -37.89
C ASN A 368 -0.16 18.99 -37.39
N PHE A 369 0.28 19.91 -36.50
CA PHE A 369 -0.53 20.96 -35.89
C PHE A 369 0.00 22.35 -36.20
N ASP A 370 -0.88 23.23 -36.71
CA ASP A 370 -0.52 24.62 -37.00
C ASP A 370 -0.50 25.43 -35.70
N ASP A 371 0.62 26.14 -35.43
CA ASP A 371 0.82 27.01 -34.27
C ASP A 371 0.03 28.31 -34.48
N LEU A 372 -0.62 28.81 -33.38
CA LEU A 372 -1.49 29.99 -33.37
C LEU A 372 -0.94 31.26 -32.65
N GLU A 373 -0.16 31.08 -31.54
CA GLU A 373 0.52 32.05 -30.62
C GLU A 373 0.47 31.59 -29.14
N GLU A 380 -9.35 38.83 -18.93
CA GLU A 380 -10.06 39.51 -17.84
C GLU A 380 -10.94 38.55 -16.99
N THR A 381 -10.83 38.65 -15.66
CA THR A 381 -11.67 37.85 -14.76
C THR A 381 -12.60 38.71 -13.87
N PHE A 382 -13.31 38.01 -12.97
CA PHE A 382 -14.32 38.42 -12.00
C PHE A 382 -14.00 39.70 -11.29
N PRO A 383 -15.01 40.58 -11.05
CA PRO A 383 -14.75 41.81 -10.28
C PRO A 383 -14.51 41.46 -8.81
N ILE A 384 -13.87 42.36 -8.06
CA ILE A 384 -13.63 42.11 -6.66
C ILE A 384 -14.93 42.27 -5.87
N PRO A 385 -15.34 41.21 -5.12
CA PRO A 385 -16.59 41.25 -4.38
C PRO A 385 -16.54 42.15 -3.17
N LYS A 386 -17.70 42.73 -2.84
CA LYS A 386 -17.84 43.55 -1.65
C LYS A 386 -18.53 42.69 -0.58
N ALA A 387 -19.03 41.52 -0.98
CA ALA A 387 -19.70 40.53 -0.12
C ALA A 387 -19.46 39.13 -0.70
N PHE A 388 -19.74 38.06 0.08
CA PHE A 388 -19.58 36.71 -0.42
C PHE A 388 -20.52 36.49 -1.61
N VAL A 389 -19.96 36.03 -2.74
CA VAL A 389 -20.70 35.75 -3.98
C VAL A 389 -20.54 34.26 -4.41
N GLY A 390 -19.45 33.64 -3.95
CA GLY A 390 -19.15 32.24 -4.19
C GLY A 390 -18.95 31.84 -5.65
N ASN A 391 -18.10 32.59 -6.37
CA ASN A 391 -17.79 32.32 -7.76
C ASN A 391 -17.11 30.99 -8.04
N GLN A 392 -16.39 30.41 -7.07
CA GLN A 392 -15.67 29.14 -7.24
C GLN A 392 -16.54 27.91 -7.02
N LEU A 393 -17.71 28.08 -6.36
CA LEU A 393 -18.68 27.04 -6.04
C LEU A 393 -19.16 26.25 -7.25
N PRO A 394 -19.50 26.85 -8.43
CA PRO A 394 -19.91 26.00 -9.59
C PRO A 394 -18.87 24.97 -10.06
N PHE A 395 -17.58 25.14 -9.65
CA PHE A 395 -16.43 24.36 -10.12
C PHE A 395 -15.83 23.36 -9.13
N VAL A 396 -16.28 23.39 -7.85
CA VAL A 396 -15.86 22.45 -6.81
C VAL A 396 -16.18 21.05 -7.35
N GLY A 397 -15.20 20.16 -7.29
CA GLY A 397 -15.34 18.79 -7.76
C GLY A 397 -14.79 18.52 -9.15
N PHE A 398 -14.33 19.59 -9.84
CA PHE A 398 -13.79 19.45 -11.20
C PHE A 398 -12.43 18.74 -11.22
N THR A 399 -11.65 18.84 -10.14
CA THR A 399 -10.35 18.20 -10.06
C THR A 399 -10.44 16.68 -10.22
N TYR A 400 -9.62 16.12 -11.13
CA TYR A 400 -9.52 14.71 -11.42
C TYR A 400 -8.10 14.31 -11.80
N TYR A 401 -7.61 13.22 -11.21
CA TYR A 401 -6.28 12.66 -11.49
C TYR A 401 -6.34 11.17 -11.87
N SER A 402 -5.78 10.85 -13.06
CA SER A 402 -5.64 9.51 -13.64
C SER A 402 -4.59 8.68 -12.87
N ASN A 403 -4.87 7.38 -12.66
CA ASN A 403 -3.92 6.44 -12.04
C ASN A 403 -2.90 5.88 -13.08
N ARG A 404 -3.05 6.28 -14.37
CA ARG A 404 -2.18 5.82 -15.46
C ARG A 404 -0.71 6.28 -15.32
N ARG A 405 0.29 5.31 -15.36
CA ARG A 405 1.75 5.55 -15.28
C ARG A 405 2.48 5.28 -16.61
N TYR A 406 3.71 5.88 -16.81
CA TYR A 406 4.56 5.73 -18.03
C TYR A 406 6.08 5.60 -17.76
N SER B 7 9.06 16.76 -8.01
CA SER B 7 8.80 15.43 -8.54
C SER B 7 7.30 15.08 -8.50
N PHE B 8 6.80 14.50 -9.60
CA PHE B 8 5.41 14.14 -9.87
C PHE B 8 4.63 13.23 -8.89
N GLU B 9 5.08 11.96 -8.69
CA GLU B 9 4.51 10.93 -7.79
C GLU B 9 4.65 11.37 -6.35
N THR B 10 5.74 12.09 -6.05
CA THR B 10 6.12 12.60 -4.73
C THR B 10 5.00 13.49 -4.22
N ARG B 11 4.56 14.43 -5.06
CA ARG B 11 3.52 15.38 -4.72
C ARG B 11 2.21 14.70 -4.31
N PHE B 12 1.75 13.67 -5.06
CA PHE B 12 0.55 12.89 -4.74
C PHE B 12 0.72 12.15 -3.39
N GLU B 13 1.93 11.57 -3.14
CA GLU B 13 2.25 10.85 -1.89
C GLU B 13 2.23 11.82 -0.71
N LYS B 14 2.87 13.01 -0.86
CA LYS B 14 2.91 14.07 0.16
C LYS B 14 1.50 14.54 0.48
N MET B 15 0.66 14.64 -0.55
CA MET B 15 -0.74 15.02 -0.43
C MET B 15 -1.53 13.92 0.29
N ASP B 16 -1.23 12.64 -0.05
CA ASP B 16 -1.82 11.41 0.51
C ASP B 16 -1.48 11.19 1.99
N ASN B 17 -0.34 11.75 2.43
CA ASN B 17 0.12 11.74 3.82
C ASN B 17 -0.62 12.83 4.58
N LEU B 18 -0.77 14.02 3.97
CA LEU B 18 -1.48 15.17 4.56
C LEU B 18 -2.93 14.81 4.86
N LEU B 19 -3.58 14.03 3.98
CA LEU B 19 -4.95 13.59 4.15
C LEU B 19 -5.12 12.57 5.26
N ARG B 20 -4.07 11.75 5.46
CA ARG B 20 -4.02 10.68 6.44
C ARG B 20 -3.70 11.19 7.87
N ASP B 21 -2.70 12.07 7.97
CA ASP B 21 -2.16 12.62 9.21
C ASP B 21 -3.21 13.20 10.19
N PRO B 22 -3.36 12.59 11.40
CA PRO B 22 -4.33 13.11 12.37
C PRO B 22 -3.99 14.50 12.88
N LYS B 23 -2.70 14.88 12.84
CA LYS B 23 -2.23 16.19 13.29
C LYS B 23 -2.21 17.23 12.15
N SER B 24 -2.56 16.80 10.91
CA SER B 24 -2.65 17.67 9.74
C SER B 24 -3.89 18.57 9.79
N GLU B 25 -3.76 19.80 9.25
CA GLU B 25 -4.86 20.77 9.20
C GLU B 25 -5.80 20.49 8.01
N VAL B 26 -5.30 19.70 7.02
CA VAL B 26 -6.03 19.31 5.81
C VAL B 26 -6.22 17.80 5.68
N ASN B 27 -6.52 17.13 6.79
CA ASN B 27 -6.77 15.70 6.71
C ASN B 27 -8.22 15.53 6.34
N SER B 28 -8.59 14.34 5.81
CA SER B 28 -9.95 14.02 5.34
C SER B 28 -11.09 14.54 6.24
N ASP B 29 -10.96 14.39 7.57
CA ASP B 29 -11.95 14.87 8.54
C ASP B 29 -12.07 16.41 8.66
N CYS B 30 -10.97 17.19 8.48
CA CYS B 30 -11.04 18.68 8.45
C CYS B 30 -11.67 19.10 7.15
N LEU B 31 -11.37 18.36 6.07
CA LEU B 31 -11.96 18.67 4.77
C LEU B 31 -13.46 18.41 4.78
N LEU B 32 -13.90 17.35 5.45
CA LEU B 32 -15.33 17.06 5.62
C LEU B 32 -15.95 18.13 6.50
N ASP B 33 -15.17 18.65 7.50
CA ASP B 33 -15.57 19.75 8.39
C ASP B 33 -15.85 21.03 7.62
N GLY B 34 -15.01 21.31 6.60
CA GLY B 34 -15.11 22.46 5.72
C GLY B 34 -16.37 22.44 4.87
N LEU B 35 -16.63 21.32 4.19
CA LEU B 35 -17.83 21.16 3.36
C LEU B 35 -19.08 21.32 4.20
N ASP B 36 -19.11 20.64 5.38
CA ASP B 36 -20.21 20.67 6.35
C ASP B 36 -20.48 22.08 6.85
N ALA B 37 -19.40 22.83 7.20
CA ALA B 37 -19.45 24.22 7.65
C ALA B 37 -20.07 25.06 6.55
N LEU B 38 -19.47 25.01 5.34
CA LEU B 38 -19.92 25.74 4.17
C LEU B 38 -21.40 25.52 3.89
N VAL B 39 -21.93 24.29 3.93
CA VAL B 39 -23.34 23.95 3.71
C VAL B 39 -24.27 24.60 4.77
N TYR B 40 -23.91 24.48 6.09
CA TYR B 40 -24.68 25.07 7.19
C TYR B 40 -24.77 26.61 7.04
N ASP B 41 -23.64 27.27 6.72
CA ASP B 41 -23.54 28.72 6.57
C ASP B 41 -24.13 29.29 5.30
N LEU B 42 -24.36 28.45 4.29
CA LEU B 42 -24.94 28.89 3.03
C LEU B 42 -26.42 28.56 2.91
N ASP B 43 -26.92 27.50 3.60
CA ASP B 43 -28.33 27.11 3.47
C ASP B 43 -29.34 28.01 4.18
N PHE B 44 -29.56 29.21 3.62
CA PHE B 44 -30.50 30.20 4.12
C PHE B 44 -31.17 30.84 2.91
N PRO B 45 -32.51 31.08 2.97
CA PRO B 45 -33.23 31.62 1.80
C PRO B 45 -32.66 32.87 1.14
N ALA B 46 -32.11 33.79 1.94
CA ALA B 46 -31.54 35.06 1.46
C ALA B 46 -30.29 34.82 0.60
N LEU B 47 -29.43 33.90 1.02
CA LEU B 47 -28.20 33.53 0.31
C LEU B 47 -28.48 32.66 -0.91
N ARG B 48 -29.59 31.90 -0.88
CA ARG B 48 -29.99 31.02 -1.97
C ARG B 48 -30.51 31.80 -3.20
N LYS B 49 -30.64 33.14 -3.06
CA LYS B 49 -31.02 34.04 -4.17
C LYS B 49 -29.81 34.17 -5.10
N ASN B 50 -28.61 33.79 -4.58
CA ASN B 50 -27.35 33.76 -5.31
C ASN B 50 -27.30 32.41 -6.03
N LYS B 51 -27.28 32.46 -7.39
CA LYS B 51 -27.25 31.25 -8.24
C LYS B 51 -26.12 30.29 -7.89
N ASN B 52 -24.90 30.81 -7.70
CA ASN B 52 -23.72 30.02 -7.35
C ASN B 52 -23.98 29.22 -6.09
N ILE B 53 -24.50 29.90 -5.03
CA ILE B 53 -24.82 29.27 -3.74
C ILE B 53 -25.99 28.28 -3.89
N ASP B 54 -27.08 28.71 -4.55
CA ASP B 54 -28.25 27.86 -4.75
C ASP B 54 -27.91 26.54 -5.45
N ASN B 55 -27.24 26.60 -6.64
CA ASN B 55 -26.86 25.44 -7.43
C ASN B 55 -25.96 24.47 -6.68
N PHE B 56 -24.96 25.02 -5.94
CA PHE B 56 -23.99 24.28 -5.13
C PHE B 56 -24.72 23.45 -4.09
N LEU B 57 -25.65 24.07 -3.37
CA LEU B 57 -26.44 23.41 -2.33
C LEU B 57 -27.34 22.31 -2.88
N SER B 58 -27.92 22.54 -4.08
CA SER B 58 -28.77 21.57 -4.76
C SER B 58 -27.92 20.35 -5.13
N ARG B 59 -26.75 20.62 -5.76
CA ARG B 59 -25.74 19.64 -6.19
C ARG B 59 -25.27 18.73 -5.04
N TYR B 60 -25.06 19.32 -3.84
CA TYR B 60 -24.52 18.63 -2.66
C TYR B 60 -25.52 18.16 -1.61
N LYS B 61 -26.82 18.40 -1.84
CA LYS B 61 -27.90 17.99 -0.92
C LYS B 61 -27.79 16.54 -0.45
N ASP B 62 -27.84 15.59 -1.39
CA ASP B 62 -27.78 14.15 -1.13
C ASP B 62 -26.48 13.71 -0.44
N THR B 63 -25.30 14.13 -0.97
CA THR B 63 -24.02 13.77 -0.36
C THR B 63 -23.80 14.37 1.05
N ILE B 64 -24.33 15.59 1.32
CA ILE B 64 -24.22 16.17 2.64
C ILE B 64 -25.07 15.42 3.68
N ASN B 65 -26.27 14.95 3.27
CA ASN B 65 -27.18 14.17 4.13
C ASN B 65 -26.58 12.78 4.45
N LYS B 66 -25.91 12.15 3.46
CA LYS B 66 -25.24 10.86 3.61
C LYS B 66 -24.10 10.99 4.61
N ILE B 67 -23.18 11.96 4.36
CA ILE B 67 -22.02 12.27 5.21
C ILE B 67 -22.50 12.53 6.64
N ARG B 68 -23.51 13.41 6.81
CA ARG B 68 -24.08 13.75 8.12
C ARG B 68 -24.60 12.55 8.85
N ASP B 69 -25.23 11.62 8.11
CA ASP B 69 -25.76 10.39 8.70
C ASP B 69 -24.62 9.45 9.10
N LEU B 70 -23.64 9.23 8.18
CA LEU B 70 -22.49 8.35 8.41
C LEU B 70 -21.59 8.80 9.53
N ARG B 71 -21.08 10.06 9.49
CA ARG B 71 -20.20 10.64 10.50
C ARG B 71 -20.90 10.67 11.86
N MET B 72 -20.09 10.58 12.95
CA MET B 72 -20.51 10.62 14.35
C MET B 72 -21.36 11.85 14.63
N LYS B 73 -22.47 11.63 15.35
CA LYS B 73 -23.43 12.68 15.70
C LYS B 73 -23.89 12.56 17.17
N ALA B 74 -24.54 13.62 17.69
CA ALA B 74 -25.04 13.68 19.05
C ALA B 74 -26.00 12.53 19.31
N GLU B 75 -26.85 12.21 18.31
CA GLU B 75 -27.83 11.13 18.40
C GLU B 75 -27.26 9.71 18.57
N ASP B 76 -25.92 9.55 18.45
CA ASP B 76 -25.23 8.27 18.63
C ASP B 76 -25.02 7.99 20.11
N TYR B 77 -25.06 9.05 20.95
CA TYR B 77 -24.89 8.97 22.41
C TYR B 77 -26.18 9.28 23.18
N GLU B 78 -26.27 8.72 24.37
CA GLU B 78 -27.41 8.81 25.28
C GLU B 78 -26.92 9.39 26.60
N VAL B 79 -27.56 10.46 27.10
CA VAL B 79 -27.15 11.05 28.38
C VAL B 79 -27.49 10.10 29.55
N VAL B 80 -26.46 9.72 30.29
CA VAL B 80 -26.56 8.85 31.47
C VAL B 80 -26.74 9.75 32.70
N LYS B 81 -26.00 10.88 32.74
CA LYS B 81 -26.02 11.81 33.87
C LYS B 81 -25.34 13.13 33.47
N VAL B 82 -25.82 14.25 34.01
CA VAL B 82 -25.20 15.56 33.79
C VAL B 82 -24.28 15.79 35.00
N ILE B 83 -22.98 15.96 34.72
CA ILE B 83 -21.99 16.11 35.80
C ILE B 83 -21.34 17.50 35.97
N GLY B 84 -21.41 18.32 34.93
CA GLY B 84 -20.85 19.67 34.97
C GLY B 84 -21.65 20.66 34.16
N ARG B 85 -21.55 21.95 34.51
CA ARG B 85 -22.23 23.03 33.80
C ARG B 85 -21.44 24.35 33.86
N GLY B 86 -20.88 24.75 32.71
CA GLY B 86 -20.11 25.97 32.54
C GLY B 86 -20.93 27.00 31.78
N ALA B 87 -20.33 28.17 31.49
CA ALA B 87 -20.99 29.23 30.72
C ALA B 87 -20.98 28.86 29.23
N PHE B 88 -20.00 28.03 28.82
CA PHE B 88 -19.77 27.57 27.45
C PHE B 88 -20.42 26.24 27.06
N GLY B 89 -20.96 25.52 28.04
CA GLY B 89 -21.63 24.25 27.84
C GLY B 89 -21.67 23.37 29.09
N GLU B 90 -22.17 22.15 28.92
CA GLU B 90 -22.29 21.15 29.97
C GLU B 90 -21.14 20.14 29.84
N VAL B 91 -21.05 19.20 30.81
CA VAL B 91 -20.17 18.04 30.82
C VAL B 91 -21.10 16.94 31.31
N GLN B 92 -21.21 15.88 30.53
CA GLN B 92 -22.13 14.80 30.88
C GLN B 92 -21.52 13.41 30.67
N LEU B 93 -22.03 12.43 31.41
CA LEU B 93 -21.63 11.03 31.30
C LEU B 93 -22.60 10.47 30.29
N VAL B 94 -22.09 9.95 29.17
CA VAL B 94 -22.90 9.43 28.06
C VAL B 94 -22.63 7.95 27.87
N ARG B 95 -23.46 7.29 27.04
CA ARG B 95 -23.38 5.88 26.66
C ARG B 95 -23.61 5.78 25.12
N HIS B 96 -22.60 5.31 24.35
CA HIS B 96 -22.77 5.12 22.89
C HIS B 96 -23.91 4.08 22.70
N LYS B 97 -24.98 4.49 22.01
CA LYS B 97 -26.19 3.70 21.78
C LYS B 97 -26.00 2.27 21.25
N SER B 98 -25.02 2.07 20.34
CA SER B 98 -24.69 0.75 19.79
C SER B 98 -23.80 -0.09 20.75
N THR B 99 -22.61 0.45 21.15
CA THR B 99 -21.61 -0.23 21.99
C THR B 99 -21.94 -0.36 23.50
N ARG B 100 -22.83 0.52 24.02
CA ARG B 100 -23.24 0.57 25.45
C ARG B 100 -22.10 0.94 26.46
N LYS B 101 -20.95 1.41 25.93
CA LYS B 101 -19.79 1.86 26.69
C LYS B 101 -20.03 3.28 27.22
N VAL B 102 -19.68 3.51 28.52
CA VAL B 102 -19.82 4.82 29.17
C VAL B 102 -18.57 5.67 28.94
N TYR B 103 -18.78 6.91 28.50
CA TYR B 103 -17.77 7.94 28.24
C TYR B 103 -18.19 9.23 28.92
N ALA B 104 -17.28 10.20 28.99
CA ALA B 104 -17.56 11.57 29.47
C ALA B 104 -17.61 12.46 28.23
N MET B 105 -18.63 13.30 28.13
CA MET B 105 -18.77 14.16 26.98
C MET B 105 -18.83 15.59 27.40
N LYS B 106 -17.94 16.43 26.81
CA LYS B 106 -17.93 17.87 27.06
C LYS B 106 -18.54 18.51 25.82
N LEU B 107 -19.60 19.29 26.02
CA LEU B 107 -20.31 20.05 24.99
C LEU B 107 -19.92 21.54 25.10
N LEU B 108 -19.55 22.17 23.99
CA LEU B 108 -19.25 23.60 23.94
C LEU B 108 -20.20 24.22 22.91
N SER B 109 -21.00 25.20 23.38
CA SER B 109 -21.96 25.95 22.62
C SER B 109 -21.17 26.86 21.69
N LYS B 110 -21.22 26.56 20.39
CA LYS B 110 -20.59 27.35 19.34
C LYS B 110 -21.18 28.78 19.34
N PHE B 111 -22.48 28.94 19.76
CA PHE B 111 -23.13 30.24 19.81
C PHE B 111 -22.45 31.11 20.83
N GLU B 112 -22.51 30.66 22.12
CA GLU B 112 -21.92 31.33 23.28
C GLU B 112 -20.50 31.75 22.98
N MET B 113 -19.63 30.80 22.55
CA MET B 113 -18.26 31.04 22.08
C MET B 113 -18.12 32.26 21.11
N ILE B 114 -19.05 32.42 20.13
CA ILE B 114 -19.03 33.56 19.22
C ILE B 114 -19.17 34.93 19.98
N LYS B 115 -19.89 34.96 21.12
CA LYS B 115 -19.97 36.15 21.99
C LYS B 115 -18.70 36.11 22.86
N ARG B 116 -17.55 36.58 22.27
CA ARG B 116 -16.21 36.63 22.89
C ARG B 116 -15.68 35.25 23.30
N SER B 117 -14.76 34.69 22.46
CA SER B 117 -14.12 33.38 22.64
C SER B 117 -13.23 33.33 23.87
N PHE B 121 -9.47 28.22 22.36
CA PHE B 121 -9.02 27.55 23.60
C PHE B 121 -9.30 26.05 23.57
N PHE B 122 -10.34 25.66 22.82
CA PHE B 122 -10.74 24.27 22.61
C PHE B 122 -9.71 23.54 21.80
N TRP B 123 -8.90 24.28 20.99
CA TRP B 123 -7.83 23.69 20.18
C TRP B 123 -6.81 22.96 21.04
N GLU B 124 -6.23 23.62 22.03
CA GLU B 124 -5.25 23.00 22.95
C GLU B 124 -5.86 21.93 23.82
N GLU B 125 -7.10 22.16 24.32
CA GLU B 125 -7.82 21.15 25.10
C GLU B 125 -8.01 19.87 24.27
N ARG B 126 -8.42 20.05 22.99
CA ARG B 126 -8.60 18.96 22.04
C ARG B 126 -7.26 18.28 21.80
N ASP B 127 -6.19 19.05 21.53
CA ASP B 127 -4.84 18.53 21.25
C ASP B 127 -4.16 17.79 22.41
N ILE B 128 -4.21 18.35 23.63
CA ILE B 128 -3.63 17.72 24.81
C ILE B 128 -4.30 16.36 25.06
N MET B 129 -5.64 16.33 25.13
CA MET B 129 -6.36 15.10 25.34
C MET B 129 -6.26 14.08 24.21
N ALA B 130 -6.05 14.52 22.96
CA ALA B 130 -5.95 13.64 21.81
C ALA B 130 -4.55 13.04 21.62
N PHE B 131 -3.52 13.89 21.72
CA PHE B 131 -2.14 13.49 21.44
C PHE B 131 -1.17 13.39 22.62
N ALA B 132 -1.66 13.52 23.87
CA ALA B 132 -0.78 13.44 25.05
C ALA B 132 -0.16 12.06 25.29
N ASN B 133 -0.90 10.98 24.95
CA ASN B 133 -0.52 9.59 25.18
C ASN B 133 0.14 9.40 26.58
N SER B 134 -0.50 9.95 27.62
CA SER B 134 0.02 9.96 28.99
C SER B 134 -0.93 9.30 29.95
N PRO B 135 -0.44 8.51 30.93
CA PRO B 135 -1.37 7.90 31.90
C PRO B 135 -1.89 8.93 32.88
N TRP B 136 -1.43 10.18 32.74
CA TRP B 136 -1.75 11.30 33.63
C TRP B 136 -2.78 12.28 33.07
N VAL B 137 -3.03 12.21 31.75
CA VAL B 137 -3.94 13.05 31.01
C VAL B 137 -5.12 12.21 30.51
N VAL B 138 -6.37 12.70 30.73
CA VAL B 138 -7.59 12.03 30.30
C VAL B 138 -7.55 11.94 28.78
N GLN B 139 -7.73 10.73 28.26
CA GLN B 139 -7.70 10.51 26.81
C GLN B 139 -8.98 10.98 26.16
N LEU B 140 -8.87 11.69 25.02
CA LEU B 140 -10.04 12.10 24.23
C LEU B 140 -10.18 11.06 23.13
N PHE B 141 -11.25 10.30 23.15
CA PHE B 141 -11.46 9.30 22.12
C PHE B 141 -11.93 9.89 20.80
N TYR B 142 -13.01 10.74 20.83
CA TYR B 142 -13.63 11.41 19.68
C TYR B 142 -13.93 12.86 19.94
N ALA B 143 -13.85 13.65 18.88
CA ALA B 143 -14.19 15.07 18.81
C ALA B 143 -15.02 15.20 17.53
N PHE B 144 -16.21 15.74 17.66
CA PHE B 144 -17.14 15.94 16.55
C PHE B 144 -17.94 17.20 16.79
N GLN B 145 -18.80 17.55 15.84
CA GLN B 145 -19.60 18.78 15.91
C GLN B 145 -20.83 18.77 14.99
N ASP B 146 -21.67 19.79 15.15
CA ASP B 146 -22.84 20.10 14.34
C ASP B 146 -22.91 21.65 14.23
N ASP B 147 -24.01 22.21 13.73
CA ASP B 147 -24.12 23.67 13.59
C ASP B 147 -24.24 24.39 14.92
N ARG B 148 -24.57 23.65 16.00
CA ARG B 148 -24.77 24.20 17.33
C ARG B 148 -23.63 23.93 18.31
N TYR B 149 -23.14 22.66 18.42
CA TYR B 149 -22.15 22.27 19.41
C TYR B 149 -20.87 21.64 18.90
N LEU B 150 -19.82 21.74 19.76
CA LEU B 150 -18.56 21.06 19.65
C LEU B 150 -18.73 19.96 20.70
N TYR B 151 -18.29 18.71 20.41
CA TYR B 151 -18.42 17.59 21.34
C TYR B 151 -17.06 16.95 21.54
N MET B 152 -16.75 16.58 22.77
CA MET B 152 -15.52 15.92 23.12
C MET B 152 -15.84 14.70 23.95
N VAL B 153 -15.68 13.52 23.34
CA VAL B 153 -15.92 12.22 23.95
C VAL B 153 -14.63 11.71 24.57
N MET B 154 -14.54 11.78 25.90
CA MET B 154 -13.36 11.45 26.70
C MET B 154 -13.51 10.14 27.45
N GLU B 155 -12.38 9.56 27.89
CA GLU B 155 -12.42 8.32 28.65
C GLU B 155 -13.10 8.54 30.00
N TYR B 156 -13.90 7.58 30.40
CA TYR B 156 -14.65 7.64 31.64
C TYR B 156 -13.74 7.27 32.82
N MET B 157 -13.78 8.10 33.87
CA MET B 157 -13.00 7.96 35.09
C MET B 157 -13.98 7.63 36.26
N PRO B 158 -14.24 6.34 36.53
CA PRO B 158 -15.26 5.99 37.54
C PRO B 158 -15.06 6.35 39.02
N GLY B 159 -13.85 6.69 39.43
CA GLY B 159 -13.57 7.07 40.81
C GLY B 159 -14.02 8.47 41.20
N GLY B 160 -14.47 9.26 40.22
CA GLY B 160 -14.89 10.64 40.44
C GLY B 160 -13.71 11.58 40.67
N ASP B 161 -13.95 12.77 41.21
CA ASP B 161 -12.88 13.72 41.43
C ASP B 161 -12.40 13.79 42.88
N LEU B 162 -11.35 14.60 43.13
CA LEU B 162 -10.80 14.80 44.46
C LEU B 162 -11.73 15.64 45.37
N VAL B 163 -12.61 16.48 44.78
CA VAL B 163 -13.59 17.30 45.54
C VAL B 163 -14.55 16.35 46.29
N ASN B 164 -15.04 15.32 45.58
CA ASN B 164 -15.90 14.27 46.10
C ASN B 164 -15.14 13.49 47.17
N LEU B 165 -13.86 13.14 46.90
CA LEU B 165 -13.02 12.42 47.85
C LEU B 165 -12.87 13.20 49.16
N MET B 166 -12.47 14.45 49.06
CA MET B 166 -12.25 15.36 50.17
C MET B 166 -13.52 15.59 50.99
N SER B 167 -14.70 15.54 50.33
CA SER B 167 -15.97 15.74 51.00
C SER B 167 -16.44 14.49 51.80
N ASN B 168 -15.85 13.33 51.53
CA ASN B 168 -16.19 12.08 52.19
C ASN B 168 -15.18 11.61 53.24
N TYR B 169 -13.95 12.15 53.20
CA TYR B 169 -12.87 11.74 54.09
C TYR B 169 -12.06 12.88 54.69
N ASP B 170 -11.42 12.56 55.80
CA ASP B 170 -10.47 13.41 56.48
C ASP B 170 -9.19 12.79 55.92
N VAL B 171 -8.63 13.44 54.87
CA VAL B 171 -7.43 13.00 54.17
C VAL B 171 -6.19 12.82 55.07
N PRO B 172 -5.79 11.57 55.41
CA PRO B 172 -4.54 11.40 56.18
C PRO B 172 -3.33 11.84 55.33
N GLU B 173 -2.30 12.37 55.97
CA GLU B 173 -1.10 12.88 55.30
C GLU B 173 -0.45 11.91 54.30
N LYS B 174 -0.66 10.60 54.51
CA LYS B 174 -0.11 9.56 53.64
C LYS B 174 -0.81 9.52 52.26
N TRP B 175 -2.16 9.77 52.20
CA TRP B 175 -2.99 9.87 51.00
C TRP B 175 -2.67 11.19 50.31
N ALA B 176 -2.52 12.27 51.11
CA ALA B 176 -2.22 13.60 50.60
C ALA B 176 -0.93 13.56 49.82
N ARG B 177 0.07 12.78 50.31
CA ARG B 177 1.37 12.56 49.65
C ARG B 177 1.19 11.85 48.31
N PHE B 178 0.29 10.85 48.25
CA PHE B 178 0.05 10.08 47.04
C PHE B 178 -0.55 10.96 45.95
N TYR B 179 -1.67 11.65 46.25
CA TYR B 179 -2.34 12.54 45.31
C TYR B 179 -1.51 13.74 44.91
N THR B 180 -0.68 14.32 45.84
CA THR B 180 0.22 15.44 45.53
C THR B 180 1.28 14.99 44.52
N ALA B 181 1.93 13.85 44.79
CA ALA B 181 2.94 13.24 43.94
C ALA B 181 2.41 12.98 42.51
N GLU B 182 1.20 12.43 42.42
CA GLU B 182 0.58 12.11 41.12
C GLU B 182 0.29 13.35 40.30
N VAL B 183 -0.19 14.46 40.95
CA VAL B 183 -0.45 15.78 40.33
C VAL B 183 0.88 16.34 39.83
N VAL B 184 1.96 16.26 40.66
CA VAL B 184 3.32 16.70 40.28
C VAL B 184 3.74 16.00 38.96
N LEU B 185 3.56 14.66 38.88
CA LEU B 185 3.91 13.90 37.69
C LEU B 185 3.04 14.29 36.51
N ALA B 186 1.73 14.44 36.74
CA ALA B 186 0.75 14.83 35.72
C ALA B 186 1.05 16.24 35.19
N LEU B 187 1.41 17.17 36.08
CA LEU B 187 1.74 18.54 35.69
C LEU B 187 3.06 18.58 34.94
N ASP B 188 4.06 17.79 35.40
CA ASP B 188 5.34 17.65 34.72
C ASP B 188 5.17 17.14 33.31
N ALA B 189 4.16 16.24 33.10
CA ALA B 189 3.83 15.68 31.79
C ALA B 189 3.31 16.80 30.88
N ILE B 190 2.38 17.63 31.38
CA ILE B 190 1.81 18.77 30.66
C ILE B 190 2.90 19.77 30.27
N HIS B 191 3.81 20.11 31.23
CA HIS B 191 4.91 21.06 31.01
C HIS B 191 5.88 20.57 29.92
N SER B 192 6.12 19.25 29.87
CA SER B 192 6.99 18.60 28.89
C SER B 192 6.40 18.63 27.48
N MET B 193 5.11 18.85 27.38
CA MET B 193 4.40 18.99 26.11
C MET B 193 4.41 20.46 25.67
N GLY B 194 4.87 21.33 26.57
CA GLY B 194 4.99 22.76 26.34
C GLY B 194 3.85 23.65 26.81
N PHE B 195 3.00 23.12 27.74
CA PHE B 195 1.84 23.85 28.28
C PHE B 195 1.87 24.09 29.78
N ILE B 196 1.24 25.18 30.21
CA ILE B 196 1.00 25.55 31.60
C ILE B 196 -0.51 25.33 31.75
N HIS B 197 -0.93 24.50 32.74
CA HIS B 197 -2.35 24.18 32.96
C HIS B 197 -3.19 25.40 33.33
N ARG B 198 -2.72 26.23 34.27
CA ARG B 198 -3.38 27.45 34.73
C ARG B 198 -4.72 27.27 35.48
N ASP B 199 -5.18 26.01 35.65
CA ASP B 199 -6.43 25.76 36.37
C ASP B 199 -6.32 24.49 37.22
N VAL B 200 -5.20 24.39 37.96
CA VAL B 200 -4.98 23.24 38.81
C VAL B 200 -5.88 23.39 40.01
N LYS B 201 -6.81 22.43 40.19
CA LYS B 201 -7.79 22.38 41.27
C LYS B 201 -8.31 20.95 41.41
N PRO B 202 -8.82 20.51 42.60
CA PRO B 202 -9.33 19.13 42.76
C PRO B 202 -10.49 18.73 41.86
N ASP B 203 -11.24 19.71 41.33
CA ASP B 203 -12.35 19.49 40.40
C ASP B 203 -11.88 18.90 39.07
N ASN B 204 -10.60 19.15 38.69
CA ASN B 204 -9.97 18.72 37.44
C ASN B 204 -9.01 17.53 37.62
N MET B 205 -9.06 16.91 38.79
CA MET B 205 -8.27 15.74 39.14
C MET B 205 -9.29 14.62 39.27
N LEU B 206 -9.27 13.68 38.31
CA LEU B 206 -10.21 12.58 38.25
C LEU B 206 -9.51 11.30 38.63
N LEU B 207 -10.26 10.34 39.17
CA LEU B 207 -9.69 9.04 39.57
C LEU B 207 -10.17 7.92 38.65
N ASP B 208 -9.27 7.01 38.25
CA ASP B 208 -9.68 5.88 37.43
C ASP B 208 -10.22 4.70 38.29
N LYS B 209 -10.51 3.55 37.65
CA LYS B 209 -11.01 2.35 38.35
C LYS B 209 -10.07 1.83 39.47
N SER B 210 -8.78 2.04 39.31
CA SER B 210 -7.71 1.64 40.21
C SER B 210 -7.48 2.63 41.37
N GLY B 211 -8.02 3.85 41.23
CA GLY B 211 -7.87 4.95 42.19
C GLY B 211 -6.73 5.89 41.89
N HIS B 212 -6.28 5.92 40.62
CA HIS B 212 -5.18 6.77 40.16
C HIS B 212 -5.65 7.96 39.43
N LEU B 213 -4.93 9.02 39.68
CA LEU B 213 -5.23 10.34 39.19
C LEU B 213 -4.90 10.56 37.72
N LYS B 214 -5.72 11.40 37.08
CA LYS B 214 -5.62 11.91 35.72
C LYS B 214 -6.08 13.33 35.79
N LEU B 215 -5.31 14.23 35.18
CA LEU B 215 -5.63 15.64 35.11
C LEU B 215 -6.68 15.82 34.00
N ALA B 216 -7.66 16.70 34.22
CA ALA B 216 -8.71 16.96 33.24
C ALA B 216 -8.95 18.45 33.08
N ASP B 217 -9.81 18.83 32.11
CA ASP B 217 -10.13 20.24 31.73
C ASP B 217 -8.91 21.03 31.34
N PHE B 218 -8.52 20.90 30.08
CA PHE B 218 -7.39 21.64 29.57
C PHE B 218 -7.86 22.88 28.81
N GLY B 219 -8.98 23.45 29.28
CA GLY B 219 -9.63 24.65 28.74
C GLY B 219 -8.88 25.95 28.95
N THR B 220 -7.89 25.99 29.86
CA THR B 220 -7.09 27.19 30.14
C THR B 220 -5.62 27.01 29.79
N CYS B 221 -5.24 25.82 29.27
CA CYS B 221 -3.87 25.51 28.87
C CYS B 221 -3.34 26.48 27.82
N MET B 222 -2.16 27.04 28.06
CA MET B 222 -1.48 27.96 27.16
C MET B 222 -0.09 27.42 26.82
N LYS B 223 0.30 27.49 25.54
CA LYS B 223 1.60 27.03 25.06
C LYS B 223 2.72 28.01 25.45
N MET B 224 3.78 27.49 26.07
CA MET B 224 4.95 28.26 26.50
C MET B 224 5.79 28.69 25.28
N ASN B 225 6.63 29.74 25.44
CA ASN B 225 7.51 30.24 24.39
C ASN B 225 8.91 29.60 24.54
N LYS B 226 9.93 30.11 23.81
CA LYS B 226 11.31 29.61 23.87
C LYS B 226 11.89 29.79 25.29
N GLU B 227 11.45 30.83 26.04
CA GLU B 227 11.86 31.10 27.43
C GLU B 227 10.99 30.34 28.47
N GLY B 228 10.07 29.49 27.97
CA GLY B 228 9.13 28.73 28.78
C GLY B 228 8.13 29.63 29.50
N MET B 229 7.76 30.74 28.83
CA MET B 229 6.90 31.77 29.39
C MET B 229 5.64 32.01 28.56
N VAL B 230 4.71 32.76 29.15
CA VAL B 230 3.40 33.05 28.57
C VAL B 230 3.02 34.53 28.78
N ARG B 231 2.54 35.19 27.70
CA ARG B 231 2.07 36.58 27.73
C ARG B 231 0.56 36.54 27.80
N CYS B 232 0.00 36.92 28.96
CA CYS B 232 -1.44 36.94 29.20
C CYS B 232 -1.77 38.05 30.18
N ASP B 233 -2.75 38.90 29.82
CA ASP B 233 -3.19 40.03 30.64
C ASP B 233 -4.55 39.77 31.31
N THR B 234 -5.11 38.57 31.09
CA THR B 234 -6.38 38.16 31.68
C THR B 234 -6.21 37.07 32.74
N ALA B 235 -6.94 37.23 33.87
CA ALA B 235 -6.94 36.28 34.99
C ALA B 235 -7.62 35.01 34.51
N VAL B 236 -7.05 33.87 34.89
CA VAL B 236 -7.49 32.56 34.48
C VAL B 236 -7.47 31.61 35.67
N GLY B 237 -8.50 30.77 35.78
CA GLY B 237 -8.57 29.79 36.84
C GLY B 237 -9.62 30.07 37.89
N THR B 238 -9.61 29.27 38.96
CA THR B 238 -10.56 29.35 40.04
C THR B 238 -10.04 30.24 41.18
N PRO B 239 -10.85 31.24 41.62
CA PRO B 239 -10.43 32.17 42.69
C PRO B 239 -9.56 31.65 43.83
N ASP B 240 -9.81 30.43 44.33
CA ASP B 240 -9.07 29.88 45.46
C ASP B 240 -7.66 29.41 45.10
N TYR B 241 -7.47 28.93 43.85
CA TYR B 241 -6.23 28.33 43.35
C TYR B 241 -5.35 29.23 42.50
N ILE B 242 -5.87 30.40 42.15
CA ILE B 242 -5.19 31.41 41.32
C ILE B 242 -3.92 31.94 42.03
N SER B 243 -2.79 31.91 41.33
CA SER B 243 -1.49 32.35 41.87
C SER B 243 -1.42 33.88 41.91
N PRO B 244 -0.54 34.52 42.75
CA PRO B 244 -0.49 36.00 42.73
C PRO B 244 -0.12 36.59 41.38
N GLU B 245 0.80 35.93 40.60
CA GLU B 245 1.21 36.41 39.28
C GLU B 245 0.09 36.44 38.21
N VAL B 246 -0.79 35.42 38.21
CA VAL B 246 -1.92 35.33 37.29
C VAL B 246 -2.97 36.39 37.71
N LEU B 247 -3.07 36.66 39.02
CA LEU B 247 -3.97 37.66 39.59
C LEU B 247 -3.53 39.09 39.23
N LYS B 248 -2.19 39.36 39.27
CA LYS B 248 -1.54 40.63 38.91
C LYS B 248 -1.65 40.94 37.41
N SER B 249 -2.09 39.96 36.61
CA SER B 249 -2.29 40.10 35.18
C SER B 249 -3.79 40.22 34.87
N ASP B 253 -0.20 44.05 32.93
CA ASP B 253 0.74 43.19 32.20
C ASP B 253 0.97 41.85 32.91
N GLY B 254 1.27 40.81 32.12
CA GLY B 254 1.52 39.46 32.62
C GLY B 254 2.43 38.60 31.76
N TYR B 255 3.58 38.21 32.33
CA TYR B 255 4.59 37.37 31.69
C TYR B 255 5.09 36.35 32.72
N TYR B 256 4.40 35.19 32.78
CA TYR B 256 4.67 34.11 33.74
C TYR B 256 4.94 32.74 33.11
N GLY B 257 5.57 31.85 33.88
CA GLY B 257 5.89 30.50 33.49
C GLY B 257 5.08 29.44 34.20
N ARG B 258 5.56 28.18 34.13
CA ARG B 258 4.93 26.98 34.72
C ARG B 258 4.85 26.94 36.26
N GLU B 259 5.47 27.91 36.96
CA GLU B 259 5.46 28.02 38.42
C GLU B 259 4.07 28.33 38.99
N CYS B 260 3.13 28.88 38.17
CA CYS B 260 1.76 29.17 38.64
C CYS B 260 1.01 27.88 38.96
N ASP B 261 1.36 26.82 38.23
CA ASP B 261 0.83 25.46 38.40
C ASP B 261 1.29 24.87 39.72
N TRP B 262 2.53 25.17 40.16
CA TRP B 262 3.06 24.69 41.41
C TRP B 262 2.46 25.40 42.62
N TRP B 263 2.07 26.69 42.45
CA TRP B 263 1.40 27.45 43.50
C TRP B 263 0.11 26.69 43.83
N SER B 264 -0.67 26.37 42.79
CA SER B 264 -1.94 25.65 42.92
C SER B 264 -1.84 24.29 43.62
N VAL B 265 -0.69 23.58 43.47
CA VAL B 265 -0.41 22.30 44.11
C VAL B 265 -0.33 22.52 45.63
N GLY B 266 0.30 23.63 46.04
CA GLY B 266 0.41 24.01 47.45
C GLY B 266 -0.93 24.35 48.06
N VAL B 267 -1.87 24.88 47.25
CA VAL B 267 -3.22 25.20 47.69
C VAL B 267 -3.96 23.87 47.92
N PHE B 268 -3.79 22.93 46.96
CA PHE B 268 -4.35 21.58 46.97
C PHE B 268 -3.92 20.76 48.18
N LEU B 269 -2.59 20.80 48.53
CA LEU B 269 -2.01 20.09 49.67
C LEU B 269 -2.58 20.67 50.96
N TYR B 270 -2.61 22.02 51.06
CA TYR B 270 -3.18 22.71 52.22
C TYR B 270 -4.63 22.28 52.38
N GLU B 271 -5.43 22.39 51.31
CA GLU B 271 -6.84 22.01 51.35
C GLU B 271 -7.12 20.59 51.85
N MET B 272 -6.36 19.60 51.37
CA MET B 272 -6.49 18.21 51.78
C MET B 272 -6.21 17.99 53.27
N LEU B 273 -5.12 18.60 53.76
CA LEU B 273 -4.67 18.48 55.15
C LEU B 273 -5.39 19.37 56.13
N VAL B 274 -5.89 20.53 55.69
CA VAL B 274 -6.59 21.50 56.56
C VAL B 274 -8.14 21.44 56.45
N GLY B 275 -8.67 20.96 55.33
CA GLY B 275 -10.11 20.87 55.10
C GLY B 275 -10.71 22.15 54.53
N ASP B 276 -9.87 23.19 54.32
CA ASP B 276 -10.27 24.48 53.75
C ASP B 276 -9.13 25.01 52.91
N THR B 277 -9.44 25.83 51.91
CA THR B 277 -8.47 26.49 51.03
C THR B 277 -7.73 27.56 51.85
N PRO B 278 -6.40 27.78 51.64
CA PRO B 278 -5.67 28.75 52.48
C PRO B 278 -6.12 30.22 52.44
N PHE B 279 -6.74 30.67 51.34
CA PHE B 279 -7.16 32.07 51.18
C PHE B 279 -8.69 32.25 50.96
N TYR B 280 -9.49 31.45 51.68
CA TYR B 280 -10.95 31.42 51.58
C TYR B 280 -11.62 32.66 52.14
N ALA B 281 -12.74 33.08 51.47
CA ALA B 281 -13.60 34.22 51.83
C ALA B 281 -15.02 34.12 51.21
N ASP B 282 -16.01 34.85 51.80
CA ASP B 282 -17.41 34.82 51.33
C ASP B 282 -17.69 35.70 50.10
N SER B 283 -16.65 35.87 49.23
CA SER B 283 -16.71 36.59 47.96
C SER B 283 -15.48 36.35 47.08
N LEU B 284 -15.61 36.70 45.79
CA LEU B 284 -14.55 36.65 44.77
C LEU B 284 -13.55 37.78 45.01
N VAL B 285 -13.90 38.77 45.86
CA VAL B 285 -13.04 39.89 46.26
C VAL B 285 -12.26 39.51 47.53
N GLY B 286 -12.98 39.09 48.57
CA GLY B 286 -12.40 38.68 49.83
C GLY B 286 -11.27 37.67 49.69
N THR B 287 -11.42 36.73 48.72
CA THR B 287 -10.47 35.66 48.36
C THR B 287 -9.28 36.27 47.57
N TYR B 288 -9.55 37.02 46.45
CA TYR B 288 -8.53 37.66 45.58
C TYR B 288 -7.58 38.56 46.36
N SER B 289 -8.11 39.24 47.41
CA SER B 289 -7.39 40.11 48.35
C SER B 289 -6.51 39.26 49.28
N LYS B 290 -7.00 38.07 49.68
CA LYS B 290 -6.29 37.15 50.58
C LYS B 290 -5.08 36.49 49.89
N ILE B 291 -5.11 36.40 48.55
CA ILE B 291 -4.05 35.80 47.73
C ILE B 291 -2.91 36.78 47.53
N MET B 292 -3.23 38.02 47.12
CA MET B 292 -2.23 39.08 46.92
C MET B 292 -1.39 39.30 48.19
N ASN B 293 -1.99 39.05 49.37
CA ASN B 293 -1.35 39.19 50.69
C ASN B 293 -1.02 37.82 51.35
N HIS B 294 -0.57 36.84 50.53
CA HIS B 294 -0.19 35.48 50.97
C HIS B 294 0.90 35.38 52.05
N LYS B 295 1.77 36.40 52.15
CA LYS B 295 2.90 36.51 53.08
C LYS B 295 2.43 36.63 54.54
N ASN B 296 1.21 37.16 54.76
CA ASN B 296 0.64 37.36 56.10
C ASN B 296 -0.64 36.57 56.35
N SER B 297 -1.38 36.21 55.27
CA SER B 297 -2.64 35.46 55.32
C SER B 297 -2.50 33.93 55.45
N LEU B 298 -1.32 33.35 55.07
CA LEU B 298 -1.10 31.91 55.19
C LEU B 298 -0.83 31.58 56.66
N THR B 299 -1.69 30.71 57.23
CA THR B 299 -1.64 30.25 58.62
C THR B 299 -2.12 28.81 58.66
N PHE B 300 -1.59 28.03 59.61
CA PHE B 300 -2.00 26.65 59.84
C PHE B 300 -2.72 26.65 61.20
N PRO B 301 -3.95 26.09 61.31
CA PRO B 301 -4.66 26.11 62.60
C PRO B 301 -3.98 25.19 63.63
N ASP B 302 -4.34 25.37 64.94
CA ASP B 302 -3.80 24.62 66.09
C ASP B 302 -4.02 23.09 65.98
N ASP B 303 -2.90 22.28 65.99
CA ASP B 303 -2.88 20.79 65.89
C ASP B 303 -1.49 20.11 66.05
N ASN B 304 -1.50 18.76 66.19
CA ASN B 304 -0.34 17.86 66.24
C ASN B 304 -0.32 17.05 64.92
N ASP B 305 -1.39 17.25 64.11
CA ASP B 305 -1.66 16.57 62.85
C ASP B 305 -0.72 16.86 61.70
N ILE B 306 -0.66 18.13 61.24
CA ILE B 306 0.15 18.45 60.06
C ILE B 306 1.64 18.45 60.39
N SER B 307 2.41 17.56 59.76
CA SER B 307 3.84 17.43 59.95
C SER B 307 4.64 18.63 59.48
N LYS B 308 5.89 18.72 59.99
CA LYS B 308 6.88 19.74 59.70
C LYS B 308 7.08 19.83 58.15
N GLU B 309 7.37 18.69 57.51
CA GLU B 309 7.63 18.57 56.07
C GLU B 309 6.44 18.97 55.20
N ALA B 310 5.20 18.65 55.64
CA ALA B 310 3.96 19.00 54.95
C ALA B 310 3.81 20.54 54.92
N LYS B 311 3.95 21.20 56.11
CA LYS B 311 3.93 22.66 56.28
C LYS B 311 5.02 23.32 55.41
N ASN B 312 6.26 22.79 55.42
CA ASN B 312 7.38 23.30 54.62
C ASN B 312 7.10 23.21 53.13
N LEU B 313 6.50 22.10 52.67
CA LEU B 313 6.17 21.92 51.26
C LEU B 313 5.13 22.97 50.86
N ILE B 314 4.04 23.12 51.66
CA ILE B 314 2.99 24.12 51.42
C ILE B 314 3.62 25.52 51.27
N CYS B 315 4.42 25.93 52.26
CA CYS B 315 5.14 27.20 52.25
C CYS B 315 6.14 27.36 51.10
N ALA B 316 6.88 26.28 50.72
CA ALA B 316 7.82 26.30 49.58
C ALA B 316 7.06 26.55 48.26
N PHE B 317 5.78 26.17 48.23
CA PHE B 317 4.90 26.41 47.08
C PHE B 317 4.16 27.76 47.25
N LEU B 318 3.68 28.08 48.46
CA LEU B 318 2.94 29.31 48.66
C LEU B 318 3.81 30.53 48.97
N THR B 319 4.65 30.90 47.99
CA THR B 319 5.57 32.06 47.98
C THR B 319 5.52 32.76 46.63
N ASP B 320 6.27 33.87 46.47
CA ASP B 320 6.35 34.55 45.19
C ASP B 320 7.22 33.72 44.24
N ARG B 321 6.86 33.70 42.94
CA ARG B 321 7.47 32.89 41.87
C ARG B 321 9.00 32.78 41.77
N GLU B 322 9.74 33.85 42.10
CA GLU B 322 11.20 33.87 42.06
C GLU B 322 11.90 33.12 43.23
N VAL B 323 11.10 32.64 44.23
CA VAL B 323 11.56 31.92 45.43
C VAL B 323 10.79 30.60 45.60
N ARG B 324 9.84 30.34 44.70
CA ARG B 324 8.95 29.18 44.71
C ARG B 324 9.63 27.88 44.27
N LEU B 325 9.33 26.79 44.98
CA LEU B 325 9.81 25.44 44.67
C LEU B 325 9.24 25.05 43.30
N GLY B 326 10.11 24.65 42.38
CA GLY B 326 9.76 24.29 41.01
C GLY B 326 10.22 25.31 39.97
N ARG B 327 11.01 26.31 40.40
CA ARG B 327 11.58 27.34 39.54
C ARG B 327 12.90 26.80 38.91
N ASN B 328 13.43 25.70 39.49
CA ASN B 328 14.63 25.01 39.05
C ASN B 328 14.28 23.57 38.62
N GLY B 329 13.04 23.38 38.17
CA GLY B 329 12.53 22.10 37.69
C GLY B 329 11.95 21.18 38.75
N VAL B 330 11.21 20.13 38.28
CA VAL B 330 10.54 19.08 39.07
C VAL B 330 11.41 18.39 40.08
N GLU B 331 12.68 18.12 39.72
CA GLU B 331 13.61 17.40 40.60
C GLU B 331 13.67 17.98 42.00
N GLU B 332 13.64 19.33 42.14
CA GLU B 332 13.64 19.94 43.46
C GLU B 332 12.33 19.69 44.25
N ILE B 333 11.21 19.45 43.52
CA ILE B 333 9.92 19.12 44.14
C ILE B 333 9.97 17.63 44.51
N LYS B 334 10.35 16.78 43.53
CA LYS B 334 10.49 15.33 43.71
C LYS B 334 11.37 14.96 44.90
N ARG B 335 12.48 15.70 45.09
CA ARG B 335 13.43 15.49 46.19
C ARG B 335 12.94 15.99 47.55
N HIS B 336 11.83 16.75 47.63
CA HIS B 336 11.35 17.27 48.93
C HIS B 336 11.10 16.13 49.94
N LEU B 337 11.47 16.37 51.22
CA LEU B 337 11.34 15.37 52.30
C LEU B 337 9.93 14.83 52.49
N PHE B 338 8.90 15.69 52.28
CA PHE B 338 7.51 15.30 52.37
C PHE B 338 7.24 14.04 51.53
N PHE B 339 7.88 13.92 50.35
CA PHE B 339 7.70 12.74 49.50
C PHE B 339 8.47 11.47 49.94
N LYS B 340 9.42 11.58 50.91
CA LYS B 340 10.16 10.40 51.40
C LYS B 340 9.17 9.42 52.06
N ASN B 341 9.00 8.24 51.42
CA ASN B 341 8.09 7.17 51.85
C ASN B 341 8.60 5.79 51.39
N ASP B 342 8.24 4.71 52.14
CA ASP B 342 8.68 3.36 51.81
C ASP B 342 7.90 2.63 50.72
N GLN B 343 6.56 2.80 50.71
CA GLN B 343 5.63 2.15 49.76
C GLN B 343 5.97 2.38 48.27
N TRP B 344 6.27 3.64 47.86
CA TRP B 344 6.50 3.96 46.45
C TRP B 344 7.74 4.77 46.10
N ALA B 345 8.16 4.71 44.83
CA ALA B 345 9.20 5.53 44.19
C ALA B 345 8.46 6.32 43.10
N TRP B 346 9.03 7.47 42.69
CA TRP B 346 8.46 8.29 41.64
C TRP B 346 8.25 7.49 40.34
N GLU B 347 9.19 6.58 40.04
CA GLU B 347 9.20 5.70 38.85
C GLU B 347 8.27 4.52 38.96
N THR B 348 7.81 4.20 40.20
CA THR B 348 6.91 3.07 40.48
C THR B 348 5.49 3.52 40.97
N LEU B 349 5.24 4.84 41.04
CA LEU B 349 4.03 5.44 41.60
C LEU B 349 2.69 5.04 40.99
N ARG B 350 2.55 5.09 39.66
CA ARG B 350 1.27 4.74 39.03
C ARG B 350 0.98 3.25 38.96
N ASP B 351 1.94 2.43 39.39
CA ASP B 351 1.84 0.99 39.45
C ASP B 351 1.50 0.51 40.89
N THR B 352 1.70 1.39 41.91
CA THR B 352 1.36 1.07 43.29
C THR B 352 -0.18 1.04 43.52
N VAL B 353 -0.58 0.50 44.66
CA VAL B 353 -1.96 0.41 45.06
C VAL B 353 -2.32 1.77 45.63
N ALA B 354 -3.42 2.35 45.12
CA ALA B 354 -3.88 3.68 45.49
C ALA B 354 -4.47 3.67 46.89
N PRO B 355 -4.53 4.84 47.59
CA PRO B 355 -5.05 4.85 48.97
C PRO B 355 -6.53 4.49 49.10
N VAL B 356 -7.31 4.86 48.10
CA VAL B 356 -8.76 4.63 48.00
C VAL B 356 -9.02 3.94 46.68
N VAL B 357 -9.40 2.66 46.73
CA VAL B 357 -9.72 1.92 45.51
C VAL B 357 -11.26 1.97 45.32
N PRO B 358 -11.77 2.60 44.23
CA PRO B 358 -13.22 2.67 44.01
C PRO B 358 -13.92 1.31 44.07
N ASP B 359 -14.94 1.20 44.93
CA ASP B 359 -15.73 -0.03 45.07
C ASP B 359 -16.97 0.13 44.17
N LEU B 360 -16.79 -0.08 42.85
CA LEU B 360 -17.82 0.07 41.83
C LEU B 360 -18.52 -1.25 41.51
N SER B 361 -19.86 -1.20 41.34
CA SER B 361 -20.68 -2.37 41.02
C SER B 361 -20.32 -2.95 39.65
N SER B 362 -20.12 -2.07 38.65
CA SER B 362 -19.76 -2.42 37.28
C SER B 362 -18.88 -1.34 36.66
N ASP B 363 -18.44 -1.54 35.40
CA ASP B 363 -17.67 -0.57 34.62
C ASP B 363 -18.56 0.65 34.21
N ILE B 364 -19.90 0.48 34.29
CA ILE B 364 -20.90 1.48 33.96
C ILE B 364 -21.49 2.17 35.22
N ASP B 365 -20.90 1.93 36.41
CA ASP B 365 -21.36 2.53 37.67
C ASP B 365 -20.95 4.01 37.73
N THR B 366 -21.94 4.92 37.91
CA THR B 366 -21.71 6.39 37.94
C THR B 366 -21.99 7.03 39.30
N SER B 367 -22.03 6.22 40.37
CA SER B 367 -22.31 6.65 41.75
C SER B 367 -21.34 7.66 42.40
N ASN B 368 -20.09 7.76 41.93
CA ASN B 368 -19.13 8.74 42.48
C ASN B 368 -19.32 10.17 41.92
N PHE B 369 -20.36 10.35 41.05
CA PHE B 369 -20.71 11.61 40.41
C PHE B 369 -22.11 12.05 40.75
N ASP B 370 -22.25 13.30 41.24
CA ASP B 370 -23.55 13.90 41.55
C ASP B 370 -24.28 14.30 40.26
N ASP B 371 -25.55 13.84 40.10
CA ASP B 371 -26.40 14.17 38.96
C ASP B 371 -26.98 15.57 39.17
N LEU B 372 -26.97 16.38 38.09
CA LEU B 372 -27.49 17.73 37.98
C LEU B 372 -28.66 17.64 36.98
N GLU B 373 -29.55 18.67 36.87
CA GLU B 373 -30.73 18.66 35.97
C GLU B 373 -30.45 18.61 34.42
N GLU B 374 -30.94 19.61 33.61
CA GLU B 374 -30.81 19.78 32.14
C GLU B 374 -31.99 20.58 31.59
N GLU B 378 -34.44 26.15 26.94
CA GLU B 378 -34.60 26.39 25.50
C GLU B 378 -33.56 27.40 24.96
N GLU B 379 -32.45 26.88 24.39
CA GLU B 379 -31.24 27.57 23.95
C GLU B 379 -31.30 28.73 22.97
N GLU B 380 -30.47 29.77 23.24
CA GLU B 380 -30.28 30.92 22.36
C GLU B 380 -29.28 30.50 21.31
N THR B 381 -29.68 30.68 20.06
CA THR B 381 -28.84 30.32 18.92
C THR B 381 -28.62 31.47 17.93
N PHE B 382 -27.70 31.25 16.98
CA PHE B 382 -27.34 32.21 15.98
C PHE B 382 -28.57 32.72 15.23
N PRO B 383 -28.65 34.03 14.95
CA PRO B 383 -29.78 34.56 14.16
C PRO B 383 -29.69 34.09 12.71
N ILE B 384 -30.81 34.12 11.97
CA ILE B 384 -30.78 33.73 10.58
C ILE B 384 -30.10 34.84 9.77
N PRO B 385 -29.01 34.50 9.02
CA PRO B 385 -28.28 35.52 8.29
C PRO B 385 -28.97 36.01 7.05
N LYS B 386 -28.76 37.27 6.74
CA LYS B 386 -29.29 37.83 5.51
C LYS B 386 -28.13 37.90 4.49
N ALA B 387 -26.91 37.64 4.99
CA ALA B 387 -25.67 37.63 4.21
C ALA B 387 -24.73 36.58 4.82
N PHE B 388 -23.71 36.14 4.05
CA PHE B 388 -22.76 35.17 4.57
C PHE B 388 -22.05 35.80 5.77
N VAL B 389 -22.00 35.07 6.91
CA VAL B 389 -21.36 35.52 8.15
C VAL B 389 -20.25 34.54 8.58
N GLY B 390 -20.37 33.30 8.16
CA GLY B 390 -19.40 32.23 8.37
C GLY B 390 -19.16 31.80 9.80
N ASN B 391 -20.23 31.57 10.56
CA ASN B 391 -20.16 31.17 11.97
C ASN B 391 -19.51 29.84 12.26
N GLN B 392 -19.49 28.93 11.27
CA GLN B 392 -18.90 27.58 11.42
C GLN B 392 -17.40 27.55 11.18
N LEU B 393 -16.86 28.60 10.52
CA LEU B 393 -15.45 28.73 10.17
C LEU B 393 -14.49 28.64 11.37
N PRO B 394 -14.76 29.24 12.57
CA PRO B 394 -13.82 29.05 13.71
C PRO B 394 -13.60 27.60 14.17
N PHE B 395 -14.52 26.68 13.77
CA PHE B 395 -14.56 25.29 14.21
C PHE B 395 -14.15 24.22 13.20
N VAL B 396 -13.95 24.61 11.90
CA VAL B 396 -13.47 23.72 10.87
C VAL B 396 -12.16 23.11 11.37
N GLY B 397 -12.07 21.78 11.32
CA GLY B 397 -10.88 21.04 11.75
C GLY B 397 -10.94 20.44 13.13
N PHE B 398 -12.01 20.73 13.86
CA PHE B 398 -12.19 20.20 15.21
C PHE B 398 -12.46 18.70 15.25
N THR B 399 -13.10 18.14 14.21
CA THR B 399 -13.39 16.70 14.17
C THR B 399 -12.11 15.86 14.29
N TYR B 400 -12.17 14.86 15.18
CA TYR B 400 -11.10 13.91 15.45
C TYR B 400 -11.63 12.54 15.87
N TYR B 401 -11.10 11.47 15.27
CA TYR B 401 -11.45 10.09 15.59
C TYR B 401 -10.14 9.27 15.81
N SER B 402 -9.93 8.75 17.03
CA SER B 402 -8.73 7.94 17.35
C SER B 402 -8.76 6.56 16.68
N SER C 7 10.02 -40.64 7.32
CA SER C 7 11.38 -40.46 7.85
C SER C 7 11.83 -39.02 7.57
N PHE C 8 12.38 -38.23 8.56
CA PHE C 8 12.74 -36.79 8.29
C PHE C 8 13.87 -36.59 7.29
N GLU C 9 14.92 -37.43 7.35
CA GLU C 9 16.03 -37.29 6.42
C GLU C 9 15.64 -37.59 4.99
N THR C 10 14.62 -38.45 4.82
CA THR C 10 13.97 -38.75 3.55
C THR C 10 13.27 -37.45 3.09
N ARG C 11 12.49 -36.83 4.02
CA ARG C 11 11.75 -35.60 3.76
C ARG C 11 12.65 -34.45 3.35
N PHE C 12 13.83 -34.25 4.03
CA PHE C 12 14.80 -33.22 3.66
C PHE C 12 15.38 -33.51 2.26
N GLU C 13 15.69 -34.80 1.95
CA GLU C 13 16.22 -35.21 0.65
C GLU C 13 15.21 -34.94 -0.48
N LYS C 14 13.92 -35.30 -0.26
CA LYS C 14 12.81 -35.10 -1.20
C LYS C 14 12.61 -33.60 -1.45
N MET C 15 12.77 -32.79 -0.37
CA MET C 15 12.72 -31.34 -0.43
C MET C 15 13.94 -30.79 -1.20
N ASP C 16 15.15 -31.34 -0.95
CA ASP C 16 16.39 -30.97 -1.66
C ASP C 16 16.29 -31.20 -3.17
N ASN C 17 15.62 -32.30 -3.56
CA ASN C 17 15.40 -32.65 -4.96
C ASN C 17 14.48 -31.65 -5.64
N LEU C 18 13.41 -31.24 -4.92
CA LEU C 18 12.43 -30.26 -5.37
C LEU C 18 13.08 -28.91 -5.62
N LEU C 19 14.07 -28.53 -4.79
CA LEU C 19 14.82 -27.27 -4.93
C LEU C 19 15.77 -27.27 -6.12
N ARG C 20 16.32 -28.45 -6.44
CA ARG C 20 17.30 -28.71 -7.49
C ARG C 20 16.66 -28.85 -8.88
N ASP C 21 15.48 -29.47 -8.94
CA ASP C 21 14.79 -29.75 -10.20
C ASP C 21 14.45 -28.51 -11.05
N PRO C 22 15.04 -28.39 -12.27
CA PRO C 22 14.71 -27.21 -13.13
C PRO C 22 13.26 -27.17 -13.59
N LYS C 23 12.60 -28.34 -13.64
CA LYS C 23 11.20 -28.46 -14.05
C LYS C 23 10.23 -28.38 -12.82
N SER C 24 10.78 -28.26 -11.58
CA SER C 24 10.01 -28.10 -10.35
C SER C 24 9.42 -26.70 -10.23
N GLU C 25 8.23 -26.59 -9.58
CA GLU C 25 7.54 -25.32 -9.38
C GLU C 25 8.09 -24.56 -8.15
N VAL C 26 8.78 -25.29 -7.26
CA VAL C 26 9.39 -24.78 -6.03
C VAL C 26 10.92 -24.95 -6.00
N ASN C 27 11.58 -24.72 -7.14
CA ASN C 27 13.03 -24.82 -7.16
C ASN C 27 13.58 -23.49 -6.69
N SER C 28 14.85 -23.44 -6.26
CA SER C 28 15.50 -22.24 -5.71
C SER C 28 15.21 -20.95 -6.47
N ASP C 29 15.26 -20.99 -7.82
CA ASP C 29 14.96 -19.81 -8.66
C ASP C 29 13.49 -19.34 -8.66
N CYS C 30 12.52 -20.27 -8.49
CA CYS C 30 11.11 -19.90 -8.37
C CYS C 30 10.81 -19.35 -6.99
N LEU C 31 11.54 -19.83 -5.99
CA LEU C 31 11.44 -19.34 -4.62
C LEU C 31 12.01 -17.93 -4.53
N LEU C 32 13.12 -17.68 -5.23
CA LEU C 32 13.71 -16.34 -5.32
C LEU C 32 12.73 -15.39 -6.10
N ASP C 33 11.95 -15.95 -7.10
CA ASP C 33 10.94 -15.21 -7.88
C ASP C 33 9.79 -14.77 -7.02
N GLY C 34 9.44 -15.62 -6.07
CA GLY C 34 8.38 -15.36 -5.10
C GLY C 34 8.70 -14.20 -4.20
N LEU C 35 9.89 -14.23 -3.58
CA LEU C 35 10.35 -13.16 -2.69
C LEU C 35 10.42 -11.85 -3.43
N ASP C 36 11.02 -11.87 -4.63
CA ASP C 36 11.18 -10.72 -5.50
C ASP C 36 9.83 -10.11 -5.89
N ALA C 37 8.86 -10.96 -6.29
CA ALA C 37 7.51 -10.57 -6.65
C ALA C 37 6.86 -9.91 -5.46
N LEU C 38 6.84 -10.60 -4.31
CA LEU C 38 6.28 -10.10 -3.06
C LEU C 38 6.81 -8.71 -2.69
N VAL C 39 8.14 -8.48 -2.77
CA VAL C 39 8.78 -7.18 -2.48
C VAL C 39 8.30 -6.05 -3.45
N TYR C 40 8.29 -6.33 -4.79
CA TYR C 40 7.83 -5.37 -5.80
C TYR C 40 6.34 -5.00 -5.57
N ASP C 41 5.52 -6.00 -5.24
CA ASP C 41 4.10 -5.85 -5.03
C ASP C 41 3.70 -5.19 -3.74
N LEU C 42 4.59 -5.19 -2.76
CA LEU C 42 4.31 -4.60 -1.46
C LEU C 42 4.97 -3.23 -1.27
N ASP C 43 6.09 -2.94 -2.00
CA ASP C 43 6.78 -1.66 -1.80
C ASP C 43 6.11 -0.44 -2.40
N PHE C 44 5.02 0.01 -1.77
CA PHE C 44 4.24 1.19 -2.14
C PHE C 44 3.82 1.91 -0.88
N PRO C 45 3.92 3.28 -0.84
CA PRO C 45 3.57 4.05 0.38
C PRO C 45 2.25 3.73 1.08
N ALA C 46 1.19 3.48 0.31
CA ALA C 46 -0.14 3.15 0.82
C ALA C 46 -0.15 1.84 1.63
N LEU C 47 0.54 0.80 1.09
CA LEU C 47 0.66 -0.54 1.70
C LEU C 47 1.61 -0.52 2.90
N ARG C 48 2.60 0.40 2.89
CA ARG C 48 3.60 0.52 3.94
C ARG C 48 3.03 1.10 5.23
N LYS C 49 1.75 1.52 5.19
CA LYS C 49 1.01 2.03 6.35
C LYS C 49 0.65 0.82 7.24
N ASN C 50 0.74 -0.40 6.64
CA ASN C 50 0.52 -1.68 7.29
C ASN C 50 1.84 -2.07 7.91
N LYS C 51 1.88 -2.19 9.26
CA LYS C 51 3.08 -2.54 10.03
C LYS C 51 3.73 -3.84 9.57
N ASN C 52 2.92 -4.90 9.34
CA ASN C 52 3.40 -6.20 8.86
C ASN C 52 4.18 -6.03 7.56
N ILE C 53 3.60 -5.28 6.59
CA ILE C 53 4.23 -5.02 5.30
C ILE C 53 5.46 -4.12 5.45
N ASP C 54 5.32 -3.02 6.20
CA ASP C 54 6.43 -2.10 6.42
C ASP C 54 7.67 -2.77 7.03
N ASN C 55 7.51 -3.47 8.17
CA ASN C 55 8.58 -4.18 8.86
C ASN C 55 9.29 -5.23 8.02
N PHE C 56 8.50 -6.02 7.25
CA PHE C 56 8.97 -7.07 6.34
C PHE C 56 9.89 -6.48 5.31
N LEU C 57 9.47 -5.38 4.68
CA LEU C 57 10.25 -4.67 3.65
C LEU C 57 11.54 -4.08 4.19
N SER C 58 11.49 -3.55 5.43
CA SER C 58 12.66 -2.99 6.12
C SER C 58 13.68 -4.12 6.38
N ARG C 59 13.19 -5.26 6.92
CA ARG C 59 13.92 -6.48 7.21
C ARG C 59 14.62 -7.07 5.97
N TYR C 60 13.95 -7.04 4.80
CA TYR C 60 14.50 -7.60 3.57
C TYR C 60 15.20 -6.65 2.63
N LYS C 61 15.18 -5.32 2.91
CA LYS C 61 15.78 -4.29 2.05
C LYS C 61 17.16 -4.69 1.50
N ASP C 62 18.15 -4.89 2.38
CA ASP C 62 19.53 -5.24 2.02
C ASP C 62 19.62 -6.55 1.25
N THR C 63 18.93 -7.61 1.76
CA THR C 63 18.92 -8.95 1.17
C THR C 63 18.32 -8.96 -0.24
N ILE C 64 17.23 -8.22 -0.47
CA ILE C 64 16.58 -8.13 -1.78
C ILE C 64 17.45 -7.38 -2.81
N ASN C 65 18.16 -6.33 -2.38
CA ASN C 65 19.06 -5.54 -3.24
C ASN C 65 20.27 -6.37 -3.65
N LYS C 66 20.78 -7.24 -2.74
CA LYS C 66 21.91 -8.15 -2.99
C LYS C 66 21.49 -9.18 -4.03
N ILE C 67 20.39 -9.89 -3.78
CA ILE C 67 19.81 -10.88 -4.67
C ILE C 67 19.59 -10.25 -6.08
N ARG C 68 18.91 -9.08 -6.14
CA ARG C 68 18.65 -8.36 -7.40
C ARG C 68 19.93 -8.03 -8.13
N ASP C 69 21.01 -7.68 -7.39
CA ASP C 69 22.30 -7.39 -8.01
C ASP C 69 22.96 -8.67 -8.53
N LEU C 70 22.99 -9.74 -7.69
CA LEU C 70 23.58 -11.03 -8.04
C LEU C 70 22.91 -11.72 -9.21
N ARG C 71 21.57 -11.95 -9.12
CA ARG C 71 20.77 -12.56 -10.19
C ARG C 71 20.84 -11.74 -11.48
N MET C 72 20.68 -12.41 -12.63
CA MET C 72 20.69 -11.85 -13.97
C MET C 72 19.67 -10.71 -14.13
N LYS C 73 20.11 -9.62 -14.74
CA LYS C 73 19.30 -8.44 -14.96
C LYS C 73 19.48 -7.87 -16.38
N ALA C 74 18.58 -6.95 -16.78
CA ALA C 74 18.61 -6.31 -18.10
C ALA C 74 19.93 -5.59 -18.31
N GLU C 75 20.45 -4.95 -17.23
CA GLU C 75 21.72 -4.22 -17.27
C GLU C 75 22.99 -5.05 -17.54
N ASP C 76 22.87 -6.41 -17.57
CA ASP C 76 23.96 -7.33 -17.88
C ASP C 76 24.16 -7.40 -19.39
N TYR C 77 23.11 -7.05 -20.17
CA TYR C 77 23.11 -7.08 -21.63
C TYR C 77 23.07 -5.68 -22.27
N GLU C 78 23.59 -5.58 -23.48
CA GLU C 78 23.73 -4.35 -24.26
C GLU C 78 23.02 -4.59 -25.59
N VAL C 79 22.14 -3.66 -26.00
CA VAL C 79 21.41 -3.80 -27.26
C VAL C 79 22.31 -3.60 -28.49
N VAL C 80 22.51 -4.66 -29.26
CA VAL C 80 23.32 -4.63 -30.47
C VAL C 80 22.46 -4.12 -31.63
N LYS C 81 21.19 -4.59 -31.70
CA LYS C 81 20.26 -4.31 -32.79
C LYS C 81 18.83 -4.76 -32.40
N VAL C 82 17.77 -3.96 -32.75
CA VAL C 82 16.37 -4.33 -32.52
C VAL C 82 15.93 -5.02 -33.83
N ILE C 83 15.55 -6.32 -33.74
CA ILE C 83 15.19 -7.13 -34.90
C ILE C 83 13.69 -7.44 -35.07
N GLY C 84 12.93 -7.36 -33.98
CA GLY C 84 11.50 -7.62 -33.97
C GLY C 84 10.72 -6.70 -33.05
N ARG C 85 9.43 -6.49 -33.36
CA ARG C 85 8.56 -5.64 -32.54
C ARG C 85 7.11 -6.10 -32.63
N GLY C 86 6.61 -6.64 -31.52
CA GLY C 86 5.24 -7.10 -31.40
C GLY C 86 4.45 -6.18 -30.51
N ALA C 87 3.18 -6.55 -30.22
CA ALA C 87 2.32 -5.78 -29.33
C ALA C 87 2.71 -6.04 -27.88
N PHE C 88 3.31 -7.23 -27.63
CA PHE C 88 3.72 -7.68 -26.30
C PHE C 88 5.17 -7.38 -25.91
N GLY C 89 5.98 -6.99 -26.88
CA GLY C 89 7.37 -6.62 -26.65
C GLY C 89 8.20 -6.60 -27.91
N GLU C 90 9.53 -6.54 -27.73
CA GLU C 90 10.53 -6.49 -28.78
C GLU C 90 11.39 -7.75 -28.76
N VAL C 91 12.05 -8.02 -29.90
CA VAL C 91 13.05 -9.08 -30.05
C VAL C 91 14.31 -8.35 -30.48
N GLN C 92 15.37 -8.51 -29.74
CA GLN C 92 16.60 -7.79 -30.05
C GLN C 92 17.84 -8.68 -29.96
N LEU C 93 18.89 -8.32 -30.71
CA LEU C 93 20.17 -9.00 -30.69
C LEU C 93 20.93 -8.25 -29.60
N VAL C 94 21.35 -8.97 -28.56
CA VAL C 94 22.06 -8.39 -27.42
C VAL C 94 23.45 -8.97 -27.32
N ARG C 95 24.24 -8.41 -26.44
CA ARG C 95 25.58 -8.85 -26.16
C ARG C 95 25.72 -8.82 -24.66
N HIS C 96 26.32 -9.86 -24.07
CA HIS C 96 26.60 -9.87 -22.64
C HIS C 96 27.84 -8.93 -22.45
N LYS C 97 27.68 -7.88 -21.64
CA LYS C 97 28.67 -6.83 -21.40
C LYS C 97 30.06 -7.34 -21.04
N SER C 98 30.14 -8.36 -20.17
CA SER C 98 31.41 -8.97 -19.75
C SER C 98 32.00 -9.96 -20.79
N THR C 99 31.19 -10.98 -21.21
CA THR C 99 31.61 -12.04 -22.16
C THR C 99 31.69 -11.63 -23.63
N ARG C 100 31.00 -10.55 -24.04
CA ARG C 100 30.94 -10.05 -25.44
C ARG C 100 30.28 -11.03 -26.46
N LYS C 101 29.59 -12.10 -25.94
CA LYS C 101 28.89 -13.09 -26.74
C LYS C 101 27.53 -12.54 -27.17
N VAL C 102 27.17 -12.71 -28.47
CA VAL C 102 25.91 -12.25 -29.04
C VAL C 102 24.83 -13.30 -28.87
N TYR C 103 23.65 -12.87 -28.36
CA TYR C 103 22.45 -13.68 -28.12
C TYR C 103 21.26 -12.93 -28.69
N ALA C 104 20.12 -13.62 -28.76
CA ALA C 104 18.84 -13.01 -29.15
C ALA C 104 18.01 -12.89 -27.86
N MET C 105 17.37 -11.75 -27.67
CA MET C 105 16.61 -11.49 -26.46
C MET C 105 15.17 -11.12 -26.76
N LYS C 106 14.21 -11.92 -26.27
CA LYS C 106 12.81 -11.60 -26.46
C LYS C 106 12.34 -11.00 -25.16
N LEU C 107 11.77 -9.77 -25.25
CA LEU C 107 11.22 -9.03 -24.13
C LEU C 107 9.69 -9.05 -24.21
N LEU C 108 9.02 -9.34 -23.10
CA LEU C 108 7.55 -9.33 -23.00
C LEU C 108 7.16 -8.40 -21.90
N SER C 109 6.27 -7.46 -22.23
CA SER C 109 5.75 -6.45 -21.32
C SER C 109 4.75 -7.08 -20.35
N LYS C 110 5.06 -7.05 -19.05
CA LYS C 110 4.15 -7.57 -18.04
C LYS C 110 2.87 -6.70 -18.03
N PHE C 111 3.02 -5.35 -18.10
CA PHE C 111 1.88 -4.45 -18.19
C PHE C 111 0.98 -4.84 -19.34
N GLU C 112 1.56 -4.84 -20.56
CA GLU C 112 0.83 -5.23 -21.75
C GLU C 112 0.15 -6.59 -21.63
N MET C 113 0.82 -7.60 -21.08
CA MET C 113 0.22 -8.93 -20.85
C MET C 113 -0.97 -8.93 -19.89
N ILE C 114 -0.92 -8.12 -18.82
CA ILE C 114 -2.01 -8.01 -17.85
C ILE C 114 -3.19 -7.30 -18.51
N LYS C 115 -2.93 -6.19 -19.24
CA LYS C 115 -3.91 -5.37 -19.95
C LYS C 115 -4.81 -6.18 -20.89
N ARG C 116 -4.36 -7.36 -21.36
CA ARG C 116 -5.07 -8.18 -22.33
C ARG C 116 -4.85 -9.72 -22.31
N SER C 117 -4.53 -10.34 -21.12
CA SER C 117 -4.26 -11.78 -20.93
C SER C 117 -3.75 -12.57 -22.15
N PHE C 121 0.93 -18.18 -21.55
CA PHE C 121 1.34 -18.40 -22.97
C PHE C 121 2.86 -18.49 -23.15
N PHE C 122 3.57 -17.65 -22.40
CA PHE C 122 5.04 -17.56 -22.31
C PHE C 122 5.54 -18.82 -21.65
N TRP C 123 4.67 -19.50 -20.85
CA TRP C 123 5.05 -20.73 -20.16
C TRP C 123 5.52 -21.81 -21.14
N GLU C 124 4.68 -22.16 -22.14
CA GLU C 124 5.04 -23.16 -23.15
C GLU C 124 6.21 -22.72 -24.04
N GLU C 125 6.24 -21.44 -24.46
CA GLU C 125 7.36 -20.90 -25.23
C GLU C 125 8.65 -21.11 -24.40
N ARG C 126 8.62 -20.68 -23.11
CA ARG C 126 9.76 -20.86 -22.19
C ARG C 126 10.16 -22.33 -22.10
N ASP C 127 9.19 -23.22 -21.89
CA ASP C 127 9.40 -24.66 -21.75
C ASP C 127 9.93 -25.35 -23.02
N ILE C 128 9.35 -25.05 -24.20
CA ILE C 128 9.79 -25.63 -25.48
C ILE C 128 11.25 -25.26 -25.72
N MET C 129 11.58 -23.96 -25.66
CA MET C 129 12.95 -23.50 -25.87
C MET C 129 13.96 -23.98 -24.83
N ALA C 130 13.52 -24.20 -23.58
CA ALA C 130 14.39 -24.63 -22.48
C ALA C 130 14.65 -26.13 -22.46
N PHE C 131 13.59 -26.93 -22.58
CA PHE C 131 13.69 -28.37 -22.44
C PHE C 131 13.51 -29.21 -23.71
N ALA C 132 13.42 -28.57 -24.92
CA ALA C 132 13.28 -29.31 -26.19
C ALA C 132 14.49 -30.16 -26.56
N ASN C 133 15.71 -29.72 -26.23
CA ASN C 133 16.97 -30.40 -26.58
C ASN C 133 16.91 -31.00 -28.03
N SER C 134 16.51 -30.13 -28.98
CA SER C 134 16.35 -30.50 -30.37
C SER C 134 17.22 -29.62 -31.28
N PRO C 135 17.88 -30.19 -32.32
CA PRO C 135 18.67 -29.34 -33.22
C PRO C 135 17.78 -28.49 -34.12
N TRP C 136 16.46 -28.65 -33.98
CA TRP C 136 15.43 -27.97 -34.77
C TRP C 136 14.75 -26.82 -34.07
N VAL C 137 14.91 -26.75 -32.73
CA VAL C 137 14.29 -25.74 -31.88
C VAL C 137 15.38 -24.83 -31.32
N VAL C 138 15.16 -23.49 -31.41
CA VAL C 138 16.09 -22.49 -30.88
C VAL C 138 16.21 -22.71 -29.35
N GLN C 139 17.43 -22.85 -28.89
CA GLN C 139 17.67 -23.10 -27.48
C GLN C 139 17.53 -21.81 -26.69
N LEU C 140 16.89 -21.91 -25.50
CA LEU C 140 16.76 -20.82 -24.55
C LEU C 140 17.82 -21.03 -23.50
N PHE C 141 18.74 -20.06 -23.40
CA PHE C 141 19.84 -20.10 -22.43
C PHE C 141 19.37 -19.64 -21.05
N TYR C 142 18.81 -18.43 -21.00
CA TYR C 142 18.34 -17.83 -19.76
C TYR C 142 17.00 -17.21 -19.93
N ALA C 143 16.21 -17.26 -18.86
CA ALA C 143 14.91 -16.63 -18.73
C ALA C 143 15.00 -15.90 -17.38
N PHE C 144 14.72 -14.62 -17.38
CA PHE C 144 14.75 -13.79 -16.20
C PHE C 144 13.68 -12.72 -16.31
N GLN C 145 13.57 -11.88 -15.24
CA GLN C 145 12.55 -10.83 -15.20
C GLN C 145 12.85 -9.72 -14.20
N ASP C 146 12.05 -8.68 -14.25
CA ASP C 146 12.01 -7.54 -13.31
C ASP C 146 10.50 -7.17 -13.13
N ASP C 147 10.19 -6.04 -12.52
CA ASP C 147 8.80 -5.65 -12.31
C ASP C 147 8.11 -5.22 -13.59
N ARG C 148 8.90 -4.93 -14.66
CA ARG C 148 8.40 -4.48 -15.96
C ARG C 148 8.38 -5.52 -17.06
N TYR C 149 9.49 -6.29 -17.23
CA TYR C 149 9.60 -7.25 -18.33
C TYR C 149 9.96 -8.67 -17.96
N LEU C 150 9.59 -9.59 -18.87
CA LEU C 150 9.98 -10.98 -18.92
C LEU C 150 11.07 -10.95 -20.01
N TYR C 151 12.20 -11.65 -19.80
CA TYR C 151 13.30 -11.71 -20.77
C TYR C 151 13.63 -13.15 -21.10
N MET C 152 13.89 -13.41 -22.36
CA MET C 152 14.26 -14.74 -22.85
C MET C 152 15.52 -14.63 -23.69
N VAL C 153 16.67 -15.03 -23.12
CA VAL C 153 17.98 -15.09 -23.76
C VAL C 153 18.07 -16.39 -24.57
N MET C 154 18.06 -16.26 -25.90
CA MET C 154 18.11 -17.40 -26.83
C MET C 154 19.39 -17.46 -27.60
N GLU C 155 19.70 -18.66 -28.14
CA GLU C 155 20.91 -18.83 -28.95
C GLU C 155 20.82 -17.99 -30.22
N TYR C 156 21.93 -17.36 -30.58
CA TYR C 156 22.01 -16.51 -31.75
C TYR C 156 22.14 -17.35 -33.03
N MET C 157 21.31 -17.03 -34.04
CA MET C 157 21.23 -17.70 -35.35
C MET C 157 21.73 -16.72 -36.42
N PRO C 158 23.05 -16.73 -36.72
CA PRO C 158 23.59 -15.71 -37.65
C PRO C 158 23.17 -15.67 -39.13
N GLY C 159 22.55 -16.71 -39.63
CA GLY C 159 22.09 -16.76 -41.01
C GLY C 159 20.82 -15.98 -41.29
N GLY C 160 20.17 -15.48 -40.25
CA GLY C 160 18.92 -14.75 -40.37
C GLY C 160 17.74 -15.65 -40.67
N ASP C 161 16.60 -15.07 -41.03
CA ASP C 161 15.43 -15.89 -41.32
C ASP C 161 15.24 -16.15 -42.83
N LEU C 162 14.22 -16.97 -43.16
CA LEU C 162 13.87 -17.33 -44.53
C LEU C 162 13.23 -16.17 -45.31
N VAL C 163 12.62 -15.18 -44.63
CA VAL C 163 12.04 -13.98 -45.27
C VAL C 163 13.18 -13.20 -45.95
N ASN C 164 14.29 -13.03 -45.22
CA ASN C 164 15.51 -12.38 -45.71
C ASN C 164 16.07 -13.19 -46.89
N LEU C 165 16.12 -14.54 -46.78
CA LEU C 165 16.62 -15.41 -47.85
C LEU C 165 15.78 -15.25 -49.12
N MET C 166 14.45 -15.34 -48.96
CA MET C 166 13.48 -15.22 -50.03
C MET C 166 13.49 -13.84 -50.69
N SER C 167 13.93 -12.80 -49.96
CA SER C 167 14.05 -11.45 -50.50
C SER C 167 15.34 -11.24 -51.30
N ASN C 168 16.38 -12.04 -51.07
CA ASN C 168 17.65 -11.92 -51.80
C ASN C 168 17.81 -12.94 -52.91
N TYR C 169 17.16 -14.10 -52.78
CA TYR C 169 17.30 -15.16 -53.77
C TYR C 169 15.97 -15.63 -54.34
N ASP C 170 16.01 -16.20 -55.56
CA ASP C 170 14.87 -16.77 -56.28
C ASP C 170 15.06 -18.26 -56.12
N VAL C 171 14.46 -18.81 -55.07
CA VAL C 171 14.56 -20.20 -54.57
C VAL C 171 14.37 -21.33 -55.57
N PRO C 172 15.43 -21.96 -56.11
CA PRO C 172 15.21 -23.16 -56.95
C PRO C 172 14.66 -24.32 -56.09
N GLU C 173 13.97 -25.31 -56.68
CA GLU C 173 13.34 -26.40 -55.90
C GLU C 173 14.29 -27.27 -55.06
N LYS C 174 15.58 -27.40 -55.45
CA LYS C 174 16.48 -28.17 -54.60
C LYS C 174 16.53 -27.52 -53.22
N TRP C 175 16.66 -26.17 -53.17
CA TRP C 175 16.70 -25.39 -51.93
C TRP C 175 15.36 -25.48 -51.22
N ALA C 176 14.27 -25.32 -51.98
CA ALA C 176 12.90 -25.38 -51.46
C ALA C 176 12.68 -26.73 -50.83
N ARG C 177 13.21 -27.81 -51.43
CA ARG C 177 13.14 -29.19 -50.89
C ARG C 177 13.90 -29.32 -49.58
N PHE C 178 15.07 -28.69 -49.48
CA PHE C 178 15.90 -28.72 -48.29
C PHE C 178 15.20 -28.04 -47.12
N TYR C 179 14.77 -26.77 -47.30
CA TYR C 179 14.08 -26.00 -46.26
C TYR C 179 12.75 -26.57 -45.87
N THR C 180 11.98 -27.16 -46.82
CA THR C 180 10.68 -27.80 -46.54
C THR C 180 10.89 -29.03 -45.68
N ALA C 181 11.85 -29.89 -46.07
CA ALA C 181 12.22 -31.09 -45.33
C ALA C 181 12.65 -30.79 -43.88
N GLU C 182 13.45 -29.74 -43.69
CA GLU C 182 13.94 -29.35 -42.38
C GLU C 182 12.82 -28.86 -41.49
N VAL C 183 11.84 -28.08 -42.03
CA VAL C 183 10.64 -27.60 -41.31
C VAL C 183 9.78 -28.82 -40.91
N VAL C 184 9.58 -29.78 -41.84
CA VAL C 184 8.86 -31.03 -41.57
C VAL C 184 9.47 -31.74 -40.33
N LEU C 185 10.81 -31.87 -40.28
CA LEU C 185 11.49 -32.50 -39.17
C LEU C 185 11.33 -31.68 -37.90
N ALA C 186 11.48 -30.35 -38.00
CA ALA C 186 11.35 -29.40 -36.90
C ALA C 186 9.93 -29.42 -36.33
N LEU C 187 8.92 -29.49 -37.21
CA LEU C 187 7.52 -29.54 -36.79
C LEU C 187 7.17 -30.87 -36.16
N ASP C 188 7.71 -31.96 -36.73
CA ASP C 188 7.56 -33.30 -36.17
C ASP C 188 8.14 -33.39 -34.77
N ALA C 189 9.24 -32.66 -34.52
CA ALA C 189 9.88 -32.59 -33.21
C ALA C 189 8.92 -31.91 -32.22
N ILE C 190 8.35 -30.75 -32.59
CA ILE C 190 7.38 -30.02 -31.76
C ILE C 190 6.15 -30.88 -31.44
N HIS C 191 5.64 -31.59 -32.45
CA HIS C 191 4.49 -32.48 -32.37
C HIS C 191 4.72 -33.59 -31.37
N SER C 192 5.93 -34.21 -31.40
CA SER C 192 6.37 -35.28 -30.51
C SER C 192 6.45 -34.85 -29.05
N MET C 193 6.57 -33.55 -28.82
CA MET C 193 6.60 -32.95 -27.49
C MET C 193 5.18 -32.69 -26.99
N GLY C 194 4.20 -32.86 -27.89
CA GLY C 194 2.77 -32.67 -27.62
C GLY C 194 2.18 -31.33 -27.95
N PHE C 195 2.85 -30.52 -28.80
CA PHE C 195 2.42 -29.19 -29.19
C PHE C 195 2.16 -29.01 -30.69
N ILE C 196 1.24 -28.07 -31.00
CA ILE C 196 0.92 -27.60 -32.34
C ILE C 196 1.49 -26.18 -32.35
N HIS C 197 2.37 -25.84 -33.31
CA HIS C 197 3.00 -24.52 -33.39
C HIS C 197 2.01 -23.38 -33.64
N ARG C 198 1.08 -23.55 -34.60
CA ARG C 198 0.03 -22.57 -34.94
C ARG C 198 0.51 -21.25 -35.56
N ASP C 199 1.82 -21.06 -35.70
CA ASP C 199 2.34 -19.82 -36.29
C ASP C 199 3.57 -20.12 -37.18
N VAL C 200 3.46 -21.14 -38.03
CA VAL C 200 4.55 -21.60 -38.89
C VAL C 200 4.62 -20.67 -40.08
N LYS C 201 5.75 -19.94 -40.20
CA LYS C 201 5.97 -18.94 -41.26
C LYS C 201 7.46 -18.72 -41.45
N PRO C 202 7.92 -18.20 -42.62
CA PRO C 202 9.38 -17.97 -42.80
C PRO C 202 10.04 -17.03 -41.79
N ASP C 203 9.27 -16.14 -41.14
CA ASP C 203 9.77 -15.20 -40.13
C ASP C 203 10.22 -15.94 -38.86
N ASN C 204 9.67 -17.12 -38.61
CA ASN C 204 9.97 -17.93 -37.45
C ASN C 204 10.93 -19.12 -37.73
N MET C 205 11.52 -19.13 -38.95
CA MET C 205 12.49 -20.11 -39.44
C MET C 205 13.82 -19.37 -39.53
N LEU C 206 14.75 -19.70 -38.63
CA LEU C 206 16.06 -19.05 -38.53
C LEU C 206 17.14 -19.98 -39.04
N LEU C 207 18.21 -19.43 -39.57
CA LEU C 207 19.34 -20.24 -40.07
C LEU C 207 20.56 -20.11 -39.14
N ASP C 208 21.19 -21.23 -38.79
CA ASP C 208 22.40 -21.17 -37.99
C ASP C 208 23.67 -20.81 -38.86
N LYS C 209 24.91 -20.90 -38.29
CA LYS C 209 26.18 -20.59 -39.01
C LYS C 209 26.43 -21.51 -40.24
N SER C 210 25.93 -22.75 -40.20
CA SER C 210 26.07 -23.76 -41.25
C SER C 210 25.03 -23.66 -42.33
N GLY C 211 23.96 -22.89 -42.08
CA GLY C 211 22.84 -22.69 -42.99
C GLY C 211 21.66 -23.62 -42.77
N HIS C 212 21.60 -24.29 -41.59
CA HIS C 212 20.55 -25.23 -41.21
C HIS C 212 19.56 -24.55 -40.34
N LEU C 213 18.30 -24.87 -40.60
CA LEU C 213 17.10 -24.31 -40.03
C LEU C 213 16.83 -24.72 -38.59
N LYS C 214 16.22 -23.79 -37.85
CA LYS C 214 15.71 -23.90 -36.48
C LYS C 214 14.40 -23.12 -36.43
N LEU C 215 13.38 -23.69 -35.78
CA LEU C 215 12.11 -22.99 -35.62
C LEU C 215 12.21 -22.01 -34.43
N ALA C 216 11.59 -20.82 -34.53
CA ALA C 216 11.52 -19.82 -33.45
C ALA C 216 10.05 -19.49 -33.18
N ASP C 217 9.79 -18.59 -32.22
CA ASP C 217 8.45 -18.15 -31.76
C ASP C 217 7.47 -19.23 -31.37
N PHE C 218 7.49 -19.66 -30.12
CA PHE C 218 6.52 -20.67 -29.64
C PHE C 218 5.45 -20.04 -28.77
N GLY C 219 5.25 -18.73 -28.94
CA GLY C 219 4.26 -17.93 -28.22
C GLY C 219 2.81 -18.25 -28.54
N THR C 220 2.57 -19.17 -29.48
CA THR C 220 1.24 -19.57 -29.92
C THR C 220 1.06 -21.06 -29.82
N CYS C 221 2.09 -21.76 -29.35
CA CYS C 221 2.09 -23.20 -29.11
C CYS C 221 1.04 -23.60 -28.08
N MET C 222 0.25 -24.60 -28.44
CA MET C 222 -0.79 -25.14 -27.57
C MET C 222 -0.57 -26.63 -27.41
N LYS C 223 -0.73 -27.15 -26.17
CA LYS C 223 -0.56 -28.56 -25.84
C LYS C 223 -1.79 -29.35 -26.28
N MET C 224 -1.55 -30.42 -27.05
CA MET C 224 -2.59 -31.32 -27.54
C MET C 224 -3.21 -32.15 -26.40
N ASN C 225 -4.44 -32.67 -26.59
CA ASN C 225 -5.12 -33.51 -25.59
C ASN C 225 -4.84 -35.00 -25.90
N LYS C 226 -5.56 -35.93 -25.22
CA LYS C 226 -5.44 -37.38 -25.42
C LYS C 226 -5.73 -37.77 -26.90
N GLU C 227 -6.63 -37.02 -27.57
CA GLU C 227 -7.02 -37.23 -28.97
C GLU C 227 -6.11 -36.45 -29.95
N GLY C 228 -5.06 -35.82 -29.41
CA GLY C 228 -4.10 -35.02 -30.15
C GLY C 228 -4.74 -33.79 -30.78
N MET C 229 -5.76 -33.27 -30.07
CA MET C 229 -6.60 -32.16 -30.49
C MET C 229 -6.45 -30.96 -29.56
N VAL C 230 -6.97 -29.80 -30.01
CA VAL C 230 -6.90 -28.53 -29.28
C VAL C 230 -8.26 -27.79 -29.38
N ARG C 231 -8.77 -27.31 -28.22
CA ARG C 231 -10.02 -26.53 -28.14
C ARG C 231 -9.63 -25.06 -28.07
N CYS C 232 -9.91 -24.30 -29.14
CA CYS C 232 -9.60 -22.88 -29.23
C CYS C 232 -10.63 -22.21 -30.12
N ASP C 233 -11.23 -21.10 -29.63
CA ASP C 233 -12.23 -20.33 -30.37
C ASP C 233 -11.67 -19.00 -30.89
N THR C 234 -10.35 -18.77 -30.71
CA THR C 234 -9.66 -17.57 -31.18
C THR C 234 -8.67 -17.88 -32.32
N ALA C 235 -8.68 -17.02 -33.36
CA ALA C 235 -7.79 -17.14 -34.52
C ALA C 235 -6.39 -16.82 -34.06
N VAL C 236 -5.42 -17.59 -34.55
CA VAL C 236 -4.04 -17.49 -34.13
C VAL C 236 -3.14 -17.62 -35.36
N GLY C 237 -2.09 -16.81 -35.42
CA GLY C 237 -1.13 -16.87 -36.51
C GLY C 237 -1.17 -15.70 -37.45
N THR C 238 -0.39 -15.78 -38.53
CA THR C 238 -0.23 -14.75 -39.52
C THR C 238 -1.23 -14.90 -40.66
N PRO C 239 -1.99 -13.82 -40.99
CA PRO C 239 -3.02 -13.90 -42.04
C PRO C 239 -2.78 -14.75 -43.28
N ASP C 240 -1.55 -14.73 -43.83
CA ASP C 240 -1.22 -15.47 -45.04
C ASP C 240 -1.09 -16.98 -44.84
N TYR C 241 -0.64 -17.41 -43.64
CA TYR C 241 -0.34 -18.81 -43.28
C TYR C 241 -1.40 -19.52 -42.47
N ILE C 242 -2.43 -18.78 -42.01
CA ILE C 242 -3.53 -19.28 -41.21
C ILE C 242 -4.38 -20.31 -42.02
N SER C 243 -4.60 -21.50 -41.44
CA SER C 243 -5.34 -22.59 -42.08
C SER C 243 -6.84 -22.31 -42.05
N PRO C 244 -7.69 -22.92 -42.94
CA PRO C 244 -9.14 -22.64 -42.86
C PRO C 244 -9.77 -23.00 -41.52
N GLU C 245 -9.33 -24.12 -40.87
CA GLU C 245 -9.87 -24.55 -39.57
C GLU C 245 -9.61 -23.57 -38.40
N VAL C 246 -8.41 -22.96 -38.35
CA VAL C 246 -8.04 -21.97 -37.32
C VAL C 246 -8.80 -20.68 -37.62
N LEU C 247 -8.89 -20.33 -38.92
CA LEU C 247 -9.62 -19.18 -39.41
C LEU C 247 -11.10 -19.25 -38.99
N LYS C 248 -11.70 -20.45 -39.08
CA LYS C 248 -13.08 -20.66 -38.66
C LYS C 248 -13.16 -21.24 -37.24
N SER C 249 -12.48 -20.56 -36.31
CA SER C 249 -12.43 -20.91 -34.89
C SER C 249 -12.65 -19.69 -33.98
N GLY C 254 -14.03 -24.35 -32.26
CA GLY C 254 -12.77 -24.83 -32.84
C GLY C 254 -12.15 -25.99 -32.09
N TYR C 255 -12.04 -27.14 -32.79
CA TYR C 255 -11.45 -28.39 -32.29
C TYR C 255 -10.59 -28.99 -33.41
N TYR C 256 -9.31 -28.59 -33.46
CA TYR C 256 -8.35 -29.00 -34.48
C TYR C 256 -7.06 -29.62 -33.93
N GLY C 257 -6.33 -30.33 -34.80
CA GLY C 257 -5.08 -31.00 -34.49
C GLY C 257 -3.87 -30.38 -35.16
N ARG C 258 -2.76 -31.13 -35.19
CA ARG C 258 -1.45 -30.75 -35.76
C ARG C 258 -1.42 -30.51 -37.27
N GLU C 259 -2.50 -30.82 -37.99
CA GLU C 259 -2.64 -30.64 -39.44
C GLU C 259 -2.62 -29.16 -39.87
N CYS C 260 -2.94 -28.21 -38.95
CA CYS C 260 -2.93 -26.77 -39.28
C CYS C 260 -1.49 -26.31 -39.59
N ASP C 261 -0.52 -26.96 -38.92
CA ASP C 261 0.92 -26.73 -39.09
C ASP C 261 1.36 -27.19 -40.48
N TRP C 262 0.77 -28.29 -40.99
CA TRP C 262 1.09 -28.79 -42.32
C TRP C 262 0.51 -27.92 -43.44
N TRP C 263 -0.66 -27.28 -43.21
CA TRP C 263 -1.26 -26.35 -44.16
C TRP C 263 -0.23 -25.24 -44.39
N SER C 264 0.28 -24.65 -43.27
CA SER C 264 1.29 -23.60 -43.21
C SER C 264 2.60 -23.90 -43.98
N VAL C 265 3.00 -25.21 -44.06
CA VAL C 265 4.18 -25.69 -44.80
C VAL C 265 3.89 -25.60 -46.31
N GLY C 266 2.67 -25.91 -46.71
CA GLY C 266 2.26 -25.80 -48.11
C GLY C 266 2.23 -24.37 -48.60
N VAL C 267 1.94 -23.41 -47.68
CA VAL C 267 1.94 -21.98 -48.00
C VAL C 267 3.38 -21.56 -48.23
N PHE C 268 4.28 -22.03 -47.32
CA PHE C 268 5.73 -21.81 -47.32
C PHE C 268 6.39 -22.30 -48.60
N LEU C 269 6.04 -23.54 -49.06
CA LEU C 269 6.57 -24.16 -50.28
C LEU C 269 6.11 -23.35 -51.50
N TYR C 270 4.81 -23.00 -51.55
CA TYR C 270 4.26 -22.18 -52.62
C TYR C 270 5.03 -20.85 -52.68
N GLU C 271 5.13 -20.15 -51.53
CA GLU C 271 5.81 -18.86 -51.44
C GLU C 271 7.24 -18.87 -51.98
N MET C 272 8.04 -19.88 -51.59
CA MET C 272 9.41 -20.05 -52.03
C MET C 272 9.54 -20.23 -53.54
N LEU C 273 8.71 -21.11 -54.12
CA LEU C 273 8.69 -21.45 -55.54
C LEU C 273 8.01 -20.41 -56.45
N VAL C 274 6.99 -19.72 -55.96
CA VAL C 274 6.25 -18.73 -56.73
C VAL C 274 6.74 -17.26 -56.49
N GLY C 275 7.04 -16.92 -55.23
CA GLY C 275 7.48 -15.59 -54.81
C GLY C 275 6.38 -14.79 -54.11
N ASP C 276 5.14 -15.29 -54.17
CA ASP C 276 3.98 -14.67 -53.53
C ASP C 276 3.25 -15.76 -52.77
N THR C 277 2.65 -15.42 -51.61
CA THR C 277 1.81 -16.30 -50.78
C THR C 277 0.59 -16.69 -51.61
N PRO C 278 0.08 -17.94 -51.53
CA PRO C 278 -1.04 -18.34 -52.41
C PRO C 278 -2.38 -17.59 -52.28
N PHE C 279 -2.65 -16.98 -51.11
CA PHE C 279 -3.91 -16.29 -50.87
C PHE C 279 -3.72 -14.80 -50.50
N TYR C 280 -2.76 -14.14 -51.16
CA TYR C 280 -2.41 -12.73 -50.94
C TYR C 280 -3.50 -11.73 -51.35
N ALA C 281 -3.61 -10.62 -50.58
CA ALA C 281 -4.53 -9.50 -50.78
C ALA C 281 -4.10 -8.23 -50.04
N ASP C 282 -4.69 -7.08 -50.46
CA ASP C 282 -4.45 -5.73 -49.92
C ASP C 282 -4.99 -5.52 -48.50
N SER C 283 -5.57 -6.57 -47.90
CA SER C 283 -6.18 -6.49 -46.57
C SER C 283 -6.34 -7.85 -45.90
N LEU C 284 -6.70 -7.88 -44.60
CA LEU C 284 -6.96 -9.13 -43.88
C LEU C 284 -8.31 -9.74 -44.44
N VAL C 285 -9.33 -8.90 -44.68
CA VAL C 285 -10.59 -9.37 -45.28
C VAL C 285 -10.47 -9.32 -46.81
N GLY C 286 -9.53 -10.10 -47.29
CA GLY C 286 -9.20 -10.25 -48.69
C GLY C 286 -8.46 -11.54 -48.76
N THR C 287 -7.48 -11.67 -47.85
CA THR C 287 -6.64 -12.85 -47.59
C THR C 287 -7.55 -13.96 -47.05
N TYR C 288 -8.31 -13.69 -45.96
CA TYR C 288 -9.25 -14.62 -45.31
C TYR C 288 -10.29 -15.22 -46.30
N SER C 289 -10.80 -14.40 -47.25
CA SER C 289 -11.76 -14.83 -48.28
C SER C 289 -11.15 -15.90 -49.20
N LYS C 290 -9.91 -15.71 -49.64
CA LYS C 290 -9.17 -16.64 -50.50
C LYS C 290 -8.86 -17.96 -49.78
N ILE C 291 -8.52 -17.89 -48.48
CA ILE C 291 -8.24 -19.06 -47.62
C ILE C 291 -9.49 -19.96 -47.43
N MET C 292 -10.68 -19.34 -47.37
CA MET C 292 -11.97 -20.04 -47.22
C MET C 292 -12.31 -20.78 -48.50
N ASN C 293 -12.04 -20.11 -49.63
CA ASN C 293 -12.33 -20.50 -51.00
C ASN C 293 -11.13 -21.21 -51.70
N HIS C 294 -10.14 -21.68 -50.92
CA HIS C 294 -8.91 -22.35 -51.38
C HIS C 294 -9.07 -23.34 -52.54
N LYS C 295 -10.23 -23.99 -52.59
CA LYS C 295 -10.59 -24.96 -53.61
C LYS C 295 -10.55 -24.33 -55.00
N ASN C 296 -10.89 -23.02 -55.09
CA ASN C 296 -10.92 -22.26 -56.35
C ASN C 296 -9.88 -21.11 -56.46
N SER C 297 -9.36 -20.62 -55.32
CA SER C 297 -8.37 -19.53 -55.26
C SER C 297 -6.91 -19.97 -55.45
N LEU C 298 -6.58 -21.26 -55.20
CA LEU C 298 -5.22 -21.78 -55.37
C LEU C 298 -4.97 -21.95 -56.87
N THR C 299 -3.95 -21.26 -57.38
CA THR C 299 -3.53 -21.30 -58.79
C THR C 299 -2.02 -21.14 -58.84
N PHE C 300 -1.39 -21.71 -59.86
CA PHE C 300 0.04 -21.62 -60.12
C PHE C 300 0.23 -20.72 -61.37
N PRO C 301 1.27 -19.86 -61.47
CA PRO C 301 1.36 -18.93 -62.63
C PRO C 301 1.38 -19.55 -64.01
N ASP C 302 1.03 -18.75 -65.04
CA ASP C 302 1.00 -19.11 -66.47
C ASP C 302 2.29 -19.83 -66.90
N ASP C 303 3.44 -19.36 -66.38
CA ASP C 303 4.75 -19.96 -66.57
C ASP C 303 4.97 -20.87 -65.36
N ASN C 304 5.20 -22.17 -65.60
CA ASN C 304 5.41 -23.09 -64.48
C ASN C 304 6.71 -23.87 -64.54
N ASP C 305 7.82 -23.25 -64.08
CA ASP C 305 9.10 -23.95 -63.98
C ASP C 305 8.88 -25.04 -62.92
N ILE C 306 7.89 -24.78 -62.00
CA ILE C 306 7.45 -25.61 -60.88
C ILE C 306 7.06 -27.01 -61.35
N SER C 307 7.78 -28.02 -60.85
CA SER C 307 7.59 -29.42 -61.16
C SER C 307 6.24 -29.98 -60.70
N LYS C 308 5.89 -31.12 -61.30
CA LYS C 308 4.68 -31.89 -61.06
C LYS C 308 4.58 -32.21 -59.57
N GLU C 309 5.64 -32.81 -58.98
CA GLU C 309 5.73 -33.23 -57.57
C GLU C 309 5.61 -32.07 -56.58
N ALA C 310 6.19 -30.90 -56.91
CA ALA C 310 6.13 -29.67 -56.10
C ALA C 310 4.68 -29.20 -56.00
N LYS C 311 3.98 -29.06 -57.17
CA LYS C 311 2.56 -28.69 -57.28
C LYS C 311 1.69 -29.68 -56.50
N ASN C 312 1.93 -31.02 -56.63
CA ASN C 312 1.18 -32.05 -55.91
C ASN C 312 1.37 -31.95 -54.41
N LEU C 313 2.61 -31.65 -53.95
CA LEU C 313 2.87 -31.51 -52.53
C LEU C 313 2.10 -30.30 -51.99
N ILE C 314 2.20 -29.15 -52.68
CA ILE C 314 1.47 -27.91 -52.31
C ILE C 314 -0.03 -28.21 -52.15
N CYS C 315 -0.64 -28.80 -53.18
CA CYS C 315 -2.04 -29.21 -53.21
C CYS C 315 -2.39 -30.23 -52.14
N ALA C 316 -1.51 -31.23 -51.86
CA ALA C 316 -1.73 -32.25 -50.79
C ALA C 316 -1.77 -31.57 -49.41
N PHE C 317 -1.09 -30.40 -49.29
CA PHE C 317 -1.11 -29.61 -48.06
C PHE C 317 -2.24 -28.57 -48.12
N LEU C 318 -2.47 -27.92 -49.27
CA LEU C 318 -3.51 -26.90 -49.35
C LEU C 318 -4.91 -27.43 -49.69
N THR C 319 -5.43 -28.27 -48.77
CA THR C 319 -6.76 -28.88 -48.81
C THR C 319 -7.40 -28.82 -47.42
N ASP C 320 -8.65 -29.30 -47.29
CA ASP C 320 -9.33 -29.33 -46.01
C ASP C 320 -8.71 -30.45 -45.16
N ARG C 321 -8.63 -30.22 -43.82
CA ARG C 321 -8.00 -31.08 -42.81
C ARG C 321 -8.17 -32.60 -42.88
N GLU C 322 -9.37 -33.06 -43.27
CA GLU C 322 -9.74 -34.49 -43.37
C GLU C 322 -9.18 -35.23 -44.62
N VAL C 323 -8.55 -34.47 -45.55
CA VAL C 323 -7.99 -34.98 -46.81
C VAL C 323 -6.53 -34.52 -46.96
N ARG C 324 -6.03 -33.74 -45.98
CA ARG C 324 -4.69 -33.15 -45.97
C ARG C 324 -3.61 -34.15 -45.64
N LEU C 325 -2.48 -34.05 -46.36
CA LEU C 325 -1.28 -34.84 -46.13
C LEU C 325 -0.73 -34.50 -44.73
N GLY C 326 -0.54 -35.52 -43.91
CA GLY C 326 -0.08 -35.37 -42.53
C GLY C 326 -1.14 -35.68 -41.49
N ARG C 327 -2.32 -36.16 -41.94
CA ARG C 327 -3.45 -36.55 -41.08
C ARG C 327 -3.21 -37.99 -40.55
N ASN C 328 -2.29 -38.72 -41.21
CA ASN C 328 -1.89 -40.09 -40.89
C ASN C 328 -0.38 -40.12 -40.49
N GLY C 329 0.12 -38.98 -39.99
CA GLY C 329 1.49 -38.83 -39.54
C GLY C 329 2.49 -38.41 -40.59
N VAL C 330 3.71 -38.01 -40.10
CA VAL C 330 4.88 -37.55 -40.88
C VAL C 330 5.32 -38.45 -41.98
N GLU C 331 5.28 -39.79 -41.74
CA GLU C 331 5.73 -40.75 -42.73
C GLU C 331 5.12 -40.55 -44.10
N GLU C 332 3.83 -40.18 -44.17
CA GLU C 332 3.18 -39.92 -45.46
C GLU C 332 3.70 -38.67 -46.16
N ILE C 333 4.24 -37.71 -45.36
CA ILE C 333 4.85 -36.48 -45.88
C ILE C 333 6.27 -36.85 -46.32
N LYS C 334 7.04 -37.49 -45.42
CA LYS C 334 8.41 -37.95 -45.68
C LYS C 334 8.53 -38.80 -46.95
N ARG C 335 7.54 -39.68 -47.19
CA ARG C 335 7.49 -40.55 -48.37
C ARG C 335 7.08 -39.82 -49.69
N HIS C 336 6.64 -38.54 -49.63
CA HIS C 336 6.23 -37.84 -50.86
C HIS C 336 7.39 -37.77 -51.89
N LEU C 337 7.06 -37.97 -53.19
CA LEU C 337 8.04 -37.96 -54.29
C LEU C 337 8.87 -36.69 -54.37
N PHE C 338 8.26 -35.52 -54.02
CA PHE C 338 8.94 -34.23 -53.99
C PHE C 338 10.26 -34.35 -53.20
N PHE C 339 10.26 -35.12 -52.11
CA PHE C 339 11.47 -35.30 -51.29
C PHE C 339 12.51 -36.30 -51.86
N LYS C 340 12.18 -37.08 -52.93
CA LYS C 340 13.14 -38.02 -53.50
C LYS C 340 14.30 -37.25 -54.10
N ASN C 341 15.51 -37.43 -53.49
CA ASN C 341 16.74 -36.74 -53.86
C ASN C 341 18.00 -37.56 -53.51
N ASP C 342 19.11 -37.32 -54.22
CA ASP C 342 20.40 -38.00 -54.01
C ASP C 342 21.25 -37.47 -52.83
N GLN C 343 21.32 -36.13 -52.63
CA GLN C 343 22.15 -35.49 -51.60
C GLN C 343 21.98 -36.04 -50.19
N TRP C 344 20.74 -36.04 -49.68
CA TRP C 344 20.45 -36.48 -48.31
C TRP C 344 19.31 -37.46 -48.19
N ALA C 345 19.28 -38.15 -47.06
CA ALA C 345 18.19 -38.99 -46.62
C ALA C 345 17.69 -38.27 -45.38
N TRP C 346 16.43 -38.48 -45.01
CA TRP C 346 15.83 -37.85 -43.82
C TRP C 346 16.69 -37.92 -42.56
N GLU C 347 17.37 -39.05 -42.38
CA GLU C 347 18.24 -39.35 -41.25
C GLU C 347 19.61 -38.69 -41.30
N THR C 348 20.00 -38.22 -42.50
CA THR C 348 21.30 -37.57 -42.74
C THR C 348 21.19 -36.06 -43.09
N LEU C 349 19.95 -35.52 -43.11
CA LEU C 349 19.62 -34.15 -43.49
C LEU C 349 20.35 -33.02 -42.77
N ARG C 350 20.37 -33.03 -41.42
CA ARG C 350 21.02 -31.95 -40.67
C ARG C 350 22.53 -31.98 -40.67
N ASP C 351 23.10 -33.04 -41.25
CA ASP C 351 24.54 -33.24 -41.36
C ASP C 351 25.03 -32.85 -42.77
N THR C 352 24.13 -32.80 -43.77
CA THR C 352 24.49 -32.39 -45.13
C THR C 352 24.87 -30.89 -45.21
N VAL C 353 25.45 -30.51 -46.36
CA VAL C 353 25.84 -29.16 -46.62
C VAL C 353 24.57 -28.40 -47.03
N ALA C 354 24.30 -27.26 -46.41
CA ALA C 354 23.10 -26.47 -46.68
C ALA C 354 23.19 -25.76 -48.03
N PRO C 355 22.05 -25.39 -48.66
CA PRO C 355 22.12 -24.74 -49.98
C PRO C 355 22.81 -23.38 -49.99
N VAL C 356 22.67 -22.62 -48.91
CA VAL C 356 23.24 -21.30 -48.73
C VAL C 356 23.99 -21.33 -47.39
N VAL C 357 25.32 -21.24 -47.45
CA VAL C 357 26.14 -21.21 -46.25
C VAL C 357 26.44 -19.74 -45.94
N PRO C 358 25.95 -19.22 -44.77
CA PRO C 358 26.20 -17.80 -44.43
C PRO C 358 27.67 -17.41 -44.47
N ASP C 359 27.99 -16.37 -45.27
CA ASP C 359 29.35 -15.83 -45.40
C ASP C 359 29.46 -14.66 -44.40
N LEU C 360 29.67 -15.01 -43.11
CA LEU C 360 29.76 -14.05 -42.01
C LEU C 360 31.19 -13.67 -41.72
N SER C 361 31.44 -12.38 -41.46
CA SER C 361 32.79 -11.88 -41.14
C SER C 361 33.32 -12.50 -39.82
N SER C 362 32.47 -12.53 -38.79
CA SER C 362 32.77 -13.10 -37.48
C SER C 362 31.53 -13.80 -36.88
N ASP C 363 31.69 -14.38 -35.68
CA ASP C 363 30.61 -15.01 -34.91
C ASP C 363 29.62 -13.94 -34.35
N ILE C 364 30.06 -12.67 -34.32
CA ILE C 364 29.30 -11.51 -33.85
C ILE C 364 28.71 -10.67 -35.02
N ASP C 365 28.80 -11.17 -36.27
CA ASP C 365 28.27 -10.49 -37.46
C ASP C 365 26.74 -10.55 -37.46
N THR C 366 26.07 -9.38 -37.49
CA THR C 366 24.60 -9.28 -37.45
C THR C 366 24.00 -8.72 -38.75
N SER C 367 24.78 -8.76 -39.85
CA SER C 367 24.39 -8.24 -41.16
C SER C 367 23.20 -8.88 -41.84
N ASN C 368 22.83 -10.15 -41.47
CA ASN C 368 21.65 -10.82 -42.06
C ASN C 368 20.33 -10.38 -41.44
N PHE C 369 20.38 -9.42 -40.49
CA PHE C 369 19.23 -8.86 -39.76
C PHE C 369 19.11 -7.36 -39.95
N ASP C 370 17.93 -6.89 -40.38
CA ASP C 370 17.68 -5.46 -40.55
C ASP C 370 17.42 -4.80 -39.19
N ASP C 371 18.15 -3.71 -38.89
CA ASP C 371 18.02 -2.92 -37.66
C ASP C 371 16.75 -2.06 -37.76
N LEU C 372 15.92 -2.13 -36.69
CA LEU C 372 14.64 -1.43 -36.59
C LEU C 372 14.74 -0.06 -35.93
N GLU C 373 14.91 0.00 -34.58
CA GLU C 373 15.03 1.19 -33.72
C GLU C 373 14.95 0.84 -32.23
N GLU C 380 3.88 2.80 -21.21
CA GLU C 380 2.82 2.65 -20.22
C GLU C 380 3.08 1.48 -19.32
N THR C 381 2.98 1.72 -18.02
CA THR C 381 3.22 0.73 -16.96
C THR C 381 2.10 0.66 -15.92
N PHE C 382 2.20 -0.32 -15.02
CA PHE C 382 1.20 -0.53 -13.97
C PHE C 382 1.02 0.71 -13.11
N PRO C 383 -0.25 1.06 -12.79
CA PRO C 383 -0.53 2.19 -11.91
C PRO C 383 -0.03 1.91 -10.49
N ILE C 384 0.17 2.96 -9.67
CA ILE C 384 0.60 2.74 -8.29
C ILE C 384 -0.60 2.21 -7.48
N PRO C 385 -0.48 1.02 -6.86
CA PRO C 385 -1.61 0.45 -6.12
C PRO C 385 -1.89 1.16 -4.83
N LYS C 386 -3.17 1.18 -4.45
CA LYS C 386 -3.56 1.75 -3.18
C LYS C 386 -3.80 0.59 -2.21
N ALA C 387 -3.83 -0.64 -2.76
CA ALA C 387 -3.99 -1.89 -2.03
C ALA C 387 -3.28 -3.00 -2.78
N PHE C 388 -3.00 -4.13 -2.12
CA PHE C 388 -2.31 -5.25 -2.78
C PHE C 388 -3.19 -5.71 -3.94
N VAL C 389 -2.59 -5.78 -5.13
CA VAL C 389 -3.22 -6.19 -6.39
C VAL C 389 -2.49 -7.43 -7.03
N GLY C 390 -1.23 -7.66 -6.62
CA GLY C 390 -0.43 -8.82 -6.99
C GLY C 390 -0.12 -9.04 -8.46
N ASN C 391 0.32 -7.99 -9.17
CA ASN C 391 0.66 -8.02 -10.60
C ASN C 391 1.84 -8.92 -10.99
N GLN C 392 2.76 -9.20 -10.04
CA GLN C 392 3.94 -10.03 -10.29
C GLN C 392 3.66 -11.54 -10.17
N LEU C 393 2.56 -11.90 -9.48
CA LEU C 393 2.13 -13.28 -9.24
C LEU C 393 1.97 -14.12 -10.53
N PRO C 394 1.37 -13.63 -11.65
CA PRO C 394 1.32 -14.49 -12.86
C PRO C 394 2.67 -14.97 -13.43
N PHE C 395 3.79 -14.32 -13.00
CA PHE C 395 5.16 -14.51 -13.52
C PHE C 395 6.15 -15.22 -12.61
N VAL C 396 5.77 -15.45 -11.32
CA VAL C 396 6.58 -16.18 -10.36
C VAL C 396 6.88 -17.55 -10.97
N GLY C 397 8.16 -17.90 -11.03
CA GLY C 397 8.62 -19.17 -11.60
C GLY C 397 9.16 -19.11 -13.00
N PHE C 398 9.08 -17.96 -13.64
CA PHE C 398 9.58 -17.76 -15.00
C PHE C 398 11.11 -17.82 -15.10
N THR C 399 11.83 -17.41 -14.02
CA THR C 399 13.30 -17.46 -14.06
C THR C 399 13.83 -18.88 -14.34
N TYR C 400 14.78 -18.97 -15.27
CA TYR C 400 15.47 -20.19 -15.66
C TYR C 400 16.90 -19.92 -16.12
N TYR C 401 17.86 -20.73 -15.63
CA TYR C 401 19.26 -20.65 -16.01
C TYR C 401 19.80 -22.01 -16.46
N SER C 402 20.30 -22.06 -17.70
CA SER C 402 20.90 -23.22 -18.36
C SER C 402 22.17 -23.70 -17.61
N SER D 7 31.56 -10.95 -12.35
CA SER D 7 31.81 -12.18 -13.08
C SER D 7 30.61 -13.11 -13.06
N PHE D 8 30.37 -13.73 -14.22
CA PHE D 8 29.25 -14.63 -14.51
C PHE D 8 29.01 -15.82 -13.56
N GLU D 9 29.97 -16.77 -13.48
CA GLU D 9 29.84 -17.96 -12.64
C GLU D 9 29.97 -17.61 -11.15
N THR D 10 30.66 -16.49 -10.82
CA THR D 10 30.85 -15.96 -9.46
C THR D 10 29.48 -15.66 -8.85
N ARG D 11 28.65 -14.97 -9.63
CA ARG D 11 27.31 -14.58 -9.23
C ARG D 11 26.42 -15.78 -8.84
N PHE D 12 26.44 -16.86 -9.64
CA PHE D 12 25.71 -18.11 -9.37
C PHE D 12 26.23 -18.78 -8.08
N GLU D 13 27.58 -18.78 -7.90
CA GLU D 13 28.23 -19.34 -6.70
C GLU D 13 27.80 -18.58 -5.45
N LYS D 14 27.87 -17.22 -5.52
CA LYS D 14 27.46 -16.32 -4.41
C LYS D 14 26.00 -16.55 -4.05
N MET D 15 25.15 -16.77 -5.07
CA MET D 15 23.73 -17.08 -4.91
C MET D 15 23.56 -18.46 -4.26
N ASP D 16 24.32 -19.47 -4.73
CA ASP D 16 24.31 -20.83 -4.20
C ASP D 16 24.70 -20.87 -2.71
N ASN D 17 25.67 -20.03 -2.30
CA ASN D 17 26.14 -19.93 -0.92
C ASN D 17 25.03 -19.35 -0.05
N LEU D 18 24.34 -18.31 -0.55
CA LEU D 18 23.25 -17.66 0.14
C LEU D 18 22.10 -18.65 0.42
N LEU D 19 21.82 -19.57 -0.50
CA LEU D 19 20.79 -20.59 -0.36
C LEU D 19 21.11 -21.66 0.69
N ARG D 20 22.39 -22.02 0.84
CA ARG D 20 22.84 -23.09 1.76
C ARG D 20 23.14 -22.60 3.16
N ASP D 21 23.55 -21.32 3.28
CA ASP D 21 23.93 -20.67 4.55
C ASP D 21 22.79 -20.66 5.59
N PRO D 22 22.98 -21.36 6.74
CA PRO D 22 21.93 -21.36 7.76
C PRO D 22 21.65 -19.99 8.37
N LYS D 23 22.67 -19.10 8.34
CA LYS D 23 22.57 -17.75 8.90
C LYS D 23 22.07 -16.73 7.88
N SER D 24 21.87 -17.19 6.62
CA SER D 24 21.36 -16.34 5.55
C SER D 24 19.85 -16.07 5.71
N GLU D 25 19.41 -14.88 5.29
CA GLU D 25 17.99 -14.51 5.36
C GLU D 25 17.22 -15.08 4.16
N VAL D 26 17.95 -15.44 3.08
CA VAL D 26 17.43 -16.00 1.82
C VAL D 26 17.91 -17.43 1.54
N ASN D 27 17.99 -18.25 2.58
CA ASN D 27 18.36 -19.63 2.38
C ASN D 27 17.10 -20.38 1.98
N SER D 28 17.23 -21.58 1.39
CA SER D 28 16.12 -22.36 0.87
C SER D 28 14.89 -22.42 1.77
N ASP D 29 15.12 -22.61 3.10
CA ASP D 29 14.05 -22.65 4.12
C ASP D 29 13.35 -21.30 4.37
N CYS D 30 14.07 -20.18 4.22
CA CYS D 30 13.49 -18.84 4.37
C CYS D 30 12.70 -18.43 3.13
N LEU D 31 13.07 -19.01 1.97
CA LEU D 31 12.37 -18.83 0.72
C LEU D 31 11.08 -19.68 0.74
N LEU D 32 11.15 -20.90 1.30
CA LEU D 32 9.98 -21.75 1.46
C LEU D 32 9.00 -21.12 2.44
N ASP D 33 9.54 -20.46 3.48
CA ASP D 33 8.75 -19.71 4.45
C ASP D 33 7.92 -18.62 3.74
N GLY D 34 8.55 -17.86 2.82
CA GLY D 34 7.93 -16.80 2.05
C GLY D 34 6.75 -17.27 1.20
N LEU D 35 6.93 -18.38 0.45
CA LEU D 35 5.88 -18.93 -0.38
C LEU D 35 4.73 -19.37 0.48
N ASP D 36 5.03 -20.06 1.60
CA ASP D 36 4.05 -20.57 2.57
C ASP D 36 3.24 -19.44 3.19
N ALA D 37 3.93 -18.35 3.58
CA ALA D 37 3.32 -17.15 4.15
C ALA D 37 2.38 -16.56 3.16
N LEU D 38 2.90 -16.27 1.95
CA LEU D 38 2.15 -15.70 0.84
C LEU D 38 0.84 -16.47 0.56
N VAL D 39 0.89 -17.83 0.52
CA VAL D 39 -0.27 -18.70 0.29
C VAL D 39 -1.33 -18.57 1.42
N TYR D 40 -0.88 -18.62 2.71
CA TYR D 40 -1.77 -18.50 3.88
C TYR D 40 -2.50 -17.12 3.89
N ASP D 41 -1.74 -16.04 3.57
CA ASP D 41 -2.18 -14.65 3.55
C ASP D 41 -3.18 -14.36 2.42
N LEU D 42 -2.99 -15.03 1.28
CA LEU D 42 -3.82 -14.81 0.11
C LEU D 42 -5.03 -15.72 0.00
N ASP D 43 -5.01 -16.92 0.61
CA ASP D 43 -6.13 -17.86 0.47
C ASP D 43 -7.40 -17.52 1.28
N PHE D 44 -8.12 -16.49 0.83
CA PHE D 44 -9.37 -16.02 1.42
C PHE D 44 -10.30 -15.65 0.29
N PRO D 45 -11.62 -15.98 0.39
CA PRO D 45 -12.56 -15.72 -0.73
C PRO D 45 -12.61 -14.30 -1.27
N ALA D 46 -12.47 -13.29 -0.38
CA ALA D 46 -12.50 -11.87 -0.75
C ALA D 46 -11.32 -11.50 -1.67
N LEU D 47 -10.11 -12.00 -1.32
CA LEU D 47 -8.87 -11.78 -2.08
C LEU D 47 -8.83 -12.59 -3.37
N ARG D 48 -9.52 -13.74 -3.40
CA ARG D 48 -9.56 -14.61 -4.57
C ARG D 48 -10.42 -14.02 -5.70
N LYS D 49 -11.09 -12.89 -5.45
CA LYS D 49 -11.87 -12.16 -6.46
C LYS D 49 -10.88 -11.43 -7.38
N ASN D 50 -9.62 -11.31 -6.93
CA ASN D 50 -8.50 -10.74 -7.67
C ASN D 50 -7.93 -11.89 -8.52
N LYS D 51 -7.98 -11.74 -9.84
CA LYS D 51 -7.51 -12.75 -10.79
C LYS D 51 -6.07 -13.15 -10.56
N ASN D 52 -5.17 -12.17 -10.33
CA ASN D 52 -3.74 -12.42 -10.08
C ASN D 52 -3.58 -13.35 -8.88
N ILE D 53 -4.30 -13.06 -7.77
CA ILE D 53 -4.27 -13.88 -6.55
C ILE D 53 -4.91 -15.24 -6.77
N ASP D 54 -6.10 -15.26 -7.38
CA ASP D 54 -6.80 -16.51 -7.65
C ASP D 54 -5.98 -17.49 -8.48
N ASN D 55 -5.47 -17.05 -9.66
CA ASN D 55 -4.66 -17.87 -10.57
C ASN D 55 -3.41 -18.42 -9.94
N PHE D 56 -2.69 -17.57 -9.16
CA PHE D 56 -1.46 -17.91 -8.45
C PHE D 56 -1.73 -19.07 -7.48
N LEU D 57 -2.79 -18.97 -6.68
CA LEU D 57 -3.18 -19.99 -5.71
C LEU D 57 -3.57 -21.29 -6.37
N SER D 58 -4.26 -21.22 -7.53
CA SER D 58 -4.66 -22.39 -8.31
C SER D 58 -3.40 -23.10 -8.82
N ARG D 59 -2.48 -22.32 -9.42
CA ARG D 59 -1.19 -22.76 -9.95
C ARG D 59 -0.33 -23.49 -8.92
N TYR D 60 -0.30 -22.98 -7.68
CA TYR D 60 0.53 -23.47 -6.58
C TYR D 60 -0.14 -24.39 -5.57
N LYS D 61 -1.45 -24.70 -5.76
CA LYS D 61 -2.22 -25.57 -4.85
C LYS D 61 -1.50 -26.89 -4.53
N ASP D 62 -1.22 -27.71 -5.55
CA ASP D 62 -0.57 -29.03 -5.43
C ASP D 62 0.82 -28.96 -4.80
N THR D 63 1.64 -28.01 -5.30
CA THR D 63 3.01 -27.78 -4.87
C THR D 63 3.08 -27.36 -3.41
N ILE D 64 2.16 -26.49 -2.95
CA ILE D 64 2.11 -26.03 -1.56
C ILE D 64 1.69 -27.13 -0.59
N ASN D 65 0.78 -28.01 -1.00
CA ASN D 65 0.31 -29.15 -0.20
C ASN D 65 1.43 -30.21 0.00
N LYS D 66 2.23 -30.42 -1.05
CA LYS D 66 3.38 -31.33 -1.04
C LYS D 66 4.44 -30.80 -0.05
N ILE D 67 4.86 -29.53 -0.23
CA ILE D 67 5.83 -28.84 0.61
C ILE D 67 5.36 -28.90 2.08
N ARG D 68 4.09 -28.54 2.34
CA ARG D 68 3.52 -28.55 3.69
C ARG D 68 3.60 -29.90 4.33
N ASP D 69 3.36 -30.96 3.52
CA ASP D 69 3.45 -32.33 4.02
C ASP D 69 4.90 -32.72 4.32
N LEU D 70 5.82 -32.44 3.36
CA LEU D 70 7.25 -32.77 3.48
C LEU D 70 7.94 -32.06 4.63
N ARG D 71 7.85 -30.73 4.71
CA ARG D 71 8.43 -29.91 5.77
C ARG D 71 7.85 -30.27 7.14
N MET D 72 8.66 -30.08 8.20
CA MET D 72 8.34 -30.34 9.61
C MET D 72 7.07 -29.63 10.03
N LYS D 73 6.21 -30.36 10.75
CA LYS D 73 4.92 -29.88 11.24
C LYS D 73 4.64 -30.34 12.67
N ALA D 74 3.63 -29.73 13.31
CA ALA D 74 3.24 -30.02 14.68
C ALA D 74 2.88 -31.49 14.82
N GLU D 75 2.23 -32.05 13.75
CA GLU D 75 1.80 -33.46 13.66
C GLU D 75 2.93 -34.50 13.60
N ASP D 76 4.18 -34.05 13.64
CA ASP D 76 5.36 -34.91 13.68
C ASP D 76 5.75 -35.22 15.15
N TYR D 77 5.31 -34.37 16.10
CA TYR D 77 5.59 -34.50 17.54
C TYR D 77 4.36 -34.87 18.37
N GLU D 78 4.61 -35.54 19.49
CA GLU D 78 3.59 -36.01 20.44
C GLU D 78 3.88 -35.37 21.80
N VAL D 79 2.88 -34.77 22.46
CA VAL D 79 3.11 -34.18 23.78
C VAL D 79 3.30 -35.29 24.84
N VAL D 80 4.45 -35.27 25.47
CA VAL D 80 4.81 -36.20 26.54
C VAL D 80 4.35 -35.59 27.88
N LYS D 81 4.52 -34.28 28.04
CA LYS D 81 4.22 -33.55 29.27
C LYS D 81 4.23 -32.00 28.99
N VAL D 82 3.33 -31.20 29.65
CA VAL D 82 3.31 -29.74 29.53
C VAL D 82 4.07 -29.21 30.75
N ILE D 83 5.25 -28.62 30.54
CA ILE D 83 6.14 -28.17 31.62
C ILE D 83 6.13 -26.67 31.93
N GLY D 84 5.67 -25.85 30.96
CA GLY D 84 5.65 -24.40 31.12
C GLY D 84 4.49 -23.74 30.43
N ARG D 85 4.11 -22.54 30.89
CA ARG D 85 3.02 -21.75 30.31
C ARG D 85 3.30 -20.26 30.44
N GLY D 86 3.60 -19.64 29.30
CA GLY D 86 3.91 -18.22 29.18
C GLY D 86 2.74 -17.45 28.62
N ALA D 87 2.98 -16.15 28.33
CA ALA D 87 1.99 -15.20 27.78
C ALA D 87 1.64 -15.55 26.34
N PHE D 88 2.66 -15.94 25.54
CA PHE D 88 2.47 -16.25 24.12
C PHE D 88 2.37 -17.75 23.77
N GLY D 89 2.41 -18.62 24.77
CA GLY D 89 2.33 -20.06 24.51
C GLY D 89 2.80 -20.93 25.65
N GLU D 90 3.05 -22.20 25.34
CA GLU D 90 3.45 -23.25 26.27
C GLU D 90 4.85 -23.76 25.96
N VAL D 91 5.46 -24.43 26.94
CA VAL D 91 6.72 -25.16 26.84
C VAL D 91 6.36 -26.58 27.22
N GLN D 92 6.63 -27.52 26.32
CA GLN D 92 6.29 -28.90 26.58
C GLN D 92 7.40 -29.87 26.21
N LEU D 93 7.41 -31.05 26.84
CA LEU D 93 8.35 -32.12 26.55
C LEU D 93 7.62 -32.96 25.50
N VAL D 94 8.23 -33.07 24.32
CA VAL D 94 7.63 -33.77 23.18
C VAL D 94 8.49 -34.96 22.78
N ARG D 95 7.96 -35.78 21.87
CA ARG D 95 8.61 -36.95 21.34
C ARG D 95 8.35 -37.00 19.83
N HIS D 96 9.42 -37.05 19.01
CA HIS D 96 9.26 -37.16 17.56
C HIS D 96 8.78 -38.58 17.24
N LYS D 97 7.45 -38.70 17.07
CA LYS D 97 6.64 -39.89 16.77
C LYS D 97 7.38 -41.13 16.21
N SER D 98 8.17 -40.94 15.13
CA SER D 98 8.94 -42.03 14.50
C SER D 98 10.17 -42.49 15.31
N THR D 99 11.09 -41.54 15.63
CA THR D 99 12.36 -41.76 16.37
C THR D 99 12.22 -42.02 17.88
N ARG D 100 11.10 -41.61 18.50
CA ARG D 100 10.86 -41.75 19.94
C ARG D 100 11.84 -40.97 20.86
N LYS D 101 12.60 -40.01 20.28
CA LYS D 101 13.54 -39.14 20.98
C LYS D 101 12.76 -38.01 21.64
N VAL D 102 13.07 -37.75 22.92
CA VAL D 102 12.44 -36.69 23.71
C VAL D 102 13.20 -35.36 23.53
N TYR D 103 12.45 -34.30 23.24
CA TYR D 103 12.91 -32.91 23.06
C TYR D 103 12.04 -32.01 23.89
N ALA D 104 12.46 -30.75 24.06
CA ALA D 104 11.67 -29.71 24.70
C ALA D 104 11.14 -28.79 23.55
N MET D 105 9.87 -28.42 23.61
CA MET D 105 9.29 -27.60 22.57
C MET D 105 8.63 -26.36 23.11
N LYS D 106 9.00 -25.23 22.55
CA LYS D 106 8.39 -23.98 22.96
C LYS D 106 7.48 -23.55 21.80
N LEU D 107 6.21 -23.30 22.12
CA LEU D 107 5.19 -22.86 21.17
C LEU D 107 4.89 -21.38 21.45
N LEU D 108 4.84 -20.56 20.41
CA LEU D 108 4.50 -19.13 20.49
C LEU D 108 3.35 -18.87 19.55
N SER D 109 2.32 -18.20 20.06
CA SER D 109 1.11 -17.84 19.32
C SER D 109 1.37 -16.60 18.48
N LYS D 110 1.15 -16.72 17.14
CA LYS D 110 1.32 -15.63 16.16
C LYS D 110 0.32 -14.53 16.48
N PHE D 111 -0.97 -14.92 16.69
CA PHE D 111 -2.10 -14.03 17.01
C PHE D 111 -1.82 -13.20 18.25
N GLU D 112 -1.23 -13.82 19.29
CA GLU D 112 -0.90 -13.19 20.56
C GLU D 112 0.26 -12.20 20.41
N MET D 113 1.26 -12.53 19.59
CA MET D 113 2.38 -11.60 19.33
C MET D 113 1.96 -10.31 18.59
N ILE D 114 0.94 -10.43 17.70
CA ILE D 114 0.30 -9.37 16.92
C ILE D 114 -0.42 -8.30 17.82
N LYS D 115 -0.73 -8.65 19.08
CA LYS D 115 -1.28 -7.75 20.08
C LYS D 115 -0.04 -7.30 20.88
N ARG D 116 0.75 -6.41 20.21
CA ARG D 116 2.01 -5.77 20.65
C ARG D 116 3.25 -6.65 20.58
N SER D 117 4.01 -6.51 19.47
CA SER D 117 5.26 -7.25 19.24
C SER D 117 6.44 -6.58 19.96
N PHE D 121 11.17 -10.61 19.25
CA PHE D 121 11.89 -11.12 20.45
C PHE D 121 12.28 -12.61 20.26
N PHE D 122 11.50 -13.33 19.44
CA PHE D 122 11.73 -14.71 19.06
C PHE D 122 12.96 -14.81 18.17
N TRP D 123 13.31 -13.73 17.43
CA TRP D 123 14.48 -13.71 16.58
C TRP D 123 15.76 -13.99 17.34
N GLU D 124 16.04 -13.21 18.40
CA GLU D 124 17.24 -13.39 19.22
C GLU D 124 17.21 -14.73 19.98
N GLU D 125 16.04 -15.10 20.52
CA GLU D 125 15.90 -16.38 21.20
C GLU D 125 16.21 -17.52 20.21
N ARG D 126 15.67 -17.47 18.97
CA ARG D 126 15.94 -18.44 17.92
C ARG D 126 17.43 -18.44 17.59
N ASP D 127 18.05 -17.26 17.38
CA ASP D 127 19.47 -17.11 17.07
C ASP D 127 20.44 -17.55 18.19
N ILE D 128 20.19 -17.17 19.45
CA ILE D 128 21.04 -17.56 20.57
C ILE D 128 21.06 -19.08 20.68
N MET D 129 19.87 -19.71 20.74
CA MET D 129 19.79 -21.17 20.86
C MET D 129 20.30 -21.96 19.63
N ALA D 130 20.20 -21.36 18.43
CA ALA D 130 20.63 -22.02 17.21
C ALA D 130 22.14 -21.91 16.98
N PHE D 131 22.69 -20.69 17.14
CA PHE D 131 24.08 -20.41 16.81
C PHE D 131 25.05 -20.09 17.94
N ALA D 132 24.62 -20.24 19.22
CA ALA D 132 25.52 -19.93 20.36
C ALA D 132 26.72 -20.89 20.44
N ASN D 133 26.48 -22.18 20.06
CA ASN D 133 27.45 -23.27 20.17
C ASN D 133 28.28 -23.17 21.48
N SER D 134 27.52 -23.04 22.59
CA SER D 134 28.05 -22.88 23.95
C SER D 134 27.57 -24.01 24.82
N PRO D 135 28.43 -24.56 25.70
CA PRO D 135 27.96 -25.65 26.58
C PRO D 135 27.05 -25.11 27.68
N TRP D 136 26.85 -23.78 27.70
CA TRP D 136 26.08 -23.03 28.69
C TRP D 136 24.70 -22.63 28.24
N VAL D 137 24.44 -22.72 26.92
CA VAL D 137 23.18 -22.36 26.25
C VAL D 137 22.52 -23.61 25.66
N VAL D 138 21.22 -23.82 25.94
CA VAL D 138 20.39 -24.90 25.43
C VAL D 138 20.36 -24.83 23.91
N GLN D 139 20.73 -25.93 23.26
CA GLN D 139 20.78 -25.98 21.81
C GLN D 139 19.38 -26.11 21.19
N LEU D 140 19.15 -25.35 20.07
CA LEU D 140 17.94 -25.42 19.25
C LEU D 140 18.21 -26.39 18.10
N PHE D 141 17.41 -27.47 18.03
CA PHE D 141 17.50 -28.44 16.95
C PHE D 141 16.69 -27.95 15.75
N TYR D 142 15.40 -27.67 15.95
CA TYR D 142 14.50 -27.24 14.88
C TYR D 142 13.61 -26.09 15.27
N ALA D 143 13.34 -25.21 14.31
CA ALA D 143 12.43 -24.09 14.39
C ALA D 143 11.56 -24.21 13.14
N PHE D 144 10.26 -24.31 13.33
CA PHE D 144 9.27 -24.45 12.26
C PHE D 144 7.99 -23.68 12.65
N GLN D 145 7.03 -23.59 11.72
CA GLN D 145 5.80 -22.84 11.94
C GLN D 145 4.66 -23.30 11.05
N ASP D 146 3.46 -22.74 11.31
CA ASP D 146 2.22 -22.90 10.52
C ASP D 146 1.50 -21.54 10.60
N ASP D 147 0.24 -21.43 10.14
CA ASP D 147 -0.46 -20.15 10.17
C ASP D 147 -0.82 -19.68 11.59
N ARG D 148 -0.81 -20.61 12.56
CA ARG D 148 -1.15 -20.34 13.94
C ARG D 148 0.05 -20.19 14.92
N TYR D 149 1.10 -21.02 14.80
CA TYR D 149 2.21 -20.95 15.74
C TYR D 149 3.63 -20.85 15.16
N LEU D 150 4.55 -20.59 16.08
CA LEU D 150 5.99 -20.67 15.93
C LEU D 150 6.36 -21.83 16.86
N TYR D 151 7.27 -22.72 16.43
CA TYR D 151 7.69 -23.87 17.23
C TYR D 151 9.18 -23.88 17.35
N MET D 152 9.70 -24.21 18.54
CA MET D 152 11.13 -24.30 18.80
C MET D 152 11.44 -25.63 19.50
N VAL D 153 12.08 -26.59 18.77
CA VAL D 153 12.45 -27.92 19.24
C VAL D 153 13.89 -27.88 19.76
N MET D 154 14.02 -27.88 21.09
CA MET D 154 15.29 -27.74 21.80
C MET D 154 15.78 -29.03 22.41
N GLU D 155 17.10 -29.10 22.73
CA GLU D 155 17.69 -30.29 23.36
C GLU D 155 17.07 -30.52 24.73
N TYR D 156 16.77 -31.78 25.03
CA TYR D 156 16.17 -32.17 26.29
C TYR D 156 17.22 -32.19 27.42
N MET D 157 16.88 -31.57 28.55
CA MET D 157 17.71 -31.46 29.73
C MET D 157 17.10 -32.30 30.86
N PRO D 158 17.47 -33.60 30.98
CA PRO D 158 16.79 -34.48 31.95
C PRO D 158 16.90 -34.23 33.46
N GLY D 159 17.87 -33.43 33.90
CA GLY D 159 18.05 -33.10 35.31
C GLY D 159 17.06 -32.11 35.87
N GLY D 160 16.23 -31.49 35.01
CA GLY D 160 15.24 -30.50 35.42
C GLY D 160 15.84 -29.16 35.74
N ASP D 161 15.01 -28.25 36.33
CA ASP D 161 15.51 -26.92 36.71
C ASP D 161 16.07 -26.84 38.18
N LEU D 162 16.64 -25.70 38.54
CA LEU D 162 17.15 -25.41 39.88
C LEU D 162 16.01 -25.20 40.90
N VAL D 163 14.79 -24.81 40.45
CA VAL D 163 13.62 -24.65 41.33
C VAL D 163 13.27 -26.04 41.94
N ASN D 164 13.26 -27.08 41.09
CA ASN D 164 13.06 -28.46 41.49
C ASN D 164 14.16 -28.90 42.44
N LEU D 165 15.43 -28.58 42.13
CA LEU D 165 16.56 -28.94 42.98
C LEU D 165 16.42 -28.29 44.37
N MET D 166 16.16 -26.97 44.41
CA MET D 166 15.99 -26.17 45.62
C MET D 166 14.80 -26.66 46.46
N SER D 167 13.78 -27.25 45.83
CA SER D 167 12.62 -27.74 46.55
C SER D 167 12.87 -29.12 47.17
N ASN D 168 13.95 -29.81 46.78
CA ASN D 168 14.33 -31.12 47.29
C ASN D 168 15.44 -31.09 48.30
N TYR D 169 16.24 -29.99 48.33
CA TYR D 169 17.40 -29.86 49.19
C TYR D 169 17.54 -28.55 49.92
N ASP D 170 18.26 -28.62 51.04
CA ASP D 170 18.72 -27.47 51.79
C ASP D 170 20.14 -27.36 51.17
N VAL D 171 20.25 -26.57 50.07
CA VAL D 171 21.47 -26.41 49.27
C VAL D 171 22.70 -26.05 50.07
N PRO D 172 23.68 -26.97 50.15
CA PRO D 172 24.93 -26.65 50.85
C PRO D 172 25.75 -25.63 50.06
N GLU D 173 26.67 -24.89 50.76
CA GLU D 173 27.53 -23.85 50.13
C GLU D 173 28.32 -24.37 48.93
N LYS D 174 28.92 -25.57 49.04
CA LYS D 174 29.71 -26.14 47.94
C LYS D 174 28.86 -26.19 46.70
N TRP D 175 27.58 -26.67 46.81
CA TRP D 175 26.65 -26.76 45.68
C TRP D 175 26.28 -25.37 45.21
N ALA D 176 25.94 -24.47 46.16
CA ALA D 176 25.59 -23.08 45.83
C ALA D 176 26.72 -22.40 45.08
N ARG D 177 27.99 -22.66 45.51
CA ARG D 177 29.19 -22.14 44.85
C ARG D 177 29.31 -22.71 43.42
N PHE D 178 29.01 -24.00 43.22
CA PHE D 178 29.07 -24.65 41.92
C PHE D 178 28.06 -24.04 40.95
N TYR D 179 26.78 -24.00 41.33
CA TYR D 179 25.73 -23.44 40.49
C TYR D 179 25.88 -21.94 40.23
N THR D 180 26.39 -21.16 41.21
CA THR D 180 26.60 -19.71 41.05
C THR D 180 27.71 -19.48 40.02
N ALA D 181 28.84 -20.20 40.18
CA ALA D 181 29.96 -20.15 39.26
C ALA D 181 29.54 -20.51 37.81
N GLU D 182 28.72 -21.56 37.63
CA GLU D 182 28.25 -21.99 36.31
C GLU D 182 27.37 -20.94 35.64
N VAL D 183 26.49 -20.26 36.43
CA VAL D 183 25.62 -19.18 35.93
C VAL D 183 26.47 -17.99 35.51
N VAL D 184 27.50 -17.63 36.32
CA VAL D 184 28.45 -16.57 36.02
C VAL D 184 29.09 -16.85 34.64
N LEU D 185 29.57 -18.10 34.39
CA LEU D 185 30.17 -18.51 33.12
C LEU D 185 29.17 -18.45 31.99
N ALA D 186 27.94 -18.95 32.22
CA ALA D 186 26.84 -18.96 31.26
C ALA D 186 26.44 -17.56 30.89
N LEU D 187 26.36 -16.65 31.89
CA LEU D 187 25.98 -15.26 31.66
C LEU D 187 27.08 -14.54 30.92
N ASP D 188 28.36 -14.79 31.29
CA ASP D 188 29.51 -14.23 30.61
C ASP D 188 29.55 -14.65 29.16
N ALA D 189 29.08 -15.88 28.84
CA ALA D 189 28.99 -16.38 27.47
C ALA D 189 27.94 -15.54 26.70
N ILE D 190 26.73 -15.35 27.29
CA ILE D 190 25.64 -14.53 26.68
C ILE D 190 26.10 -13.09 26.43
N HIS D 191 26.76 -12.50 27.44
CA HIS D 191 27.32 -11.17 27.42
C HIS D 191 28.32 -10.97 26.27
N SER D 192 29.18 -11.98 26.03
CA SER D 192 30.19 -12.00 24.98
C SER D 192 29.60 -12.08 23.58
N MET D 193 28.35 -12.55 23.49
CA MET D 193 27.60 -12.63 22.24
C MET D 193 26.90 -11.28 21.96
N GLY D 194 26.95 -10.38 22.95
CA GLY D 194 26.38 -9.03 22.88
C GLY D 194 24.99 -8.85 23.45
N PHE D 195 24.51 -9.81 24.29
CA PHE D 195 23.18 -9.78 24.89
C PHE D 195 23.16 -9.73 26.43
N ILE D 196 22.11 -9.12 26.97
CA ILE D 196 21.79 -9.08 28.40
C ILE D 196 20.56 -10.02 28.51
N HIS D 197 20.63 -11.03 29.37
CA HIS D 197 19.56 -12.01 29.52
C HIS D 197 18.25 -11.40 30.04
N ARG D 198 18.35 -10.60 31.11
CA ARG D 198 17.24 -9.86 31.75
C ARG D 198 16.19 -10.72 32.40
N ASP D 199 16.37 -12.03 32.44
CA ASP D 199 15.43 -12.92 33.11
C ASP D 199 16.14 -14.12 33.75
N VAL D 200 17.20 -13.82 34.53
CA VAL D 200 18.05 -14.78 35.22
C VAL D 200 17.30 -15.20 36.47
N LYS D 201 16.91 -16.49 36.52
CA LYS D 201 16.13 -17.11 37.61
C LYS D 201 16.32 -18.62 37.56
N PRO D 202 16.12 -19.30 38.70
CA PRO D 202 16.31 -20.77 38.72
C PRO D 202 15.43 -21.57 37.76
N ASP D 203 14.28 -21.02 37.33
CA ASP D 203 13.37 -21.69 36.41
C ASP D 203 14.00 -21.76 35.01
N ASN D 204 14.99 -20.86 34.77
CA ASN D 204 15.71 -20.73 33.50
C ASN D 204 17.09 -21.39 33.49
N MET D 205 17.38 -22.15 34.52
CA MET D 205 18.63 -22.86 34.71
C MET D 205 18.28 -24.34 34.71
N LEU D 206 18.67 -25.04 33.64
CA LEU D 206 18.34 -26.44 33.43
C LEU D 206 19.59 -27.29 33.64
N LEU D 207 19.42 -28.53 34.06
CA LEU D 207 20.54 -29.46 34.29
C LEU D 207 20.53 -30.56 33.26
N ASP D 208 21.72 -30.94 32.77
CA ASP D 208 21.85 -31.97 31.74
C ASP D 208 22.07 -33.34 32.37
N LYS D 209 22.19 -34.42 31.56
CA LYS D 209 22.39 -35.77 32.12
C LYS D 209 23.55 -35.88 33.13
N SER D 210 24.56 -35.03 33.00
CA SER D 210 25.75 -34.97 33.84
C SER D 210 25.61 -34.10 35.08
N GLY D 211 24.55 -33.29 35.11
CA GLY D 211 24.25 -32.40 36.22
C GLY D 211 24.83 -30.98 36.12
N HIS D 212 25.36 -30.62 34.93
CA HIS D 212 25.88 -29.28 34.67
C HIS D 212 24.77 -28.44 34.08
N LEU D 213 24.80 -27.16 34.43
CA LEU D 213 23.85 -26.12 34.10
C LEU D 213 23.95 -25.62 32.66
N LYS D 214 22.80 -25.20 32.13
CA LYS D 214 22.54 -24.59 30.84
C LYS D 214 21.43 -23.58 31.05
N LEU D 215 21.53 -22.42 30.41
CA LEU D 215 20.51 -21.39 30.51
C LEU D 215 19.47 -21.66 29.45
N ALA D 216 18.27 -21.18 29.69
CA ALA D 216 17.16 -21.26 28.77
C ALA D 216 16.37 -19.93 28.82
N ASP D 217 15.28 -19.85 28.06
CA ASP D 217 14.42 -18.67 27.99
C ASP D 217 15.19 -17.40 27.58
N PHE D 218 15.47 -17.30 26.29
CA PHE D 218 16.16 -16.13 25.77
C PHE D 218 15.15 -15.09 25.24
N GLY D 219 13.87 -15.26 25.63
CA GLY D 219 12.73 -14.43 25.26
C GLY D 219 12.76 -12.97 25.67
N THR D 220 13.66 -12.58 26.59
CA THR D 220 13.81 -11.19 27.06
C THR D 220 15.20 -10.66 26.69
N CYS D 221 16.04 -11.47 26.01
CA CYS D 221 17.39 -11.08 25.57
C CYS D 221 17.35 -9.88 24.66
N MET D 222 18.14 -8.87 25.03
CA MET D 222 18.28 -7.64 24.24
C MET D 222 19.73 -7.42 23.88
N LYS D 223 19.99 -7.03 22.62
CA LYS D 223 21.34 -6.76 22.09
C LYS D 223 21.86 -5.40 22.60
N MET D 224 23.05 -5.42 23.22
CA MET D 224 23.72 -4.23 23.76
C MET D 224 24.21 -3.34 22.60
N ASN D 225 24.42 -2.03 22.88
CA ASN D 225 24.91 -1.05 21.92
C ASN D 225 26.46 -0.95 22.01
N LYS D 226 27.06 0.06 21.33
CA LYS D 226 28.51 0.32 21.34
C LYS D 226 29.02 0.57 22.78
N GLU D 227 28.18 1.17 23.66
CA GLU D 227 28.48 1.46 25.07
C GLU D 227 28.11 0.26 26.00
N GLY D 228 27.69 -0.85 25.40
CA GLY D 228 27.25 -2.06 26.10
C GLY D 228 26.00 -1.84 26.93
N MET D 229 25.13 -0.95 26.44
CA MET D 229 23.91 -0.55 27.13
C MET D 229 22.66 -0.93 26.32
N VAL D 230 21.50 -0.74 26.93
CA VAL D 230 20.20 -1.06 26.37
C VAL D 230 19.17 0.01 26.75
N ARG D 231 18.39 0.50 25.75
CA ARG D 231 17.32 1.48 25.96
C ARG D 231 16.01 0.72 26.02
N CYS D 232 15.41 0.66 27.22
CA CYS D 232 14.13 -0.02 27.44
C CYS D 232 13.37 0.70 28.55
N ASP D 233 12.09 1.02 28.28
CA ASP D 233 11.23 1.72 29.23
C ASP D 233 10.20 0.79 29.89
N THR D 234 10.24 -0.51 29.54
CA THR D 234 9.36 -1.53 30.10
C THR D 234 10.09 -2.51 31.01
N ALA D 235 9.46 -2.82 32.17
CA ALA D 235 9.96 -3.78 33.16
C ALA D 235 9.93 -5.17 32.56
N VAL D 236 11.00 -5.92 32.78
CA VAL D 236 11.20 -7.23 32.19
C VAL D 236 11.77 -8.16 33.27
N GLY D 237 11.28 -9.40 33.28
CA GLY D 237 11.74 -10.39 34.24
C GLY D 237 10.71 -10.74 35.28
N THR D 238 11.13 -11.57 36.23
CA THR D 238 10.28 -12.07 37.30
C THR D 238 10.36 -11.15 38.53
N PRO D 239 9.19 -10.69 39.08
CA PRO D 239 9.20 -9.78 40.25
C PRO D 239 10.27 -9.94 41.34
N ASP D 240 10.63 -11.17 41.72
CA ASP D 240 11.61 -11.44 42.77
C ASP D 240 13.03 -11.19 42.35
N TYR D 241 13.37 -11.39 41.04
CA TYR D 241 14.73 -11.28 40.48
C TYR D 241 15.04 -10.00 39.76
N ILE D 242 14.02 -9.16 39.54
CA ILE D 242 14.10 -7.87 38.84
C ILE D 242 15.00 -6.88 39.59
N SER D 243 16.00 -6.31 38.89
CA SER D 243 16.95 -5.38 39.49
C SER D 243 16.31 -3.98 39.72
N PRO D 244 16.83 -3.10 40.63
CA PRO D 244 16.21 -1.77 40.79
C PRO D 244 16.16 -0.95 39.50
N GLU D 245 17.22 -1.01 38.65
CA GLU D 245 17.28 -0.25 37.40
C GLU D 245 16.24 -0.64 36.36
N VAL D 246 15.95 -1.95 36.22
CA VAL D 246 14.93 -2.46 35.29
C VAL D 246 13.54 -2.05 35.83
N LEU D 247 13.38 -1.97 37.17
CA LEU D 247 12.17 -1.54 37.83
C LEU D 247 11.92 -0.06 37.55
N LYS D 248 12.96 0.78 37.74
CA LYS D 248 12.91 2.23 37.51
C LYS D 248 12.66 2.63 36.04
N SER D 249 12.84 1.70 35.08
CA SER D 249 12.67 1.90 33.64
C SER D 249 11.22 1.72 33.16
N ASP D 253 12.10 6.44 31.97
CA ASP D 253 13.30 6.21 31.15
C ASP D 253 14.19 5.07 31.69
N GLY D 254 14.87 4.35 30.79
CA GLY D 254 15.74 3.24 31.15
C GLY D 254 16.90 3.01 30.19
N TYR D 255 18.13 3.15 30.72
CA TYR D 255 19.38 2.95 29.99
C TYR D 255 20.35 2.18 30.90
N TYR D 256 20.29 0.84 30.81
CA TYR D 256 21.09 -0.06 31.64
C TYR D 256 21.93 -1.06 30.84
N GLY D 257 22.93 -1.64 31.50
CA GLY D 257 23.84 -2.63 30.94
C GLY D 257 23.66 -4.01 31.53
N ARG D 258 24.68 -4.87 31.32
CA ARG D 258 24.75 -6.27 31.75
C ARG D 258 24.75 -6.50 33.28
N GLU D 259 24.88 -5.44 34.08
CA GLU D 259 24.90 -5.49 35.56
C GLU D 259 23.56 -5.95 36.16
N CYS D 260 22.42 -5.82 35.41
CA CYS D 260 21.13 -6.27 35.90
C CYS D 260 21.08 -7.79 36.06
N ASP D 261 21.87 -8.49 35.20
CA ASP D 261 22.04 -9.92 35.19
C ASP D 261 22.78 -10.36 36.45
N TRP D 262 23.74 -9.54 36.92
CA TRP D 262 24.52 -9.84 38.12
C TRP D 262 23.71 -9.64 39.39
N TRP D 263 22.76 -8.68 39.39
CA TRP D 263 21.87 -8.48 40.52
C TRP D 263 21.11 -9.80 40.75
N SER D 264 20.55 -10.36 39.67
CA SER D 264 19.76 -11.59 39.70
C SER D 264 20.51 -12.78 40.22
N VAL D 265 21.86 -12.84 39.97
CA VAL D 265 22.76 -13.90 40.48
C VAL D 265 22.80 -13.82 42.02
N GLY D 266 22.85 -12.59 42.56
CA GLY D 266 22.83 -12.36 44.01
C GLY D 266 21.51 -12.78 44.64
N VAL D 267 20.39 -12.69 43.88
CA VAL D 267 19.08 -13.11 44.37
C VAL D 267 19.08 -14.64 44.44
N PHE D 268 19.60 -15.26 43.35
CA PHE D 268 19.75 -16.70 43.18
C PHE D 268 20.61 -17.34 44.29
N LEU D 269 21.77 -16.70 44.65
CA LEU D 269 22.68 -17.17 45.68
C LEU D 269 21.98 -17.10 47.03
N TYR D 270 21.33 -15.94 47.33
CA TYR D 270 20.57 -15.75 48.57
C TYR D 270 19.51 -16.86 48.67
N GLU D 271 18.69 -17.03 47.61
CA GLU D 271 17.64 -18.03 47.61
C GLU D 271 18.11 -19.45 47.92
N MET D 272 19.22 -19.88 47.30
CA MET D 272 19.78 -21.22 47.51
C MET D 272 20.23 -21.45 48.95
N LEU D 273 20.93 -20.47 49.53
CA LEU D 273 21.47 -20.51 50.88
C LEU D 273 20.49 -20.21 51.98
N VAL D 274 19.49 -19.37 51.72
CA VAL D 274 18.47 -19.00 52.73
C VAL D 274 17.18 -19.88 52.61
N GLY D 275 16.75 -20.16 51.38
CA GLY D 275 15.55 -20.94 51.11
C GLY D 275 14.42 -20.05 50.66
N ASP D 276 14.67 -18.71 50.72
CA ASP D 276 13.76 -17.62 50.35
C ASP D 276 14.38 -16.63 49.43
N THR D 277 13.55 -15.94 48.63
CA THR D 277 14.02 -14.83 47.79
C THR D 277 14.23 -13.65 48.77
N PRO D 278 15.30 -12.81 48.61
CA PRO D 278 15.54 -11.72 49.57
C PRO D 278 14.47 -10.63 49.71
N PHE D 279 13.68 -10.39 48.64
CA PHE D 279 12.66 -9.34 48.64
C PHE D 279 11.25 -9.86 48.42
N TYR D 280 10.93 -11.00 49.05
CA TYR D 280 9.62 -11.65 48.97
C TYR D 280 8.51 -10.84 49.65
N ALA D 281 7.31 -10.83 48.99
CA ALA D 281 6.10 -10.16 49.46
C ALA D 281 4.82 -10.75 48.85
N ASP D 282 3.66 -10.42 49.48
CA ASP D 282 2.30 -10.84 49.12
C ASP D 282 1.85 -10.31 47.77
N SER D 283 2.65 -9.41 47.13
CA SER D 283 2.24 -8.70 45.91
C SER D 283 3.42 -8.18 45.10
N LEU D 284 3.15 -7.71 43.82
CA LEU D 284 4.13 -7.10 42.92
C LEU D 284 4.72 -5.90 43.64
N VAL D 285 3.85 -5.09 44.26
CA VAL D 285 4.29 -3.95 45.06
C VAL D 285 4.53 -4.49 46.47
N GLY D 286 5.65 -4.12 47.07
CA GLY D 286 6.07 -4.75 48.32
C GLY D 286 7.28 -5.59 47.97
N THR D 287 7.20 -6.34 46.85
CA THR D 287 8.36 -7.04 46.29
C THR D 287 9.19 -5.88 45.68
N TYR D 288 8.57 -5.07 44.79
CA TYR D 288 9.19 -3.89 44.17
C TYR D 288 9.67 -2.86 45.21
N SER D 289 8.89 -2.63 46.31
CA SER D 289 9.21 -1.73 47.41
C SER D 289 10.43 -2.22 48.19
N LYS D 290 10.51 -3.54 48.52
CA LYS D 290 11.65 -4.16 49.21
C LYS D 290 12.91 -4.18 48.31
N ILE D 291 12.73 -4.18 46.96
CA ILE D 291 13.84 -4.10 46.00
C ILE D 291 14.46 -2.67 46.03
N MET D 292 13.60 -1.62 45.95
CA MET D 292 14.03 -0.23 46.00
C MET D 292 14.88 -0.01 47.23
N ASN D 293 14.36 -0.43 48.39
CA ASN D 293 15.03 -0.28 49.68
C ASN D 293 15.80 -1.55 50.02
N HIS D 294 16.55 -2.11 49.03
CA HIS D 294 17.39 -3.33 49.22
C HIS D 294 18.36 -3.17 50.38
N LYS D 295 18.67 -1.91 50.74
CA LYS D 295 19.56 -1.56 51.82
C LYS D 295 18.97 -1.93 53.19
N ASN D 296 17.70 -1.53 53.47
CA ASN D 296 17.06 -1.83 54.77
C ASN D 296 16.38 -3.19 54.83
N SER D 297 15.85 -3.64 53.68
CA SER D 297 15.17 -4.93 53.49
C SER D 297 16.11 -6.15 53.47
N LEU D 298 17.33 -6.06 52.92
CA LEU D 298 18.25 -7.20 52.85
C LEU D 298 18.69 -7.61 54.25
N THR D 299 18.45 -8.88 54.59
CA THR D 299 18.78 -9.45 55.90
C THR D 299 19.01 -10.91 55.73
N PHE D 300 19.80 -11.43 56.65
CA PHE D 300 20.15 -12.83 56.67
C PHE D 300 19.68 -13.46 57.96
N PRO D 301 19.31 -14.76 57.94
CA PRO D 301 18.94 -15.43 59.19
C PRO D 301 20.05 -15.33 60.26
N ASP D 302 19.66 -15.29 61.57
CA ASP D 302 20.60 -15.19 62.67
C ASP D 302 21.22 -16.56 63.08
N ASP D 303 22.12 -17.06 62.20
CA ASP D 303 22.82 -18.33 62.34
C ASP D 303 24.17 -18.41 61.58
N ASN D 304 24.96 -19.43 61.93
CA ASN D 304 26.28 -19.71 61.37
C ASN D 304 26.21 -20.45 59.99
N ASP D 305 24.97 -20.70 59.49
CA ASP D 305 24.76 -21.47 58.27
C ASP D 305 25.31 -20.87 56.98
N ILE D 306 25.32 -19.54 56.87
CA ILE D 306 25.87 -18.85 55.71
C ILE D 306 27.19 -18.17 56.09
N SER D 307 28.26 -18.50 55.40
CA SER D 307 29.61 -17.94 55.60
C SER D 307 29.70 -16.43 55.32
N LYS D 308 30.77 -15.81 55.87
CA LYS D 308 31.11 -14.40 55.74
C LYS D 308 31.18 -14.02 54.25
N GLU D 309 31.96 -14.79 53.45
CA GLU D 309 32.19 -14.57 52.02
C GLU D 309 30.91 -14.68 51.17
N ALA D 310 29.99 -15.62 51.54
CA ALA D 310 28.70 -15.82 50.88
C ALA D 310 27.86 -14.58 51.03
N LYS D 311 27.70 -14.09 52.31
CA LYS D 311 26.99 -12.85 52.66
C LYS D 311 27.60 -11.64 51.90
N ASN D 312 28.95 -11.51 51.87
CA ASN D 312 29.62 -10.41 51.15
C ASN D 312 29.36 -10.47 49.65
N LEU D 313 29.35 -11.69 49.04
CA LEU D 313 29.07 -11.83 47.61
C LEU D 313 27.63 -11.38 47.33
N ILE D 314 26.65 -11.86 48.14
CA ILE D 314 25.25 -11.47 48.00
C ILE D 314 25.14 -9.95 48.01
N CYS D 315 25.67 -9.30 49.07
CA CYS D 315 25.69 -7.84 49.24
C CYS D 315 26.44 -7.10 48.10
N ALA D 316 27.59 -7.63 47.62
CA ALA D 316 28.34 -7.05 46.49
C ALA D 316 27.48 -7.06 45.19
N PHE D 317 26.54 -8.02 45.10
CA PHE D 317 25.61 -8.09 43.99
C PHE D 317 24.33 -7.30 44.31
N LEU D 318 23.81 -7.38 45.54
CA LEU D 318 22.57 -6.68 45.89
C LEU D 318 22.76 -5.25 46.36
N THR D 319 23.27 -4.40 45.43
CA THR D 319 23.53 -2.96 45.57
C THR D 319 23.10 -2.23 44.30
N ASP D 320 23.20 -0.89 44.27
CA ASP D 320 22.88 -0.12 43.08
C ASP D 320 24.00 -0.29 42.06
N ARG D 321 23.63 -0.30 40.76
CA ARG D 321 24.47 -0.57 39.58
C ARG D 321 25.89 0.02 39.52
N GLU D 322 26.09 1.26 40.03
CA GLU D 322 27.37 1.99 40.04
C GLU D 322 28.38 1.53 41.11
N VAL D 323 27.94 0.63 42.02
CA VAL D 323 28.74 0.09 43.14
C VAL D 323 28.70 -1.44 43.14
N ARG D 324 27.94 -2.03 42.17
CA ARG D 324 27.73 -3.47 42.04
C ARG D 324 28.92 -4.19 41.44
N LEU D 325 29.22 -5.38 42.01
CA LEU D 325 30.25 -6.30 41.53
C LEU D 325 29.85 -6.76 40.11
N GLY D 326 30.76 -6.57 39.15
CA GLY D 326 30.54 -6.90 37.75
C GLY D 326 30.40 -5.69 36.84
N ARG D 327 30.64 -4.48 37.41
CA ARG D 327 30.60 -3.20 36.69
C ARG D 327 31.97 -2.96 35.99
N ASN D 328 32.99 -3.74 36.42
CA ASN D 328 34.35 -3.72 35.90
C ASN D 328 34.68 -5.10 35.28
N GLY D 329 33.62 -5.80 34.82
CA GLY D 329 33.68 -7.12 34.20
C GLY D 329 33.54 -8.33 35.12
N VAL D 330 33.66 -9.55 34.52
CA VAL D 330 33.60 -10.89 35.18
C VAL D 330 34.76 -11.18 36.10
N GLU D 331 35.97 -10.76 35.72
CA GLU D 331 37.16 -11.05 36.52
C GLU D 331 37.03 -10.65 37.97
N GLU D 332 36.37 -9.50 38.26
CA GLU D 332 36.16 -9.11 39.66
C GLU D 332 35.18 -10.02 40.39
N ILE D 333 34.27 -10.70 39.64
CA ILE D 333 33.31 -11.67 40.22
C ILE D 333 34.09 -12.97 40.42
N LYS D 334 34.78 -13.45 39.34
CA LYS D 334 35.58 -14.67 39.36
C LYS D 334 36.59 -14.67 40.51
N ARG D 335 37.23 -13.51 40.79
CA ARG D 335 38.22 -13.32 41.87
C ARG D 335 37.61 -13.22 43.27
N HIS D 336 36.28 -13.15 43.43
CA HIS D 336 35.68 -13.05 44.78
C HIS D 336 36.05 -14.27 45.65
N LEU D 337 36.34 -14.02 46.94
CA LEU D 337 36.75 -15.04 47.92
C LEU D 337 35.76 -16.21 48.05
N PHE D 338 34.45 -15.95 47.90
CA PHE D 338 33.41 -16.98 47.93
C PHE D 338 33.74 -18.11 46.97
N PHE D 339 34.33 -17.78 45.80
CA PHE D 339 34.69 -18.80 44.82
C PHE D 339 35.96 -19.58 45.15
N LYS D 340 36.79 -19.13 46.13
CA LYS D 340 38.02 -19.85 46.51
C LYS D 340 37.63 -21.24 47.02
N ASN D 341 38.03 -22.27 46.25
CA ASN D 341 37.71 -23.67 46.54
C ASN D 341 38.77 -24.61 46.03
N ASP D 342 38.96 -25.68 46.78
CA ASP D 342 39.87 -26.75 46.47
C ASP D 342 39.02 -27.88 45.87
N GLN D 343 38.01 -27.53 45.04
CA GLN D 343 37.10 -28.47 44.40
C GLN D 343 36.92 -28.34 42.88
N TRP D 344 37.42 -27.21 42.28
CA TRP D 344 37.41 -26.86 40.86
C TRP D 344 38.15 -25.57 40.53
N ALA D 345 38.31 -25.31 39.21
CA ALA D 345 38.92 -24.12 38.62
C ALA D 345 37.90 -23.51 37.61
N TRP D 346 37.97 -22.18 37.36
CA TRP D 346 37.04 -21.55 36.43
C TRP D 346 37.09 -22.15 35.03
N GLU D 347 38.30 -22.38 34.51
CA GLU D 347 38.54 -22.90 33.17
C GLU D 347 38.24 -24.37 32.99
N THR D 348 38.05 -25.10 34.09
CA THR D 348 37.79 -26.53 34.02
C THR D 348 36.47 -26.94 34.69
N LEU D 349 35.71 -25.95 35.20
CA LEU D 349 34.44 -26.13 35.94
C LEU D 349 33.41 -27.05 35.30
N ARG D 350 33.19 -26.95 33.97
CA ARG D 350 32.21 -27.81 33.30
C ARG D 350 32.64 -29.25 33.07
N ASP D 351 33.90 -29.53 33.42
CA ASP D 351 34.50 -30.85 33.30
C ASP D 351 34.53 -31.54 34.66
N THR D 352 34.33 -30.79 35.78
CA THR D 352 34.31 -31.38 37.13
C THR D 352 33.04 -32.19 37.37
N VAL D 353 33.01 -32.97 38.44
CA VAL D 353 31.85 -33.78 38.76
C VAL D 353 30.83 -32.84 39.41
N ALA D 354 29.58 -32.85 38.91
CA ALA D 354 28.53 -31.95 39.41
C ALA D 354 28.05 -32.42 40.79
N PRO D 355 27.49 -31.52 41.64
CA PRO D 355 27.07 -31.91 42.98
C PRO D 355 25.95 -32.96 43.03
N VAL D 356 25.03 -32.88 42.06
CA VAL D 356 23.87 -33.74 41.93
C VAL D 356 23.88 -34.29 40.51
N VAL D 357 24.14 -35.58 40.39
CA VAL D 357 24.14 -36.22 39.08
C VAL D 357 22.78 -36.92 38.92
N PRO D 358 21.97 -36.53 37.91
CA PRO D 358 20.66 -37.17 37.72
C PRO D 358 20.71 -38.70 37.58
N ASP D 359 19.96 -39.39 38.46
CA ASP D 359 19.82 -40.85 38.48
C ASP D 359 18.52 -41.17 37.69
N LEU D 360 18.60 -41.13 36.36
CA LEU D 360 17.46 -41.34 35.45
C LEU D 360 17.35 -42.78 35.01
N SER D 361 16.11 -43.31 34.95
CA SER D 361 15.83 -44.68 34.53
C SER D 361 16.27 -44.94 33.09
N SER D 362 15.95 -43.99 32.18
CA SER D 362 16.31 -44.04 30.77
C SER D 362 16.59 -42.62 30.24
N ASP D 363 16.95 -42.51 28.95
CA ASP D 363 17.18 -41.23 28.27
C ASP D 363 15.85 -40.47 28.05
N ILE D 364 14.72 -41.20 28.17
CA ILE D 364 13.35 -40.70 28.00
C ILE D 364 12.62 -40.45 29.34
N ASP D 365 13.37 -40.53 30.47
CA ASP D 365 12.81 -40.32 31.82
C ASP D 365 12.52 -38.82 32.02
N THR D 366 11.25 -38.46 32.31
CA THR D 366 10.81 -37.07 32.50
C THR D 366 10.38 -36.74 33.94
N SER D 367 10.75 -37.61 34.89
CA SER D 367 10.42 -37.50 36.32
C SER D 367 10.91 -36.23 37.05
N ASN D 368 11.98 -35.55 36.57
CA ASN D 368 12.44 -34.32 37.22
C ASN D 368 11.60 -33.06 36.86
N PHE D 369 10.52 -33.25 36.05
CA PHE D 369 9.61 -32.20 35.59
C PHE D 369 8.17 -32.47 36.00
N ASP D 370 7.53 -31.47 36.65
CA ASP D 370 6.12 -31.57 37.04
C ASP D 370 5.20 -31.32 35.84
N ASP D 371 4.25 -32.24 35.58
CA ASP D 371 3.27 -32.13 34.51
C ASP D 371 2.19 -31.11 34.91
N LEU D 372 1.89 -30.12 34.01
CA LEU D 372 0.92 -29.03 34.25
C LEU D 372 -0.48 -29.19 33.61
N GLU D 373 -0.69 -30.23 32.78
CA GLU D 373 -1.96 -30.58 32.11
C GLU D 373 -2.47 -29.61 31.03
N GLU D 379 -5.63 -20.60 21.24
CA GLU D 379 -6.96 -20.92 20.69
C GLU D 379 -7.65 -19.78 19.92
N GLU D 380 -7.64 -18.54 20.45
CA GLU D 380 -8.25 -17.37 19.79
C GLU D 380 -7.40 -17.04 18.54
N THR D 381 -8.05 -16.78 17.37
CA THR D 381 -7.27 -16.58 16.13
C THR D 381 -7.57 -15.34 15.28
N PHE D 382 -6.70 -15.08 14.29
CA PHE D 382 -6.82 -13.96 13.37
C PHE D 382 -8.18 -13.93 12.69
N PRO D 383 -8.81 -12.73 12.55
CA PRO D 383 -10.08 -12.66 11.83
C PRO D 383 -9.88 -12.87 10.34
N ILE D 384 -10.95 -13.22 9.61
CA ILE D 384 -10.82 -13.43 8.17
C ILE D 384 -10.68 -12.07 7.47
N PRO D 385 -9.59 -11.88 6.71
CA PRO D 385 -9.37 -10.59 6.04
C PRO D 385 -10.29 -10.35 4.87
N LYS D 386 -10.59 -9.08 4.65
CA LYS D 386 -11.39 -8.67 3.50
C LYS D 386 -10.42 -8.09 2.48
N ALA D 387 -9.17 -7.87 2.90
CA ALA D 387 -8.07 -7.32 2.10
C ALA D 387 -6.75 -7.92 2.56
N PHE D 388 -5.67 -7.79 1.74
CA PHE D 388 -4.36 -8.30 2.13
C PHE D 388 -3.91 -7.57 3.39
N VAL D 389 -3.53 -8.34 4.43
CA VAL D 389 -3.07 -7.83 5.73
C VAL D 389 -1.63 -8.29 6.06
N GLY D 390 -1.24 -9.44 5.51
CA GLY D 390 0.11 -9.99 5.69
C GLY D 390 0.53 -10.43 7.10
N ASN D 391 -0.39 -11.09 7.85
CA ASN D 391 -0.13 -11.59 9.20
C ASN D 391 1.03 -12.55 9.35
N GLN D 392 1.40 -13.27 8.27
CA GLN D 392 2.51 -14.25 8.28
C GLN D 392 3.87 -13.62 8.03
N LEU D 393 3.89 -12.38 7.48
CA LEU D 393 5.10 -11.63 7.13
C LEU D 393 6.04 -11.41 8.31
N PRO D 394 5.60 -11.05 9.54
CA PRO D 394 6.59 -10.91 10.64
C PRO D 394 7.42 -12.16 10.97
N PHE D 395 6.97 -13.35 10.50
CA PHE D 395 7.51 -14.67 10.81
C PHE D 395 8.31 -15.38 9.69
N VAL D 396 8.29 -14.81 8.47
CA VAL D 396 9.04 -15.34 7.32
C VAL D 396 10.51 -15.37 7.74
N GLY D 397 11.14 -16.54 7.55
CA GLY D 397 12.55 -16.74 7.88
C GLY D 397 12.81 -17.42 9.20
N PHE D 398 11.75 -17.70 9.97
CA PHE D 398 11.87 -18.35 11.27
C PHE D 398 12.27 -19.82 11.16
N THR D 399 11.91 -20.50 10.07
CA THR D 399 12.26 -21.90 9.88
C THR D 399 13.78 -22.13 9.90
N TYR D 400 14.19 -23.14 10.72
CA TYR D 400 15.57 -23.55 10.87
C TYR D 400 15.66 -25.03 11.19
N TYR D 401 16.58 -25.74 10.49
CA TYR D 401 16.83 -27.15 10.69
C TYR D 401 18.32 -27.42 10.90
N SER D 402 18.66 -28.03 12.06
CA SER D 402 20.02 -28.41 12.43
C SER D 402 20.42 -29.58 11.59
N ASN D 403 21.71 -29.67 11.33
CA ASN D 403 22.29 -30.77 10.57
C ASN D 403 22.69 -31.93 11.51
N ARG D 404 22.45 -31.79 12.84
CA ARG D 404 22.79 -32.80 13.84
C ARG D 404 21.80 -33.96 13.81
C1 3J7 E . -12.43 22.69 -28.67
C2 3J7 E . -11.38 22.57 -29.58
C3 3J7 E . -11.79 20.74 -27.53
C11 3J7 E . -8.06 17.19 -27.84
C12 3J7 E . -5.88 16.21 -28.35
C13 3J7 E . -5.57 17.28 -29.27
C14 3J7 E . -4.26 16.98 -29.74
C15 3J7 E . -7.74 22.11 -32.02
C16 3J7 E . -7.72 21.31 -33.36
C17 3J7 E . -6.62 21.70 -34.35
C18 3J7 E . -7.64 19.80 -33.14
N1 3J7 E . -12.63 21.80 -27.65
C4 3J7 E . -10.67 20.52 -28.37
C5 3J7 E . -10.48 21.46 -29.44
C6 3J7 E . -9.34 21.23 -30.28
N2 3J7 E . -8.55 20.16 -30.04
C7 3J7 E . -8.79 19.34 -29.01
N3 3J7 E . -9.83 19.49 -28.16
C8 3J7 E . -7.82 18.24 -28.78
C9 3J7 E . -6.54 18.29 -29.47
C10 3J7 E . -7.10 16.17 -27.63
N4 3J7 E . -3.79 15.88 -29.21
N5 3J7 E . -4.75 15.42 -28.39
N6 3J7 E . -9.02 22.09 -31.34
N7 3J7 E . -8.96 21.59 -34.05
C1 3J7 F . -14.78 21.72 32.68
C2 3J7 F . -15.37 20.88 33.64
C3 3J7 F . -13.89 19.91 31.49
C11 3J7 F . -13.60 14.90 31.97
C12 3J7 F . -14.07 12.63 32.67
C13 3J7 F . -15.02 13.07 33.65
C14 3J7 F . -15.55 11.88 34.24
C15 3J7 F . -17.29 17.93 36.28
C16 3J7 F . -16.58 17.25 37.49
C17 3J7 F . -17.45 17.21 38.74
C18 3J7 F . -16.08 15.85 37.11
N1 3J7 F . -14.06 21.24 31.63
C4 3J7 F . -14.38 18.98 32.43
C5 3J7 F . -15.16 19.48 33.51
C6 3J7 F . -15.70 18.51 34.41
N2 3J7 F . -15.45 17.21 34.21
C7 3J7 F . -14.70 16.83 33.15
N3 3J7 F . -14.15 17.66 32.27
C8 3J7 F . -14.50 15.38 32.96
C9 3J7 F . -15.19 14.47 33.81
C10 3J7 F . -13.36 13.52 31.84
N4 3J7 F . -14.99 10.81 33.74
N5 3J7 F . -14.16 11.26 32.77
N6 3J7 F . -16.45 18.88 35.54
N7 3J7 F . -15.43 18.04 37.86
C1 3J7 G . 8.30 -13.39 -31.98
C2 3J7 G . 9.21 -13.00 -32.97
C3 3J7 G . 9.85 -14.83 -30.96
C11 3J7 G . 14.76 -16.27 -31.75
C12 3J7 G . 17.05 -16.03 -32.52
C13 3J7 G . 16.72 -14.92 -33.35
C14 3J7 G . 17.94 -14.50 -33.95
C15 3J7 G . 12.55 -11.57 -35.41
C16 3J7 G . 13.02 -12.04 -36.82
C17 3J7 G . 14.12 -11.16 -37.40
C18 3J7 G . 13.41 -13.52 -36.88
N1 3J7 G . 8.62 -14.29 -31.00
C4 3J7 G . 10.84 -14.52 -31.89
C5 3J7 G . 10.51 -13.57 -32.92
C6 3J7 G . 11.57 -13.22 -33.80
N2 3J7 G . 12.77 -13.80 -33.67
C7 3J7 G . 12.99 -14.67 -32.68
N3 3J7 G . 12.07 -15.06 -31.77
C8 3J7 G . 14.38 -15.18 -32.59
C9 3J7 G . 15.37 -14.50 -33.35
C10 3J7 G . 16.11 -16.69 -31.71
N4 3J7 G . 18.95 -15.22 -33.52
N5 3J7 G . 18.41 -16.13 -32.67
N6 3J7 G . 11.40 -12.30 -34.86
N7 3J7 G . 11.92 -11.86 -37.71
C1 3J7 H . 9.95 -19.74 29.01
C2 3J7 H . 9.88 -20.88 29.82
C3 3J7 H . 11.53 -20.72 27.60
C11 3J7 H . 14.18 -25.17 27.35
C12 3J7 H . 14.74 -27.50 27.74
C13 3J7 H . 13.71 -27.64 28.73
C14 3J7 H . 13.76 -28.99 29.16
C15 3J7 H . 9.86 -24.81 31.94
C16 3J7 H . 10.82 -25.12 33.13
C17 3J7 H . 10.29 -26.21 34.06
C18 3J7 H . 12.23 -25.46 32.63
N1 3J7 H . 10.75 -19.66 27.92
C4 3J7 H . 11.59 -21.91 28.35
C5 3J7 H . 10.73 -21.98 29.50
C6 3J7 H . 10.73 -23.23 30.18
N2 3J7 H . 11.53 -24.22 29.75
C7 3J7 H . 12.35 -24.06 28.72
N3 3J7 H . 12.39 -22.94 27.99
C8 3J7 H . 13.19 -25.23 28.35
C9 3J7 H . 12.95 -26.48 29.02
C10 3J7 H . 14.94 -26.31 27.01
N4 3J7 H . 14.68 -29.66 28.51
N5 3J7 H . 15.29 -28.76 27.68
N6 3J7 H . 9.97 -23.48 31.34
N7 3J7 H . 10.97 -23.95 33.95
#